data_7Q20
#
_entry.id   7Q20
#
_cell.length_a   107.594
_cell.length_b   86.950
_cell.length_c   110.196
_cell.angle_alpha   90.00
_cell.angle_beta   100.33
_cell.angle_gamma   90.00
#
_symmetry.space_group_name_H-M   'P 1 21 1'
#
loop_
_entity.id
_entity.type
_entity.pdbx_description
1 polymer 'Ruminococcus gnavus endogalactosidase GH98'
2 branched alpha-L-fucopyranose-(1-2)-[2-acetamido-2-deoxy-alpha-D-galactopyranose-(1-3)]beta-D-galactopyranose
3 non-polymer 'CALCIUM ION'
4 non-polymer 'MAGNESIUM ION'
5 non-polymer 'TRIETHYLENE GLYCOL'
6 water water
#
_entity_poly.entity_id   1
_entity_poly.type   'polypeptide(L)'
_entity_poly.pdbx_seq_one_letter_code
;KAPPLVNLAEEKDVKVTVGENMDLKNADLLTDGDKYYLQHDATGNKEGNNWENYQEQGTEVTSTAEGKNGVWVQVDLGAS
YPLEVINLKRQVYDGQATIGNGNPSGQGKRLKGTKISYKNTAIVIGNEEDLSDGQIVYYEGNPTLPDGVKQPENVSKPYE
EAMGGQWFYMDYANKNGLGATELGTTKEARYIRVYTENPKGAAVKFMELGIYGYENEQDVQSQDGPRRVIDNEHPMMIAT
AYSNDVYEIGQEEGPELQGSNTVDGRWNAIPDDLKENNVLLLHTNNLRQFAPDHIGQAYLQAFHEHGLQIAYEQGAPIML
LGLTAAATPENGGTQYNITADMDYGWLDLMYRMYPNMQGVFNTENFWAGIHPPCEGSAKMLEIADRFGGFFVWSDQDHGS
TVTNIVSNANMKKALEKHGDAFYLIYKNTSSNQPDDLKTSSFFQGSWLAGYTGGWGMLSDTWAWDKQFSKLWQGAGSYNN
WQRLCGEPEALLGMQMMSTYLGGGVIYTFEFPEIVYGTSNTNSPANTHVLTELFRYIVNHPAPSKKEIMEETKAVLYGNV
SSDFYSGLSGKPTGFQIYETGRYGIIPVIPTWGTRAEVTKKLIQEADKLGVTPPNVLDVKDKNLSGQAKQKYFKDLYPIE
YVGNAFADKWEGTWYLYNNKVNTNEKQHAILPLEGEEESARLKVEMEPHEFMIMNESGDGTAMDITLNNYRVNKDEIIFD
NKFGLTWTGDFSPGQTTINGKLSVYKYMDEYNVVNAPEGKLSPEDNELRTTTFELTKLAKEPKVQVVKGQQPDTDGQPQY
TEPKVEFNEETGKAVITIQTNGWVDLSITGLEFVYDENAQKIEDEP
;
_entity_poly.pdbx_strand_id   A,G
#
# COMPACT_ATOMS: atom_id res chain seq x y z
N ALA A 2 8.30 -5.92 20.45
CA ALA A 2 8.01 -6.57 21.76
C ALA A 2 7.58 -5.57 22.84
N PRO A 3 6.64 -5.96 23.73
CA PRO A 3 6.12 -5.04 24.74
C PRO A 3 7.17 -4.75 25.80
N PRO A 4 7.01 -3.69 26.61
CA PRO A 4 8.02 -3.32 27.60
C PRO A 4 8.23 -4.32 28.74
N LEU A 5 7.21 -5.08 29.15
CA LEU A 5 7.39 -6.11 30.19
C LEU A 5 7.87 -7.42 29.55
N VAL A 6 9.03 -7.91 29.99
CA VAL A 6 9.60 -9.13 29.45
C VAL A 6 10.00 -10.06 30.57
N ASN A 7 10.12 -11.34 30.23
CA ASN A 7 10.76 -12.30 31.11
C ASN A 7 12.28 -12.14 31.00
N LEU A 8 12.84 -11.30 31.88
CA LEU A 8 14.28 -11.02 31.93
C LEU A 8 15.11 -12.28 32.12
N ALA A 9 14.59 -13.25 32.89
CA ALA A 9 15.30 -14.51 33.14
C ALA A 9 15.55 -15.23 31.83
N GLU A 10 14.58 -15.12 30.91
CA GLU A 10 14.64 -15.75 29.60
C GLU A 10 15.44 -14.95 28.58
N GLU A 11 15.33 -13.62 28.61
CA GLU A 11 15.93 -12.75 27.59
C GLU A 11 17.40 -12.48 27.81
N LYS A 12 17.83 -12.40 29.08
CA LYS A 12 19.19 -12.00 29.40
C LYS A 12 20.08 -13.23 29.47
N ASP A 13 21.38 -13.00 29.33
CA ASP A 13 22.38 -14.05 29.45
C ASP A 13 22.65 -14.24 30.94
N VAL A 14 21.80 -15.02 31.62
CA VAL A 14 21.83 -15.14 33.07
C VAL A 14 22.91 -16.13 33.56
N LYS A 15 23.33 -15.94 34.81
CA LYS A 15 24.23 -16.87 35.50
C LYS A 15 23.48 -17.49 36.68
N VAL A 16 23.50 -18.82 36.77
CA VAL A 16 22.86 -19.56 37.83
C VAL A 16 23.89 -20.14 38.79
N THR A 17 23.67 -19.94 40.10
CA THR A 17 24.53 -20.46 41.15
C THR A 17 23.73 -21.09 42.26
N VAL A 18 24.43 -21.88 43.08
CA VAL A 18 23.89 -22.53 44.25
C VAL A 18 24.88 -22.30 45.41
N GLY A 19 24.41 -22.57 46.63
CA GLY A 19 25.21 -22.38 47.84
C GLY A 19 26.32 -23.43 47.93
N GLU A 20 27.25 -23.23 48.87
CA GLU A 20 28.25 -24.25 49.17
C GLU A 20 27.55 -25.53 49.69
N ASN A 21 28.16 -26.67 49.38
CA ASN A 21 27.61 -28.00 49.66
C ASN A 21 26.25 -28.22 48.98
N MET A 22 26.16 -27.79 47.71
CA MET A 22 25.04 -28.07 46.85
C MET A 22 25.57 -28.38 45.46
N ASP A 23 24.94 -29.36 44.79
CA ASP A 23 25.23 -29.73 43.41
C ASP A 23 24.17 -29.13 42.49
N LEU A 24 24.62 -28.57 41.35
CA LEU A 24 23.77 -27.95 40.34
C LEU A 24 23.80 -28.75 39.07
N LYS A 25 22.62 -29.12 38.55
CA LYS A 25 22.51 -29.93 37.35
C LYS A 25 21.50 -29.31 36.36
N ASN A 26 21.93 -29.16 35.10
CA ASN A 26 21.13 -28.63 34.01
C ASN A 26 20.46 -27.27 34.31
N ALA A 27 21.35 -26.31 34.63
CA ALA A 27 20.99 -24.93 34.95
C ALA A 27 20.10 -24.23 33.90
N ASP A 28 20.31 -24.55 32.62
CA ASP A 28 19.59 -23.88 31.52
C ASP A 28 18.09 -24.14 31.51
N LEU A 29 17.66 -25.23 32.15
CA LEU A 29 16.25 -25.57 32.23
C LEU A 29 15.45 -24.57 33.09
N LEU A 30 16.13 -23.87 34.01
CA LEU A 30 15.49 -22.90 34.92
C LEU A 30 14.82 -21.73 34.18
N THR A 31 15.44 -21.31 33.07
CA THR A 31 15.08 -20.09 32.38
C THR A 31 14.83 -20.29 30.89
N ASP A 32 14.32 -21.47 30.52
CA ASP A 32 14.07 -21.83 29.12
C ASP A 32 12.65 -21.50 28.60
N GLY A 33 11.80 -20.92 29.45
CA GLY A 33 10.43 -20.56 29.08
C GLY A 33 9.49 -21.76 29.00
N ASP A 34 9.98 -22.95 29.39
CA ASP A 34 9.21 -24.18 29.28
C ASP A 34 8.90 -24.66 30.70
N LYS A 35 7.60 -24.78 31.01
CA LYS A 35 7.11 -25.34 32.27
C LYS A 35 6.52 -26.73 32.20
N TYR A 36 6.42 -27.29 30.98
CA TYR A 36 5.60 -28.50 30.67
C TYR A 36 6.44 -29.64 30.05
N TYR A 37 7.46 -29.34 29.25
CA TYR A 37 8.40 -30.33 28.65
C TYR A 37 7.63 -31.35 27.80
N LEU A 38 6.68 -30.82 27.01
CA LEU A 38 5.95 -31.61 26.02
C LEU A 38 6.96 -32.04 24.94
N GLN A 39 6.76 -33.25 24.41
CA GLN A 39 7.68 -33.87 23.48
C GLN A 39 7.07 -34.18 22.10
N HIS A 40 5.74 -34.15 21.99
CA HIS A 40 5.07 -34.61 20.78
C HIS A 40 4.14 -33.53 20.19
N ASP A 41 4.58 -32.27 20.29
CA ASP A 41 3.88 -31.12 19.73
C ASP A 41 3.61 -31.29 18.22
N ALA A 42 4.54 -31.92 17.50
CA ALA A 42 4.46 -32.11 16.05
C ALA A 42 3.38 -33.12 15.60
N THR A 43 2.91 -33.96 16.53
CA THR A 43 1.84 -34.93 16.27
C THR A 43 0.63 -34.75 17.20
N GLY A 44 0.28 -33.49 17.48
CA GLY A 44 -0.91 -33.19 18.27
C GLY A 44 -0.82 -33.60 19.74
N ASN A 45 0.41 -33.73 20.23
CA ASN A 45 0.70 -34.14 21.62
C ASN A 45 0.16 -35.53 21.94
N LYS A 46 0.09 -36.37 20.89
CA LYS A 46 -0.25 -37.77 20.99
C LYS A 46 0.88 -38.63 20.41
N GLU A 47 1.10 -39.79 21.04
CA GLU A 47 1.91 -40.88 20.49
C GLU A 47 0.94 -42.04 20.34
N GLY A 48 0.66 -42.38 19.07
CA GLY A 48 -0.44 -43.26 18.74
C GLY A 48 -1.75 -42.52 18.92
N ASN A 49 -2.71 -43.18 19.57
CA ASN A 49 -4.00 -42.59 19.90
C ASN A 49 -4.09 -42.04 21.34
N ASN A 50 -2.94 -41.99 22.03
CA ASN A 50 -2.87 -41.62 23.46
C ASN A 50 -2.16 -40.29 23.68
N TRP A 51 -2.74 -39.45 24.54
CA TRP A 51 -2.09 -38.23 24.98
C TRP A 51 -0.73 -38.58 25.63
N GLU A 52 0.29 -37.76 25.34
CA GLU A 52 1.61 -37.99 25.92
C GLU A 52 1.57 -37.76 27.44
N ASN A 53 2.38 -38.52 28.17
CA ASN A 53 2.50 -38.37 29.61
C ASN A 53 3.15 -37.08 30.00
N TYR A 54 2.86 -36.65 31.23
CA TYR A 54 3.47 -35.49 31.91
C TYR A 54 4.79 -35.93 32.55
N GLN A 55 5.92 -35.49 31.96
CA GLN A 55 7.27 -35.88 32.38
C GLN A 55 8.03 -34.63 32.81
N GLU A 56 8.23 -34.49 34.12
CA GLU A 56 8.75 -33.26 34.73
C GLU A 56 10.28 -33.21 34.70
N GLN A 57 10.83 -32.22 33.98
CA GLN A 57 12.26 -31.98 33.89
C GLN A 57 12.51 -30.66 34.56
N GLY A 58 13.79 -30.41 34.90
CA GLY A 58 14.13 -29.12 35.48
C GLY A 58 15.50 -29.10 36.07
N THR A 59 15.89 -27.91 36.52
CA THR A 59 17.21 -27.69 37.12
C THR A 59 17.17 -28.34 38.50
N GLU A 60 18.08 -29.29 38.75
CA GLU A 60 18.14 -30.02 40.01
C GLU A 60 19.25 -29.47 40.89
N VAL A 61 18.88 -29.10 42.12
CA VAL A 61 19.82 -28.65 43.13
C VAL A 61 19.69 -29.63 44.27
N THR A 62 20.83 -30.15 44.71
CA THR A 62 20.89 -31.21 45.71
C THR A 62 21.84 -30.82 46.84
N SER A 63 21.34 -30.84 48.08
CA SER A 63 22.17 -30.63 49.25
C SER A 63 23.08 -31.82 49.47
N THR A 64 24.38 -31.55 49.70
CA THR A 64 25.36 -32.56 50.10
C THR A 64 25.85 -32.36 51.54
N ALA A 65 25.16 -31.50 52.30
CA ALA A 65 25.44 -31.29 53.71
C ALA A 65 24.54 -32.21 54.53
N GLU A 66 25.17 -33.06 55.35
CA GLU A 66 24.51 -34.08 56.16
C GLU A 66 23.46 -33.47 57.08
N GLY A 67 22.26 -34.07 57.09
CA GLY A 67 21.16 -33.64 57.93
C GLY A 67 20.62 -32.25 57.63
N LYS A 68 20.84 -31.76 56.42
CA LYS A 68 20.37 -30.44 56.03
C LYS A 68 19.93 -30.49 54.56
N ASN A 69 18.62 -30.61 54.34
CA ASN A 69 18.05 -30.83 53.02
C ASN A 69 17.72 -29.55 52.22
N GLY A 70 17.61 -28.41 52.91
CA GLY A 70 17.30 -27.13 52.29
C GLY A 70 18.33 -26.73 51.25
N VAL A 71 17.85 -26.26 50.08
CA VAL A 71 18.73 -25.77 49.01
C VAL A 71 18.35 -24.36 48.66
N TRP A 72 19.23 -23.70 47.89
CA TRP A 72 18.88 -22.49 47.15
C TRP A 72 19.49 -22.46 45.76
N VAL A 73 18.84 -21.70 44.88
CA VAL A 73 19.31 -21.43 43.53
C VAL A 73 19.22 -19.93 43.32
N GLN A 74 20.23 -19.35 42.68
CA GLN A 74 20.29 -17.89 42.46
C GLN A 74 20.55 -17.56 40.99
N VAL A 75 19.83 -16.54 40.50
CA VAL A 75 19.95 -16.06 39.13
C VAL A 75 20.51 -14.65 39.19
N ASP A 76 21.57 -14.42 38.41
CA ASP A 76 22.18 -13.11 38.19
C ASP A 76 21.74 -12.66 36.80
N LEU A 77 20.95 -11.59 36.72
CA LEU A 77 20.40 -11.07 35.47
C LEU A 77 21.46 -10.31 34.66
N GLY A 78 22.58 -9.97 35.30
CA GLY A 78 23.71 -9.29 34.66
C GLY A 78 23.73 -7.77 34.84
N ALA A 79 22.57 -7.20 35.16
CA ALA A 79 22.44 -5.80 35.53
C ALA A 79 21.23 -5.68 36.45
N SER A 80 21.03 -4.50 37.05
CA SER A 80 19.85 -4.22 37.90
C SER A 80 18.68 -3.70 37.07
N TYR A 81 17.54 -4.38 37.16
CA TYR A 81 16.30 -4.11 36.38
C TYR A 81 15.10 -3.98 37.32
N PRO A 82 14.11 -3.13 36.97
CA PRO A 82 12.84 -3.08 37.71
C PRO A 82 12.07 -4.39 37.52
N LEU A 83 11.81 -5.11 38.61
CA LEU A 83 11.10 -6.39 38.57
C LEU A 83 9.67 -6.17 39.08
N GLU A 84 8.71 -6.88 38.46
CA GLU A 84 7.30 -6.71 38.78
C GLU A 84 6.62 -8.02 39.21
N VAL A 85 6.96 -9.13 38.55
CA VAL A 85 6.33 -10.43 38.81
C VAL A 85 7.35 -11.57 38.79
N ILE A 86 7.16 -12.57 39.67
CA ILE A 86 7.99 -13.78 39.65
C ILE A 86 7.08 -14.99 39.61
N ASN A 87 7.46 -15.97 38.78
CA ASN A 87 6.72 -17.23 38.62
C ASN A 87 7.71 -18.35 38.90
N LEU A 88 7.46 -19.11 39.97
CA LEU A 88 8.28 -20.24 40.36
C LEU A 88 7.50 -21.52 40.19
N LYS A 89 8.07 -22.49 39.46
CA LYS A 89 7.48 -23.81 39.36
C LYS A 89 8.52 -24.85 39.66
N ARG A 90 8.20 -25.74 40.58
CA ARG A 90 9.01 -26.94 40.93
C ARG A 90 8.24 -28.18 40.51
N GLN A 91 8.88 -29.34 40.61
CA GLN A 91 8.24 -30.62 40.34
C GLN A 91 6.95 -30.69 41.15
N VAL A 92 5.84 -30.97 40.45
CA VAL A 92 4.51 -30.97 41.01
C VAL A 92 4.19 -32.27 41.72
N TYR A 93 4.51 -33.40 41.08
CA TYR A 93 4.06 -34.74 41.49
C TYR A 93 5.20 -35.52 42.15
N ASP A 94 4.87 -36.20 43.25
CA ASP A 94 5.72 -37.15 43.93
C ASP A 94 5.53 -38.44 43.14
N GLY A 95 6.56 -38.83 42.39
CA GLY A 95 6.46 -39.90 41.39
C GLY A 95 5.97 -39.33 40.06
N GLN A 96 5.39 -40.20 39.21
N GLN A 96 5.32 -40.19 39.27
CA GLN A 96 4.84 -39.77 37.92
CA GLN A 96 4.82 -39.87 37.94
C GLN A 96 3.32 -39.82 37.94
C GLN A 96 3.30 -39.83 37.97
N ALA A 97 2.70 -38.73 37.48
CA ALA A 97 1.24 -38.62 37.39
C ALA A 97 0.74 -39.48 36.25
N THR A 98 -0.48 -40.02 36.39
CA THR A 98 -1.13 -40.76 35.34
C THR A 98 -2.28 -39.96 34.74
N ILE A 99 -2.69 -40.33 33.52
CA ILE A 99 -3.79 -39.72 32.82
C ILE A 99 -5.05 -40.52 33.09
N GLY A 100 -6.02 -39.90 33.76
CA GLY A 100 -7.26 -40.54 34.15
C GLY A 100 -8.47 -39.78 33.67
N ASN A 101 -9.64 -40.22 34.14
CA ASN A 101 -10.93 -39.76 33.65
C ASN A 101 -11.24 -38.36 34.21
N GLY A 102 -11.81 -37.51 33.36
CA GLY A 102 -12.22 -36.18 33.75
C GLY A 102 -13.73 -36.03 33.64
N ASN A 103 -14.14 -34.88 33.08
CA ASN A 103 -15.52 -34.46 32.95
C ASN A 103 -15.63 -33.79 31.58
N PRO A 104 -16.48 -34.30 30.65
CA PRO A 104 -17.38 -35.42 30.91
C PRO A 104 -16.68 -36.80 30.92
N SER A 105 -17.26 -37.73 31.67
CA SER A 105 -16.72 -39.07 31.88
C SER A 105 -16.54 -39.76 30.52
N GLY A 106 -15.32 -40.26 30.27
CA GLY A 106 -15.00 -40.98 29.04
C GLY A 106 -14.44 -40.16 27.89
N GLN A 107 -14.48 -38.82 28.01
CA GLN A 107 -13.87 -37.92 27.04
C GLN A 107 -12.84 -36.99 27.65
N GLY A 108 -13.23 -36.26 28.70
CA GLY A 108 -12.30 -35.41 29.45
C GLY A 108 -11.18 -36.22 30.09
N LYS A 109 -9.96 -35.68 30.05
CA LYS A 109 -8.81 -36.28 30.72
C LYS A 109 -8.23 -35.30 31.73
N ARG A 110 -7.83 -35.84 32.89
CA ARG A 110 -7.17 -35.10 34.00
C ARG A 110 -6.00 -35.93 34.55
N LEU A 111 -4.91 -35.27 34.92
CA LEU A 111 -3.82 -35.89 35.62
C LEU A 111 -4.26 -36.30 37.03
N LYS A 112 -3.80 -37.48 37.46
CA LYS A 112 -4.00 -38.00 38.81
C LYS A 112 -2.63 -38.28 39.44
N GLY A 113 -2.55 -38.05 40.76
CA GLY A 113 -1.39 -38.42 41.56
C GLY A 113 -1.27 -37.54 42.79
N THR A 114 -0.18 -37.72 43.51
CA THR A 114 0.06 -37.04 44.76
C THR A 114 0.95 -35.84 44.49
N LYS A 115 0.46 -34.65 44.86
CA LYS A 115 1.19 -33.41 44.69
C LYS A 115 2.03 -33.06 45.91
N ILE A 116 3.19 -32.44 45.65
CA ILE A 116 4.12 -31.99 46.68
C ILE A 116 3.75 -30.60 47.19
N SER A 117 3.76 -30.43 48.51
CA SER A 117 3.74 -29.11 49.15
C SER A 117 5.12 -28.85 49.73
N TYR A 118 5.91 -28.00 49.06
CA TYR A 118 7.31 -27.68 49.48
C TYR A 118 7.26 -26.85 50.77
N LYS A 119 8.33 -26.91 51.57
CA LYS A 119 8.47 -26.08 52.76
C LYS A 119 9.73 -25.24 52.71
N ASN A 120 9.87 -24.34 53.68
CA ASN A 120 11.03 -23.46 53.80
C ASN A 120 11.38 -22.78 52.50
N THR A 121 10.34 -22.26 51.85
CA THR A 121 10.44 -21.53 50.62
C THR A 121 10.59 -20.04 50.93
N ALA A 122 11.56 -19.40 50.28
CA ALA A 122 11.72 -17.94 50.36
C ALA A 122 12.27 -17.40 49.05
N ILE A 123 11.93 -16.15 48.74
CA ILE A 123 12.46 -15.44 47.59
C ILE A 123 13.05 -14.11 48.06
N VAL A 124 14.33 -13.89 47.75
CA VAL A 124 15.06 -12.70 48.13
C VAL A 124 15.69 -12.13 46.87
N ILE A 125 15.58 -10.80 46.72
CA ILE A 125 16.13 -10.07 45.61
C ILE A 125 17.01 -8.93 46.12
N GLY A 126 17.96 -8.49 45.30
CA GLY A 126 18.87 -7.43 45.68
C GLY A 126 19.91 -7.10 44.63
N ASN A 127 20.83 -6.22 44.99
CA ASN A 127 21.86 -5.69 44.10
C ASN A 127 23.29 -5.95 44.55
N GLU A 128 23.44 -6.70 45.65
CA GLU A 128 24.74 -7.24 46.08
C GLU A 128 24.65 -8.76 45.83
N GLU A 129 25.72 -9.33 45.26
CA GLU A 129 25.75 -10.75 44.89
C GLU A 129 25.51 -11.69 46.09
N ASP A 130 25.96 -11.28 47.29
CA ASP A 130 25.71 -12.04 48.51
C ASP A 130 24.37 -11.70 49.18
N LEU A 131 23.62 -10.77 48.57
CA LEU A 131 22.32 -10.34 49.05
C LEU A 131 22.33 -9.82 50.49
N SER A 132 23.45 -9.21 50.90
CA SER A 132 23.52 -8.48 52.15
C SER A 132 22.57 -7.25 52.16
N ASP A 133 22.15 -6.79 50.97
CA ASP A 133 21.12 -5.74 50.78
C ASP A 133 19.74 -6.30 50.41
N GLY A 134 19.53 -7.60 50.68
CA GLY A 134 18.38 -8.33 50.16
C GLY A 134 17.04 -7.83 50.66
N GLN A 135 16.04 -7.89 49.77
CA GLN A 135 14.66 -7.57 50.11
C GLN A 135 13.86 -8.84 49.95
N ILE A 136 13.03 -9.14 50.95
CA ILE A 136 12.16 -10.32 50.90
C ILE A 136 10.93 -10.08 50.05
N VAL A 137 10.74 -10.93 49.03
CA VAL A 137 9.55 -11.01 48.21
C VAL A 137 8.52 -11.99 48.79
N TYR A 138 9.01 -13.12 49.30
CA TYR A 138 8.21 -14.25 49.86
C TYR A 138 9.03 -14.99 50.91
N TYR A 139 8.37 -15.49 51.95
CA TYR A 139 9.01 -16.19 53.07
C TYR A 139 8.02 -17.14 53.76
N GLU A 140 8.29 -18.44 53.70
CA GLU A 140 7.52 -19.44 54.36
C GLU A 140 8.47 -20.36 55.12
N GLY A 141 8.07 -20.75 56.33
CA GLY A 141 8.84 -21.66 57.17
C GLY A 141 9.94 -20.92 57.92
N ASN A 142 11.15 -21.49 57.95
CA ASN A 142 12.29 -20.86 58.61
C ASN A 142 13.65 -21.02 57.92
N PRO A 143 13.76 -20.84 56.59
CA PRO A 143 15.06 -20.94 55.93
C PRO A 143 15.96 -19.81 56.45
N THR A 144 17.26 -20.08 56.64
CA THR A 144 18.22 -19.08 57.06
C THR A 144 18.52 -18.09 55.93
N LEU A 145 18.14 -16.82 56.16
CA LEU A 145 18.33 -15.75 55.19
C LEU A 145 19.78 -15.29 55.11
N PRO A 146 20.16 -14.55 54.05
CA PRO A 146 21.50 -13.95 53.98
C PRO A 146 21.74 -12.99 55.16
N ASP A 147 22.98 -12.95 55.67
CA ASP A 147 23.39 -12.00 56.70
C ASP A 147 23.02 -10.61 56.25
N GLY A 148 22.36 -9.86 57.14
CA GLY A 148 21.89 -8.52 56.85
C GLY A 148 20.46 -8.40 56.35
N VAL A 149 19.75 -9.52 56.17
CA VAL A 149 18.35 -9.51 55.75
C VAL A 149 17.50 -9.95 56.93
N LYS A 150 16.58 -9.07 57.37
CA LYS A 150 15.82 -9.30 58.58
C LYS A 150 14.62 -10.22 58.33
N GLN A 151 14.34 -11.07 59.32
CA GLN A 151 13.16 -11.93 59.35
C GLN A 151 11.92 -11.07 59.22
N PRO A 152 10.93 -11.42 58.37
CA PRO A 152 9.70 -10.64 58.28
C PRO A 152 8.73 -10.99 59.41
N GLU A 153 7.89 -10.03 59.80
CA GLU A 153 6.88 -10.21 60.84
C GLU A 153 5.86 -11.30 60.48
N ASN A 154 5.31 -11.21 59.25
CA ASN A 154 4.33 -12.17 58.75
C ASN A 154 4.95 -13.18 57.81
N VAL A 155 4.75 -14.46 58.16
CA VAL A 155 5.38 -15.61 57.51
C VAL A 155 4.25 -16.38 56.87
N SER A 156 4.46 -16.86 55.63
CA SER A 156 3.45 -17.66 54.93
C SER A 156 3.53 -19.12 55.36
N LYS A 157 2.49 -19.88 55.02
CA LYS A 157 2.41 -21.31 55.25
C LYS A 157 2.58 -22.01 53.90
N PRO A 158 2.95 -23.31 53.86
CA PRO A 158 3.13 -24.03 52.61
C PRO A 158 1.86 -24.03 51.73
N TYR A 159 2.05 -24.09 50.41
CA TYR A 159 0.96 -24.27 49.42
C TYR A 159 1.24 -25.52 48.60
N GLU A 160 0.20 -26.06 47.95
CA GLU A 160 0.35 -27.21 47.07
C GLU A 160 0.93 -26.74 45.74
N GLU A 161 2.00 -27.40 45.24
CA GLU A 161 2.58 -27.04 43.95
C GLU A 161 1.52 -27.22 42.83
N ALA A 162 1.58 -26.35 41.82
CA ALA A 162 0.61 -26.36 40.73
C ALA A 162 1.24 -26.41 39.34
N MET A 163 0.43 -26.85 38.38
CA MET A 163 0.81 -26.94 36.97
C MET A 163 1.42 -25.66 36.41
N GLY A 164 0.89 -24.50 36.84
CA GLY A 164 1.39 -23.22 36.36
C GLY A 164 2.43 -22.54 37.25
N GLY A 165 2.78 -23.21 38.35
CA GLY A 165 3.66 -22.68 39.38
C GLY A 165 2.92 -21.68 40.27
N GLN A 166 3.68 -20.90 41.03
CA GLN A 166 3.15 -19.90 41.92
C GLN A 166 3.57 -18.52 41.38
N TRP A 167 2.79 -17.47 41.72
CA TRP A 167 3.01 -16.11 41.28
C TRP A 167 3.26 -15.16 42.47
N PHE A 168 4.34 -14.37 42.39
CA PHE A 168 4.71 -13.45 43.45
C PHE A 168 4.87 -12.06 42.89
N TYR A 169 4.57 -11.06 43.72
CA TYR A 169 4.60 -9.62 43.38
C TYR A 169 5.41 -8.88 44.44
N MET A 170 5.65 -7.59 44.21
CA MET A 170 6.60 -6.83 44.94
C MET A 170 6.08 -6.06 46.16
N ASP A 171 4.84 -6.37 46.61
CA ASP A 171 4.27 -5.74 47.80
C ASP A 171 4.06 -6.78 48.89
N TYR A 172 5.02 -6.85 49.82
CA TYR A 172 5.02 -7.86 50.92
C TYR A 172 3.76 -7.67 51.77
N ALA A 173 3.25 -6.45 51.91
CA ALA A 173 2.04 -6.22 52.70
C ALA A 173 0.74 -6.73 52.04
N ASN A 174 0.81 -7.02 50.73
CA ASN A 174 -0.32 -7.54 49.98
C ASN A 174 -0.22 -9.08 49.98
N LYS A 175 -0.84 -9.70 50.98
CA LYS A 175 -0.87 -11.15 51.18
C LYS A 175 0.53 -11.80 51.15
N ASN A 176 1.48 -11.16 51.84
CA ASN A 176 2.82 -11.72 52.06
C ASN A 176 3.54 -12.03 50.76
N GLY A 177 3.27 -11.22 49.73
CA GLY A 177 3.89 -11.35 48.43
C GLY A 177 3.12 -12.12 47.38
N LEU A 178 1.99 -12.73 47.77
CA LEU A 178 1.15 -13.50 46.83
C LEU A 178 0.05 -12.67 46.17
N GLY A 179 -0.17 -11.47 46.71
CA GLY A 179 -1.25 -10.60 46.29
C GLY A 179 -0.85 -9.73 45.11
N ALA A 180 -1.68 -9.77 44.06
CA ALA A 180 -1.43 -9.08 42.82
C ALA A 180 -1.49 -7.58 43.05
N THR A 181 -0.46 -6.88 42.55
CA THR A 181 -0.27 -5.45 42.70
C THR A 181 -0.82 -4.66 41.53
N GLU A 182 -0.92 -3.35 41.72
CA GLU A 182 -1.19 -2.39 40.65
C GLU A 182 -0.10 -2.48 39.56
N LEU A 183 -0.51 -2.32 38.29
CA LEU A 183 0.39 -2.34 37.15
C LEU A 183 1.58 -1.42 37.45
N GLY A 184 2.79 -1.92 37.22
CA GLY A 184 3.98 -1.13 37.40
C GLY A 184 4.54 -1.02 38.80
N THR A 185 4.08 -1.87 39.73
CA THR A 185 4.62 -1.93 41.08
C THR A 185 5.91 -2.78 41.02
N THR A 186 7.06 -2.12 41.08
CA THR A 186 8.35 -2.76 40.86
C THR A 186 9.36 -2.53 41.98
N LYS A 187 10.35 -3.41 42.04
CA LYS A 187 11.58 -3.22 42.81
C LYS A 187 12.78 -3.58 41.95
N GLU A 188 13.84 -2.77 42.05
CA GLU A 188 15.03 -2.87 41.22
C GLU A 188 16.00 -3.90 41.81
N ALA A 189 16.43 -4.88 41.00
CA ALA A 189 17.31 -5.94 41.45
C ALA A 189 18.07 -6.59 40.30
N ARG A 190 19.26 -7.12 40.61
CA ARG A 190 20.13 -7.87 39.68
C ARG A 190 20.13 -9.36 40.07
N TYR A 191 20.04 -9.66 41.36
CA TYR A 191 20.23 -11.02 41.92
C TYR A 191 18.90 -11.49 42.52
N ILE A 192 18.48 -12.70 42.17
CA ILE A 192 17.25 -13.30 42.67
C ILE A 192 17.59 -14.70 43.19
N ARG A 193 17.34 -14.93 44.48
CA ARG A 193 17.64 -16.21 45.18
C ARG A 193 16.33 -16.87 45.64
N VAL A 194 16.15 -18.15 45.32
CA VAL A 194 15.04 -18.94 45.76
C VAL A 194 15.51 -20.08 46.68
N TYR A 195 14.97 -20.10 47.91
CA TYR A 195 15.18 -21.16 48.92
C TYR A 195 14.05 -22.18 48.81
N THR A 196 14.35 -23.48 48.98
CA THR A 196 13.34 -24.51 49.03
C THR A 196 13.86 -25.76 49.73
N GLU A 197 12.99 -26.38 50.53
CA GLU A 197 13.24 -27.73 51.05
C GLU A 197 12.15 -28.69 50.56
N ASN A 198 12.58 -29.76 49.89
CA ASN A 198 11.71 -30.88 49.56
C ASN A 198 11.38 -31.62 50.86
N PRO A 199 10.08 -31.88 51.17
CA PRO A 199 9.73 -32.70 52.34
C PRO A 199 10.36 -34.10 52.34
N LYS A 200 10.62 -34.67 51.15
CA LYS A 200 11.31 -35.94 50.98
C LYS A 200 12.64 -35.72 50.29
N GLY A 201 13.73 -35.77 51.04
CA GLY A 201 15.05 -35.78 50.47
C GLY A 201 15.70 -34.44 50.20
N ALA A 202 16.90 -34.51 49.64
CA ALA A 202 17.89 -33.43 49.65
C ALA A 202 17.91 -32.64 48.35
N ALA A 203 17.00 -33.00 47.43
CA ALA A 203 17.01 -32.50 46.05
C ALA A 203 15.69 -31.83 45.73
N VAL A 204 15.77 -30.70 45.03
CA VAL A 204 14.62 -29.99 44.52
C VAL A 204 14.85 -29.81 43.03
N LYS A 205 13.82 -30.13 42.25
CA LYS A 205 13.79 -29.85 40.81
C LYS A 205 13.00 -28.57 40.54
N PHE A 206 13.71 -27.55 40.04
CA PHE A 206 13.14 -26.27 39.68
C PHE A 206 12.84 -26.27 38.17
N MET A 207 11.55 -26.34 37.82
CA MET A 207 11.15 -26.46 36.41
C MET A 207 11.23 -25.11 35.66
N GLU A 208 10.96 -24.01 36.38
CA GLU A 208 11.04 -22.67 35.79
C GLU A 208 11.09 -21.61 36.88
N LEU A 209 11.87 -20.56 36.62
CA LEU A 209 11.84 -19.33 37.36
C LEU A 209 11.74 -18.22 36.33
N GLY A 210 10.51 -17.69 36.18
CA GLY A 210 10.20 -16.54 35.36
C GLY A 210 10.36 -15.31 36.21
N ILE A 211 11.10 -14.33 35.69
CA ILE A 211 11.39 -13.09 36.37
C ILE A 211 11.06 -11.97 35.39
N TYR A 212 9.88 -11.37 35.58
CA TYR A 212 9.28 -10.39 34.64
C TYR A 212 9.58 -8.97 35.12
N GLY A 213 10.15 -8.16 34.23
CA GLY A 213 10.47 -6.80 34.52
C GLY A 213 10.73 -6.03 33.24
N TYR A 214 11.35 -4.88 33.42
CA TYR A 214 11.57 -3.87 32.36
C TYR A 214 13.07 -3.68 32.12
N GLU A 215 13.41 -3.22 30.91
CA GLU A 215 14.77 -2.84 30.59
C GLU A 215 15.29 -1.70 31.47
N ASN A 216 14.41 -0.77 31.84
CA ASN A 216 14.79 0.40 32.64
C ASN A 216 13.55 1.03 33.27
N GLU A 217 13.75 2.04 34.14
CA GLU A 217 12.62 2.67 34.84
C GLU A 217 11.65 3.43 33.90
N GLN A 218 12.18 3.96 32.80
CA GLN A 218 11.41 4.69 31.80
C GLN A 218 10.32 3.83 31.15
N ASP A 219 10.61 2.53 30.97
CA ASP A 219 9.67 1.58 30.39
C ASP A 219 8.60 1.06 31.36
N VAL A 220 8.77 1.30 32.67
CA VAL A 220 7.82 0.81 33.66
C VAL A 220 6.44 1.42 33.38
N GLN A 221 5.41 0.57 33.34
CA GLN A 221 4.04 0.97 32.99
C GLN A 221 3.27 1.54 34.19
N SER A 222 2.11 2.16 33.94
CA SER A 222 1.17 2.50 35.03
C SER A 222 -0.28 2.44 34.61
N GLN A 223 -1.15 2.34 35.62
CA GLN A 223 -2.59 2.24 35.49
C GLN A 223 -3.16 3.65 35.61
N ASP A 224 -3.40 4.29 34.46
CA ASP A 224 -3.79 5.70 34.42
C ASP A 224 -5.25 5.93 34.07
N GLY A 225 -6.02 4.85 33.89
CA GLY A 225 -7.43 4.90 33.53
C GLY A 225 -7.86 3.61 32.84
N PRO A 226 -9.10 3.53 32.32
CA PRO A 226 -9.55 2.31 31.65
C PRO A 226 -8.79 2.07 30.33
N ARG A 227 -8.70 0.80 29.92
CA ARG A 227 -8.09 0.42 28.63
C ARG A 227 -9.02 0.83 27.49
N ARG A 228 -10.33 0.77 27.68
CA ARG A 228 -11.31 1.32 26.70
C ARG A 228 -12.59 1.72 27.41
N VAL A 229 -13.34 2.63 26.80
CA VAL A 229 -14.67 2.96 27.22
C VAL A 229 -15.60 2.20 26.30
N ILE A 230 -16.62 1.57 26.89
CA ILE A 230 -17.73 0.95 26.16
C ILE A 230 -19.02 1.63 26.62
N ASP A 231 -19.58 2.47 25.74
CA ASP A 231 -20.85 3.15 26.02
C ASP A 231 -21.45 3.67 24.73
N ASN A 232 -22.58 4.40 24.82
CA ASN A 232 -23.29 4.84 23.64
C ASN A 232 -22.43 5.68 22.68
N GLU A 233 -21.51 6.47 23.26
CA GLU A 233 -20.57 7.29 22.48
C GLU A 233 -19.33 6.49 22.00
N HIS A 234 -19.12 5.29 22.57
CA HIS A 234 -17.99 4.41 22.23
C HIS A 234 -18.50 2.97 22.09
N PRO A 235 -19.30 2.67 21.05
CA PRO A 235 -19.80 1.31 20.85
C PRO A 235 -18.65 0.39 20.41
N MET A 236 -18.84 -0.91 20.54
CA MET A 236 -17.78 -1.87 20.29
C MET A 236 -18.32 -3.04 19.50
N MET A 237 -17.67 -3.32 18.36
CA MET A 237 -17.89 -4.54 17.60
C MET A 237 -16.84 -5.57 17.94
N ILE A 238 -17.27 -6.79 18.28
CA ILE A 238 -16.40 -7.93 18.58
C ILE A 238 -16.44 -8.84 17.36
N ALA A 239 -15.26 -9.26 16.90
CA ALA A 239 -15.17 -10.29 15.89
C ALA A 239 -14.40 -11.45 16.49
N THR A 240 -14.98 -12.65 16.39
CA THR A 240 -14.41 -13.86 16.95
C THR A 240 -13.41 -14.47 15.98
N ALA A 241 -12.17 -14.67 16.47
CA ALA A 241 -11.08 -15.32 15.77
C ALA A 241 -10.91 -16.73 16.36
N TYR A 242 -11.58 -17.69 15.73
CA TYR A 242 -11.57 -19.13 16.13
C TYR A 242 -10.27 -19.79 15.64
N SER A 243 -9.53 -20.44 16.53
CA SER A 243 -8.51 -21.39 16.10
C SER A 243 -9.15 -22.38 15.10
N ASN A 244 -8.39 -22.77 14.07
CA ASN A 244 -8.76 -23.89 13.21
C ASN A 244 -8.45 -25.24 13.84
N ASP A 245 -8.04 -25.22 15.12
CA ASP A 245 -7.74 -26.41 15.92
C ASP A 245 -6.39 -27.03 15.58
N VAL A 246 -5.58 -26.32 14.76
CA VAL A 246 -4.21 -26.74 14.46
C VAL A 246 -3.26 -25.74 15.09
N TYR A 247 -2.32 -26.23 15.90
CA TYR A 247 -1.23 -25.42 16.50
C TYR A 247 -0.13 -26.35 16.99
N GLU A 248 1.10 -25.86 16.94
CA GLU A 248 2.27 -26.56 17.40
C GLU A 248 3.15 -25.54 18.13
N ILE A 249 3.38 -25.79 19.42
CA ILE A 249 4.24 -24.91 20.23
C ILE A 249 5.58 -24.74 19.51
N GLY A 250 6.00 -23.48 19.36
CA GLY A 250 7.23 -23.12 18.69
C GLY A 250 7.14 -22.85 17.20
N GLN A 251 5.95 -23.07 16.59
CA GLN A 251 5.74 -22.76 15.18
C GLN A 251 6.05 -21.26 14.92
N GLU A 252 6.62 -20.97 13.75
CA GLU A 252 7.04 -19.61 13.38
C GLU A 252 5.85 -18.72 13.01
N GLU A 253 4.92 -19.28 12.24
CA GLU A 253 3.75 -18.55 11.74
C GLU A 253 2.72 -18.40 12.85
N GLY A 254 1.93 -17.32 12.77
CA GLY A 254 0.89 -17.06 13.72
C GLY A 254 -0.16 -18.17 13.68
N PRO A 255 -1.04 -18.30 14.70
CA PRO A 255 -2.04 -19.36 14.71
C PRO A 255 -3.04 -19.18 13.55
N GLU A 256 -3.33 -20.28 12.85
CA GLU A 256 -4.32 -20.32 11.81
C GLU A 256 -5.70 -20.23 12.46
N LEU A 257 -6.57 -19.42 11.86
CA LEU A 257 -7.94 -19.29 12.28
C LEU A 257 -8.83 -20.00 11.25
N GLN A 258 -10.07 -20.27 11.64
CA GLN A 258 -11.06 -20.78 10.71
C GLN A 258 -11.05 -19.96 9.42
N GLY A 259 -11.24 -20.63 8.28
CA GLY A 259 -11.46 -19.97 7.01
C GLY A 259 -10.25 -19.25 6.45
N SER A 260 -9.06 -19.82 6.71
CA SER A 260 -7.78 -19.30 6.26
C SER A 260 -7.58 -17.86 6.71
N ASN A 261 -8.09 -17.52 7.89
CA ASN A 261 -7.92 -16.18 8.42
C ASN A 261 -6.71 -16.16 9.34
N THR A 262 -6.19 -14.96 9.58
CA THR A 262 -5.15 -14.73 10.58
C THR A 262 -5.52 -13.53 11.45
N VAL A 263 -4.90 -13.46 12.63
CA VAL A 263 -5.19 -12.41 13.60
C VAL A 263 -4.89 -11.04 12.97
N ASP A 264 -3.67 -10.91 12.39
CA ASP A 264 -3.25 -9.68 11.73
C ASP A 264 -4.09 -9.37 10.47
N GLY A 265 -4.45 -10.42 9.73
CA GLY A 265 -5.26 -10.30 8.54
C GLY A 265 -6.68 -9.81 8.81
N ARG A 266 -7.33 -10.34 9.85
CA ARG A 266 -8.69 -9.87 10.27
C ARG A 266 -8.61 -8.41 10.69
N TRP A 267 -7.56 -8.01 11.41
CA TRP A 267 -7.44 -6.64 11.88
C TRP A 267 -7.29 -5.69 10.69
N ASN A 268 -6.42 -6.05 9.75
CA ASN A 268 -6.15 -5.18 8.63
C ASN A 268 -7.27 -5.10 7.59
N ALA A 269 -8.21 -6.06 7.64
CA ALA A 269 -9.39 -5.99 6.78
C ALA A 269 -10.42 -4.95 7.26
N ILE A 270 -10.34 -4.53 8.52
CA ILE A 270 -11.30 -3.60 9.09
C ILE A 270 -11.05 -2.21 8.52
N PRO A 271 -12.07 -1.50 8.00
CA PRO A 271 -11.89 -0.12 7.52
C PRO A 271 -11.24 0.75 8.60
N ASP A 272 -10.23 1.54 8.20
CA ASP A 272 -9.43 2.33 9.13
C ASP A 272 -10.26 3.18 10.11
N ASP A 273 -11.35 3.80 9.62
CA ASP A 273 -12.16 4.67 10.45
C ASP A 273 -12.98 3.92 11.52
N LEU A 274 -13.07 2.60 11.41
CA LEU A 274 -13.80 1.75 12.36
C LEU A 274 -12.92 0.96 13.34
N LYS A 275 -11.60 1.00 13.16
CA LYS A 275 -10.67 0.22 13.97
C LYS A 275 -10.79 0.54 15.45
N GLU A 276 -11.00 1.83 15.77
CA GLU A 276 -11.09 2.28 17.16
C GLU A 276 -12.32 1.75 17.90
N ASN A 277 -13.31 1.26 17.15
CA ASN A 277 -14.52 0.68 17.71
C ASN A 277 -14.63 -0.85 17.52
N ASN A 278 -13.51 -1.50 17.22
CA ASN A 278 -13.42 -2.95 17.03
C ASN A 278 -12.44 -3.63 18.00
N VAL A 279 -12.76 -4.87 18.35
CA VAL A 279 -11.86 -5.75 19.10
C VAL A 279 -11.92 -7.15 18.53
N LEU A 280 -10.81 -7.88 18.62
CA LEU A 280 -10.76 -9.28 18.22
C LEU A 280 -10.78 -10.17 19.45
N LEU A 281 -11.66 -11.18 19.42
CA LEU A 281 -11.81 -12.18 20.46
C LEU A 281 -11.08 -13.45 20.02
N LEU A 282 -10.04 -13.82 20.78
CA LEU A 282 -9.28 -15.05 20.53
C LEU A 282 -10.05 -16.17 21.17
N HIS A 283 -10.44 -17.15 20.37
CA HIS A 283 -11.28 -18.27 20.82
C HIS A 283 -10.55 -19.58 20.48
N THR A 284 -10.33 -20.41 21.51
CA THR A 284 -9.56 -21.65 21.39
C THR A 284 -10.31 -22.74 20.63
N ASN A 285 -11.62 -22.58 20.50
CA ASN A 285 -12.42 -23.49 19.68
C ASN A 285 -12.18 -24.89 20.24
N ASN A 286 -11.87 -25.87 19.39
CA ASN A 286 -11.64 -27.25 19.82
C ASN A 286 -10.15 -27.65 19.84
N LEU A 287 -9.27 -26.64 19.94
CA LEU A 287 -7.84 -26.86 20.07
C LEU A 287 -7.55 -27.72 21.29
N ARG A 288 -6.89 -28.86 21.07
CA ARG A 288 -6.49 -29.86 22.10
C ARG A 288 -7.67 -30.20 23.02
N GLN A 289 -8.89 -30.31 22.48
CA GLN A 289 -10.09 -30.53 23.30
C GLN A 289 -9.94 -31.81 24.10
N PHE A 290 -10.32 -31.76 25.38
CA PHE A 290 -10.29 -32.89 26.34
C PHE A 290 -8.90 -33.24 26.91
N ALA A 291 -7.89 -32.48 26.50
CA ALA A 291 -6.51 -32.78 26.87
C ALA A 291 -6.26 -32.71 28.38
N PRO A 292 -5.33 -33.53 28.90
CA PRO A 292 -4.95 -33.45 30.31
C PRO A 292 -4.19 -32.16 30.65
N ASP A 293 -3.98 -31.91 31.94
CA ASP A 293 -3.63 -30.60 32.49
C ASP A 293 -2.41 -29.94 31.81
N HIS A 294 -1.36 -30.73 31.60
CA HIS A 294 -0.10 -30.21 31.08
C HIS A 294 -0.22 -29.76 29.62
N ILE A 295 -0.94 -30.53 28.81
CA ILE A 295 -1.16 -30.20 27.40
C ILE A 295 -2.15 -29.04 27.25
N GLY A 296 -3.25 -29.09 28.01
CA GLY A 296 -4.25 -28.04 28.02
C GLY A 296 -3.70 -26.68 28.38
N GLN A 297 -2.96 -26.61 29.50
CA GLN A 297 -2.43 -25.33 29.97
C GLN A 297 -1.38 -24.78 29.00
N ALA A 298 -0.50 -25.64 28.51
CA ALA A 298 0.54 -25.23 27.58
C ALA A 298 -0.05 -24.60 26.32
N TYR A 299 -1.12 -25.20 25.79
CA TYR A 299 -1.78 -24.78 24.52
C TYR A 299 -2.69 -23.58 24.75
N LEU A 300 -3.40 -23.50 25.87
CA LEU A 300 -4.19 -22.33 26.19
C LEU A 300 -3.26 -21.12 26.18
N GLN A 301 -2.15 -21.24 26.89
CA GLN A 301 -1.20 -20.14 27.04
C GLN A 301 -0.48 -19.79 25.74
N ALA A 302 0.00 -20.79 25.01
CA ALA A 302 0.76 -20.54 23.77
C ALA A 302 -0.13 -19.89 22.70
N PHE A 303 -1.33 -20.43 22.52
CA PHE A 303 -2.28 -19.89 21.52
C PHE A 303 -2.61 -18.42 21.80
N HIS A 304 -3.05 -18.11 23.03
CA HIS A 304 -3.37 -16.73 23.41
C HIS A 304 -2.18 -15.77 23.37
N GLU A 305 -1.03 -16.20 23.90
CA GLU A 305 0.16 -15.37 23.82
C GLU A 305 0.53 -15.05 22.40
N HIS A 306 0.45 -16.06 21.51
CA HIS A 306 0.89 -15.88 20.15
C HIS A 306 -0.05 -14.85 19.46
N GLY A 307 -1.36 -15.03 19.62
CA GLY A 307 -2.36 -14.09 19.13
C GLY A 307 -2.19 -12.68 19.65
N LEU A 308 -1.95 -12.57 20.97
CA LEU A 308 -1.71 -11.28 21.62
C LEU A 308 -0.51 -10.55 21.03
N GLN A 309 0.57 -11.30 20.77
CA GLN A 309 1.80 -10.72 20.23
C GLN A 309 1.56 -10.18 18.82
N ILE A 310 0.92 -10.99 17.97
CA ILE A 310 0.64 -10.58 16.60
C ILE A 310 -0.25 -9.35 16.63
N ALA A 311 -1.26 -9.37 17.51
CA ALA A 311 -2.19 -8.27 17.65
C ALA A 311 -1.43 -7.02 18.09
N TYR A 312 -0.53 -7.19 19.08
CA TYR A 312 0.30 -6.10 19.64
C TYR A 312 1.06 -5.40 18.51
N GLU A 313 1.69 -6.17 17.63
CA GLU A 313 2.47 -5.61 16.54
C GLU A 313 1.60 -4.82 15.56
N GLN A 314 0.32 -5.21 15.41
CA GLN A 314 -0.63 -4.53 14.53
C GLN A 314 -1.44 -3.41 15.19
N GLY A 315 -1.34 -3.30 16.52
CA GLY A 315 -2.08 -2.32 17.30
C GLY A 315 -3.51 -2.73 17.52
N ALA A 316 -3.79 -4.03 17.49
CA ALA A 316 -5.15 -4.57 17.62
C ALA A 316 -5.48 -4.90 19.07
N PRO A 317 -6.55 -4.31 19.65
CA PRO A 317 -7.04 -4.71 20.97
C PRO A 317 -7.69 -6.09 20.96
N ILE A 318 -7.58 -6.80 22.09
CA ILE A 318 -7.87 -8.21 22.17
C ILE A 318 -8.73 -8.51 23.37
N MET A 319 -9.67 -9.43 23.16
CA MET A 319 -10.34 -10.16 24.24
C MET A 319 -9.89 -11.60 24.14
N LEU A 320 -9.80 -12.27 25.28
CA LEU A 320 -9.61 -13.71 25.34
C LEU A 320 -10.90 -14.41 25.80
N LEU A 321 -11.18 -15.57 25.21
CA LEU A 321 -12.17 -16.52 25.74
C LEU A 321 -11.65 -17.06 27.06
N GLY A 322 -12.38 -16.77 28.14
CA GLY A 322 -11.99 -17.18 29.48
C GLY A 322 -12.70 -18.45 29.91
N LEU A 323 -13.93 -18.62 29.44
CA LEU A 323 -14.76 -19.70 29.92
C LEU A 323 -15.88 -20.01 28.95
N THR A 324 -15.96 -21.27 28.52
CA THR A 324 -17.10 -21.78 27.77
C THR A 324 -17.31 -23.23 28.19
N ALA A 325 -18.54 -23.71 28.02
CA ALA A 325 -18.90 -25.11 28.29
C ALA A 325 -18.55 -25.60 29.71
N ALA A 326 -18.55 -24.66 30.67
CA ALA A 326 -18.24 -24.87 32.08
C ALA A 326 -16.83 -25.48 32.25
N ALA A 327 -15.98 -25.19 31.26
CA ALA A 327 -14.62 -25.65 31.23
C ALA A 327 -13.79 -24.63 31.98
N THR A 328 -13.54 -24.92 33.27
CA THR A 328 -12.82 -24.04 34.17
C THR A 328 -11.98 -24.88 35.13
N PRO A 329 -10.85 -24.34 35.66
CA PRO A 329 -10.08 -25.05 36.67
C PRO A 329 -10.77 -25.11 38.05
N GLU A 330 -11.84 -24.35 38.26
CA GLU A 330 -12.57 -24.40 39.52
C GLU A 330 -13.13 -25.82 39.70
N ASN A 331 -13.33 -26.22 40.96
CA ASN A 331 -13.86 -27.52 41.29
C ASN A 331 -15.16 -27.77 40.55
N GLY A 332 -15.26 -28.94 39.89
CA GLY A 332 -16.44 -29.37 39.17
C GLY A 332 -16.45 -28.95 37.71
N GLY A 333 -15.40 -28.25 37.27
CA GLY A 333 -15.28 -27.82 35.90
C GLY A 333 -15.18 -28.98 34.92
N THR A 334 -15.50 -28.72 33.65
CA THR A 334 -15.36 -29.70 32.60
C THR A 334 -14.05 -29.45 31.89
N GLN A 335 -13.73 -30.34 30.95
CA GLN A 335 -12.65 -30.15 30.00
C GLN A 335 -13.16 -30.10 28.55
N TYR A 336 -14.35 -29.52 28.33
CA TYR A 336 -14.93 -29.30 26.97
C TYR A 336 -14.08 -28.31 26.18
N ASN A 337 -13.20 -27.55 26.86
CA ASN A 337 -12.34 -26.58 26.26
C ASN A 337 -11.09 -26.44 27.11
N ILE A 338 -9.99 -26.02 26.49
CA ILE A 338 -8.74 -25.83 27.22
C ILE A 338 -8.75 -24.65 28.18
N THR A 339 -9.85 -23.89 28.21
CA THR A 339 -10.08 -22.94 29.28
C THR A 339 -10.12 -23.63 30.65
N ALA A 340 -10.34 -24.95 30.65
CA ALA A 340 -10.26 -25.78 31.86
C ALA A 340 -8.94 -25.58 32.60
N ASP A 341 -7.89 -25.16 31.87
CA ASP A 341 -6.53 -25.15 32.41
C ASP A 341 -5.99 -23.73 32.63
N MET A 342 -6.92 -22.77 32.72
CA MET A 342 -6.58 -21.37 33.01
C MET A 342 -5.82 -21.27 34.35
N ASP A 343 -4.75 -20.46 34.33
CA ASP A 343 -3.97 -20.06 35.50
C ASP A 343 -4.21 -18.56 35.65
N TYR A 344 -4.80 -18.15 36.77
CA TYR A 344 -5.22 -16.74 37.01
C TYR A 344 -3.98 -15.84 37.12
N GLY A 345 -2.84 -16.40 37.54
CA GLY A 345 -1.56 -15.71 37.53
C GLY A 345 -1.08 -15.38 36.14
N TRP A 346 -1.30 -16.31 35.20
CA TRP A 346 -1.00 -16.10 33.80
C TRP A 346 -1.93 -15.02 33.20
N LEU A 347 -3.21 -15.06 33.59
CA LEU A 347 -4.18 -14.09 33.04
C LEU A 347 -3.78 -12.69 33.44
N ASP A 348 -3.42 -12.53 34.72
CA ASP A 348 -2.87 -11.27 35.23
C ASP A 348 -1.62 -10.82 34.44
N LEU A 349 -0.70 -11.77 34.21
CA LEU A 349 0.51 -11.50 33.44
C LEU A 349 0.20 -10.96 32.04
N MET A 350 -0.82 -11.53 31.38
CA MET A 350 -1.21 -11.10 30.03
C MET A 350 -1.63 -9.63 29.98
N TYR A 351 -2.38 -9.19 31.00
CA TYR A 351 -2.76 -7.75 31.13
C TYR A 351 -1.49 -6.91 31.34
N ARG A 352 -0.53 -7.36 32.18
CA ARG A 352 0.71 -6.58 32.45
C ARG A 352 1.60 -6.55 31.20
N MET A 353 1.69 -7.67 30.47
CA MET A 353 2.62 -7.78 29.36
C MET A 353 2.11 -7.12 28.09
N TYR A 354 0.82 -7.23 27.82
CA TYR A 354 0.20 -6.79 26.54
C TYR A 354 -0.73 -5.61 26.83
N PRO A 355 -0.31 -4.36 26.53
CA PRO A 355 -1.17 -3.18 26.70
C PRO A 355 -2.47 -3.28 25.88
N ASN A 356 -2.46 -4.07 24.81
CA ASN A 356 -3.63 -4.30 23.96
C ASN A 356 -4.59 -5.38 24.45
N MET A 357 -4.23 -6.09 25.52
CA MET A 357 -5.11 -7.00 26.18
C MET A 357 -6.16 -6.20 26.91
N GLN A 358 -7.44 -6.42 26.60
CA GLN A 358 -8.54 -5.63 27.19
C GLN A 358 -9.58 -6.41 27.95
N GLY A 359 -10.06 -7.50 27.35
CA GLY A 359 -11.25 -8.16 27.87
C GLY A 359 -11.21 -9.67 27.96
N VAL A 360 -12.16 -10.18 28.75
CA VAL A 360 -12.46 -11.61 28.90
C VAL A 360 -13.91 -11.88 28.45
N PHE A 361 -14.09 -12.97 27.69
CA PHE A 361 -15.36 -13.39 27.13
C PHE A 361 -15.79 -14.73 27.70
N ASN A 362 -17.08 -14.85 28.03
CA ASN A 362 -17.69 -16.07 28.58
C ASN A 362 -19.00 -16.33 27.83
N THR A 363 -19.25 -17.60 27.48
CA THR A 363 -20.50 -17.98 26.84
C THR A 363 -20.78 -19.47 26.95
N GLU A 364 -22.08 -19.80 26.93
CA GLU A 364 -22.56 -21.16 26.75
C GLU A 364 -21.98 -22.10 27.80
N ASN A 365 -22.23 -21.79 29.08
CA ASN A 365 -21.75 -22.59 30.19
C ASN A 365 -22.80 -23.45 30.88
N PHE A 366 -24.00 -22.89 31.07
CA PHE A 366 -24.99 -23.47 31.98
C PHE A 366 -25.63 -24.79 31.56
N TRP A 367 -25.56 -25.15 30.29
CA TRP A 367 -25.96 -26.47 29.85
C TRP A 367 -25.05 -27.56 30.48
N ALA A 368 -23.83 -27.17 30.87
CA ALA A 368 -22.80 -28.12 31.36
C ALA A 368 -22.47 -28.04 32.85
N GLY A 369 -22.73 -26.89 33.47
CA GLY A 369 -22.52 -26.69 34.89
C GLY A 369 -22.89 -25.26 35.25
N ILE A 370 -23.20 -25.06 36.54
CA ILE A 370 -23.67 -23.79 37.05
C ILE A 370 -22.62 -23.03 37.88
N HIS A 371 -22.23 -23.59 39.02
CA HIS A 371 -21.39 -22.88 39.96
C HIS A 371 -19.91 -22.76 39.55
N PRO A 372 -19.26 -23.82 39.00
CA PRO A 372 -17.89 -23.67 38.53
C PRO A 372 -17.70 -22.48 37.58
N PRO A 373 -18.50 -22.30 36.51
CA PRO A 373 -18.31 -21.13 35.65
C PRO A 373 -18.59 -19.79 36.36
N CYS A 374 -19.50 -19.76 37.34
CA CYS A 374 -19.68 -18.57 38.14
C CYS A 374 -18.45 -18.22 38.99
N GLU A 375 -17.90 -19.23 39.69
CA GLU A 375 -16.70 -19.05 40.52
C GLU A 375 -15.54 -18.50 39.70
N GLY A 376 -15.34 -19.07 38.50
CA GLY A 376 -14.25 -18.68 37.63
C GLY A 376 -14.44 -17.28 37.07
N SER A 377 -15.68 -16.96 36.67
CA SER A 377 -16.00 -15.64 36.14
C SER A 377 -15.80 -14.56 37.21
N ALA A 378 -16.13 -14.89 38.45
CA ALA A 378 -15.96 -13.98 39.57
C ALA A 378 -14.48 -13.53 39.67
N LYS A 379 -13.57 -14.51 39.61
CA LYS A 379 -12.15 -14.23 39.67
C LYS A 379 -11.65 -13.44 38.46
N MET A 380 -12.12 -13.82 37.26
CA MET A 380 -11.67 -13.16 36.03
C MET A 380 -12.21 -11.72 35.88
N LEU A 381 -13.43 -11.47 36.36
CA LEU A 381 -13.99 -10.14 36.40
C LEU A 381 -13.12 -9.21 37.27
N GLU A 382 -12.74 -9.70 38.45
CA GLU A 382 -11.85 -8.97 39.37
C GLU A 382 -10.52 -8.62 38.69
N ILE A 383 -9.92 -9.60 38.02
CA ILE A 383 -8.67 -9.35 37.28
C ILE A 383 -8.85 -8.30 36.17
N ALA A 384 -9.86 -8.47 35.32
CA ALA A 384 -10.12 -7.53 34.23
C ALA A 384 -10.29 -6.11 34.73
N ASP A 385 -11.11 -5.95 35.77
CA ASP A 385 -11.44 -4.64 36.30
C ASP A 385 -10.26 -3.98 37.01
N ARG A 386 -9.39 -4.78 37.64
CA ARG A 386 -8.11 -4.31 38.27
C ARG A 386 -7.24 -3.61 37.21
N PHE A 387 -7.26 -4.09 35.96
CA PHE A 387 -6.43 -3.53 34.92
C PHE A 387 -7.15 -2.53 33.99
N GLY A 388 -8.36 -2.12 34.39
CA GLY A 388 -9.20 -1.20 33.64
C GLY A 388 -9.79 -1.83 32.38
N GLY A 389 -9.92 -3.16 32.40
CA GLY A 389 -10.45 -3.92 31.28
C GLY A 389 -11.93 -4.21 31.50
N PHE A 390 -12.44 -5.21 30.78
CA PHE A 390 -13.86 -5.53 30.83
C PHE A 390 -14.14 -7.01 30.63
N PHE A 391 -15.38 -7.40 30.91
CA PHE A 391 -15.86 -8.76 30.87
C PHE A 391 -17.20 -8.77 30.14
N VAL A 392 -17.32 -9.64 29.14
CA VAL A 392 -18.56 -9.83 28.38
C VAL A 392 -19.08 -11.26 28.58
N TRP A 393 -20.35 -11.36 28.98
CA TRP A 393 -21.04 -12.63 29.17
C TRP A 393 -22.16 -12.71 28.12
N SER A 394 -22.07 -13.70 27.23
CA SER A 394 -23.04 -13.89 26.15
C SER A 394 -23.86 -15.13 26.41
N ASP A 395 -25.19 -14.99 26.46
CA ASP A 395 -26.12 -16.12 26.59
C ASP A 395 -27.54 -15.68 26.26
N GLN A 396 -28.38 -16.66 25.91
CA GLN A 396 -29.82 -16.51 25.90
C GLN A 396 -30.34 -16.88 27.28
N ASP A 397 -31.39 -16.18 27.74
CA ASP A 397 -32.00 -16.42 29.04
C ASP A 397 -33.40 -17.01 28.91
N HIS A 398 -33.47 -18.32 29.14
CA HIS A 398 -34.73 -19.04 29.20
C HIS A 398 -35.53 -18.69 30.44
N GLY A 399 -34.87 -18.06 31.41
CA GLY A 399 -35.49 -17.66 32.65
C GLY A 399 -34.63 -17.81 33.89
N SER A 400 -33.53 -18.56 33.80
CA SER A 400 -32.67 -18.81 34.96
C SER A 400 -31.20 -18.43 34.79
N THR A 401 -30.86 -17.77 33.68
CA THR A 401 -29.48 -17.43 33.37
C THR A 401 -28.97 -16.38 34.33
N VAL A 402 -29.65 -15.22 34.38
CA VAL A 402 -29.27 -14.19 35.34
C VAL A 402 -29.42 -14.63 36.81
N THR A 403 -30.50 -15.33 37.13
CA THR A 403 -30.73 -15.81 38.51
C THR A 403 -29.69 -16.84 38.95
N ASN A 404 -29.18 -17.64 38.01
CA ASN A 404 -28.09 -18.56 38.30
C ASN A 404 -26.83 -17.77 38.70
N ILE A 405 -26.52 -16.73 37.92
CA ILE A 405 -25.37 -15.86 38.19
C ILE A 405 -25.44 -15.25 39.58
N VAL A 406 -26.60 -14.71 39.98
CA VAL A 406 -26.73 -14.07 41.30
C VAL A 406 -26.83 -15.09 42.44
N SER A 407 -27.19 -16.34 42.14
CA SER A 407 -27.29 -17.42 43.13
C SER A 407 -25.91 -17.86 43.64
N ASN A 408 -24.85 -17.47 42.92
CA ASN A 408 -23.47 -17.71 43.31
C ASN A 408 -22.98 -16.49 44.09
N ALA A 409 -22.74 -16.69 45.39
CA ALA A 409 -22.34 -15.63 46.32
C ALA A 409 -21.11 -14.86 45.83
N ASN A 410 -20.09 -15.58 45.33
CA ASN A 410 -18.86 -14.93 44.89
C ASN A 410 -19.08 -14.07 43.65
N MET A 411 -19.83 -14.60 42.67
CA MET A 411 -20.14 -13.82 41.47
C MET A 411 -21.03 -12.62 41.78
N LYS A 412 -22.03 -12.81 42.65
CA LYS A 412 -22.93 -11.73 43.07
C LYS A 412 -22.12 -10.58 43.68
N LYS A 413 -21.22 -10.94 44.60
CA LYS A 413 -20.33 -10.00 45.28
C LYS A 413 -19.37 -9.33 44.28
N ALA A 414 -18.80 -10.11 43.37
CA ALA A 414 -17.91 -9.54 42.36
C ALA A 414 -18.65 -8.52 41.48
N LEU A 415 -19.91 -8.80 41.14
CA LEU A 415 -20.73 -7.86 40.35
C LEU A 415 -21.03 -6.56 41.10
N GLU A 416 -21.26 -6.64 42.42
CA GLU A 416 -21.46 -5.45 43.25
C GLU A 416 -20.22 -4.54 43.22
N LYS A 417 -19.02 -5.13 43.25
CA LYS A 417 -17.78 -4.34 43.24
C LYS A 417 -17.30 -3.90 41.85
N HIS A 418 -17.49 -4.75 40.83
CA HIS A 418 -16.89 -4.60 39.52
C HIS A 418 -17.89 -4.56 38.35
N GLY A 419 -19.18 -4.47 38.68
CA GLY A 419 -20.28 -4.53 37.72
C GLY A 419 -20.23 -3.56 36.56
N ASP A 420 -19.65 -2.38 36.78
CA ASP A 420 -19.46 -1.40 35.71
C ASP A 420 -18.59 -1.89 34.54
N ALA A 421 -17.75 -2.91 34.77
CA ALA A 421 -16.93 -3.48 33.71
C ALA A 421 -17.51 -4.79 33.13
N PHE A 422 -18.76 -5.11 33.49
CA PHE A 422 -19.42 -6.36 33.10
C PHE A 422 -20.59 -6.05 32.16
N TYR A 423 -20.65 -6.77 31.04
CA TYR A 423 -21.64 -6.54 29.95
C TYR A 423 -22.35 -7.85 29.62
N LEU A 424 -23.68 -7.81 29.50
CA LEU A 424 -24.48 -8.98 29.12
C LEU A 424 -24.96 -8.79 27.69
N ILE A 425 -24.68 -9.76 26.81
CA ILE A 425 -25.16 -9.71 25.44
C ILE A 425 -25.92 -10.98 25.12
N TYR A 426 -26.97 -10.83 24.32
CA TYR A 426 -27.87 -11.95 23.94
C TYR A 426 -27.12 -12.91 23.01
N LYS A 427 -27.71 -14.07 22.77
CA LYS A 427 -27.15 -15.06 21.88
C LYS A 427 -28.29 -15.92 21.36
N ASN A 428 -28.73 -15.66 20.12
CA ASN A 428 -29.94 -16.29 19.58
C ASN A 428 -29.72 -17.60 18.80
N THR A 429 -28.60 -18.27 19.08
CA THR A 429 -28.30 -19.59 18.52
C THR A 429 -29.50 -20.55 18.55
N SER A 430 -30.11 -20.73 19.73
CA SER A 430 -31.30 -21.58 19.87
C SER A 430 -32.54 -20.78 19.56
N SER A 431 -32.69 -20.42 18.28
CA SER A 431 -33.73 -19.52 17.80
C SER A 431 -35.12 -20.11 17.88
N ASN A 432 -35.17 -21.44 17.98
CA ASN A 432 -36.42 -22.19 18.10
C ASN A 432 -37.09 -22.07 19.47
N GLN A 433 -36.33 -21.62 20.49
CA GLN A 433 -36.90 -21.25 21.79
C GLN A 433 -37.18 -19.76 21.80
N PRO A 434 -38.43 -19.32 22.08
CA PRO A 434 -38.83 -17.93 21.91
C PRO A 434 -38.42 -17.02 23.07
N ASP A 435 -37.13 -17.02 23.40
CA ASP A 435 -36.57 -16.30 24.54
C ASP A 435 -35.75 -15.08 24.11
N ASP A 436 -35.77 -14.76 22.82
CA ASP A 436 -34.97 -13.64 22.31
C ASP A 436 -35.37 -12.30 22.97
N LEU A 437 -36.68 -12.01 22.97
CA LEU A 437 -37.15 -10.71 23.45
C LEU A 437 -37.03 -10.58 24.96
N LYS A 438 -37.36 -11.65 25.69
CA LYS A 438 -37.16 -11.63 27.15
C LYS A 438 -35.70 -11.49 27.52
N THR A 439 -34.80 -12.10 26.75
CA THR A 439 -33.38 -11.95 27.03
C THR A 439 -32.96 -10.48 26.94
N SER A 440 -33.27 -9.82 25.83
CA SER A 440 -32.96 -8.40 25.68
C SER A 440 -33.51 -7.54 26.83
N SER A 441 -34.76 -7.81 27.25
CA SER A 441 -35.40 -7.08 28.33
C SER A 441 -34.63 -7.25 29.63
N PHE A 442 -34.24 -8.49 29.94
CA PHE A 442 -33.45 -8.79 31.13
C PHE A 442 -32.14 -8.03 31.11
N PHE A 443 -31.47 -8.03 29.97
CA PHE A 443 -30.13 -7.47 29.88
C PHE A 443 -30.16 -5.95 29.87
N GLN A 444 -31.13 -5.38 29.16
CA GLN A 444 -31.34 -3.94 29.22
C GLN A 444 -31.73 -3.51 30.63
N GLY A 445 -32.60 -4.30 31.28
CA GLY A 445 -33.10 -3.98 32.60
C GLY A 445 -32.03 -4.01 33.67
N SER A 446 -31.17 -5.03 33.58
CA SER A 446 -30.01 -5.17 34.44
C SER A 446 -29.09 -3.95 34.41
N TRP A 447 -28.85 -3.43 33.21
CA TRP A 447 -28.06 -2.22 32.97
C TRP A 447 -28.75 -0.96 33.49
N LEU A 448 -30.04 -0.84 33.18
CA LEU A 448 -30.81 0.35 33.52
C LEU A 448 -30.82 0.58 35.03
N ALA A 449 -30.98 -0.50 35.80
CA ALA A 449 -31.00 -0.46 37.26
C ALA A 449 -29.58 -0.38 37.89
N GLY A 450 -28.55 -0.52 37.07
CA GLY A 450 -27.16 -0.30 37.48
C GLY A 450 -26.42 -1.51 38.05
N TYR A 451 -26.90 -2.72 37.77
CA TYR A 451 -26.23 -3.99 38.20
C TYR A 451 -25.07 -4.33 37.27
N THR A 452 -25.07 -3.77 36.04
CA THR A 452 -24.09 -4.07 35.00
C THR A 452 -23.78 -2.79 34.27
N GLY A 453 -22.74 -2.83 33.44
CA GLY A 453 -22.20 -1.65 32.77
C GLY A 453 -22.83 -1.37 31.42
N GLY A 454 -23.55 -2.35 30.88
CA GLY A 454 -24.21 -2.23 29.58
C GLY A 454 -24.77 -3.54 29.05
N TRP A 455 -25.37 -3.47 27.86
CA TRP A 455 -25.85 -4.64 27.17
C TRP A 455 -25.61 -4.54 25.68
N GLY A 456 -25.84 -5.66 24.98
CA GLY A 456 -25.63 -5.74 23.56
C GLY A 456 -26.05 -7.05 22.94
N MET A 457 -25.53 -7.32 21.74
CA MET A 457 -25.99 -8.44 20.93
C MET A 457 -24.89 -9.36 20.40
N LEU A 458 -25.23 -10.65 20.37
CA LEU A 458 -24.58 -11.64 19.53
C LEU A 458 -25.68 -12.29 18.67
N SER A 459 -25.72 -11.90 17.39
CA SER A 459 -26.59 -12.52 16.39
C SER A 459 -25.84 -13.62 15.70
N ASP A 460 -26.45 -14.81 15.64
CA ASP A 460 -25.79 -16.02 15.20
C ASP A 460 -26.61 -16.55 14.01
N THR A 461 -25.96 -16.78 12.87
CA THR A 461 -26.62 -17.43 11.73
C THR A 461 -26.99 -18.90 11.99
N TRP A 462 -26.50 -19.48 13.10
CA TRP A 462 -27.04 -20.75 13.57
C TRP A 462 -28.55 -20.64 13.85
N ALA A 463 -29.04 -19.43 14.14
CA ALA A 463 -30.47 -19.21 14.31
C ALA A 463 -31.25 -19.68 13.08
N TRP A 464 -30.69 -19.45 11.90
CA TRP A 464 -31.38 -19.79 10.66
C TRP A 464 -31.53 -21.31 10.52
N ASP A 465 -30.49 -22.04 10.96
CA ASP A 465 -30.43 -23.51 10.94
C ASP A 465 -31.59 -24.17 11.65
N LYS A 466 -32.06 -23.55 12.73
CA LYS A 466 -33.08 -24.13 13.59
C LYS A 466 -34.49 -24.02 12.99
N GLN A 467 -34.67 -23.19 11.95
CA GLN A 467 -36.00 -22.89 11.43
C GLN A 467 -36.20 -22.89 9.91
N PHE A 468 -35.18 -22.46 9.17
CA PHE A 468 -35.33 -22.06 7.74
C PHE A 468 -34.18 -22.59 6.87
N SER A 469 -34.38 -22.55 5.54
CA SER A 469 -33.33 -22.94 4.58
C SER A 469 -33.30 -21.97 3.40
N LYS A 470 -33.82 -22.40 2.25
CA LYS A 470 -34.00 -21.54 1.10
C LYS A 470 -34.91 -20.37 1.53
N LEU A 471 -34.86 -19.28 0.77
CA LEU A 471 -35.67 -18.10 1.06
C LEU A 471 -37.15 -18.54 1.08
N TRP A 472 -37.88 -18.09 2.10
CA TRP A 472 -39.30 -18.39 2.35
C TRP A 472 -39.66 -19.84 2.76
N GLN A 473 -38.66 -20.68 2.98
CA GLN A 473 -38.89 -22.10 3.22
C GLN A 473 -38.46 -22.47 4.63
N GLY A 474 -39.04 -23.57 5.14
CA GLY A 474 -38.68 -24.15 6.42
C GLY A 474 -37.37 -24.93 6.31
N ALA A 475 -36.95 -25.51 7.43
CA ALA A 475 -35.64 -26.14 7.54
C ALA A 475 -35.43 -27.25 6.52
N GLY A 476 -36.49 -28.02 6.23
CA GLY A 476 -36.41 -29.16 5.32
C GLY A 476 -35.41 -30.21 5.82
N SER A 477 -34.78 -30.92 4.87
CA SER A 477 -33.87 -32.03 5.16
C SER A 477 -32.38 -31.78 4.84
N TYR A 478 -32.03 -30.51 4.61
CA TYR A 478 -30.67 -30.05 4.27
C TYR A 478 -29.73 -30.33 5.45
N ASN A 479 -28.42 -30.30 5.20
CA ASN A 479 -27.40 -30.39 6.24
C ASN A 479 -27.40 -29.06 7.01
N ASN A 480 -27.02 -29.11 8.29
CA ASN A 480 -26.98 -27.91 9.10
C ASN A 480 -25.95 -26.85 8.60
N TRP A 481 -24.84 -27.30 8.01
CA TRP A 481 -23.84 -26.38 7.44
C TRP A 481 -24.39 -25.60 6.22
N GLN A 482 -25.35 -26.17 5.49
CA GLN A 482 -26.05 -25.45 4.43
C GLN A 482 -26.93 -24.34 5.00
N ARG A 483 -27.73 -24.68 6.01
CA ARG A 483 -28.73 -23.75 6.62
C ARG A 483 -27.99 -22.60 7.31
N LEU A 484 -26.79 -22.86 7.83
CA LEU A 484 -25.92 -21.83 8.41
C LEU A 484 -25.67 -20.64 7.46
N CYS A 485 -25.68 -20.93 6.14
CA CYS A 485 -25.35 -19.94 5.11
C CYS A 485 -26.53 -19.13 4.61
N GLY A 486 -27.73 -19.44 5.10
CA GLY A 486 -28.98 -19.02 4.48
C GLY A 486 -29.59 -17.68 4.92
N GLU A 487 -29.03 -17.07 5.96
CA GLU A 487 -29.63 -15.91 6.62
C GLU A 487 -29.50 -14.66 5.75
N PRO A 488 -30.58 -13.87 5.56
CA PRO A 488 -30.49 -12.61 4.82
C PRO A 488 -29.56 -11.61 5.51
N GLU A 489 -28.69 -10.97 4.72
CA GLU A 489 -27.66 -10.08 5.22
C GLU A 489 -28.31 -8.84 5.86
N ALA A 490 -29.34 -8.28 5.23
CA ALA A 490 -30.07 -7.12 5.78
C ALA A 490 -30.66 -7.38 7.16
N LEU A 491 -31.04 -8.64 7.43
CA LEU A 491 -31.62 -9.00 8.70
C LEU A 491 -30.63 -8.72 9.86
N LEU A 492 -29.33 -8.94 9.61
CA LEU A 492 -28.28 -8.63 10.57
C LEU A 492 -28.33 -7.14 10.94
N GLY A 493 -28.56 -6.29 9.94
CA GLY A 493 -28.71 -4.86 10.14
C GLY A 493 -29.97 -4.47 10.92
N MET A 494 -31.09 -5.14 10.63
CA MET A 494 -32.33 -4.96 11.39
C MET A 494 -32.10 -5.26 12.88
N GLN A 495 -31.38 -6.35 13.16
CA GLN A 495 -31.03 -6.72 14.54
C GLN A 495 -30.15 -5.65 15.21
N MET A 496 -29.14 -5.19 14.47
CA MET A 496 -28.28 -4.11 14.95
C MET A 496 -29.07 -2.84 15.28
N MET A 497 -30.02 -2.51 14.39
CA MET A 497 -30.84 -1.33 14.55
C MET A 497 -31.69 -1.42 15.84
N SER A 498 -32.30 -2.58 16.08
CA SER A 498 -33.10 -2.74 17.29
C SER A 498 -32.30 -2.73 18.60
N THR A 499 -31.07 -3.25 18.58
CA THR A 499 -30.18 -3.21 19.73
C THR A 499 -29.78 -1.75 20.03
N TYR A 500 -29.39 -1.03 18.98
CA TYR A 500 -29.03 0.42 18.99
C TYR A 500 -30.17 1.23 19.63
N LEU A 501 -31.41 1.01 19.20
CA LEU A 501 -32.55 1.80 19.70
C LEU A 501 -32.83 1.56 21.18
N GLY A 502 -32.43 0.41 21.70
CA GLY A 502 -32.53 0.11 23.11
C GLY A 502 -31.31 0.47 23.94
N GLY A 503 -30.37 1.23 23.35
CA GLY A 503 -29.19 1.67 24.05
C GLY A 503 -28.14 0.62 24.22
N GLY A 504 -28.20 -0.42 23.40
CA GLY A 504 -27.14 -1.43 23.33
C GLY A 504 -25.84 -0.80 22.81
N VAL A 505 -24.71 -1.37 23.25
CA VAL A 505 -23.40 -0.80 22.92
C VAL A 505 -22.34 -1.82 22.47
N ILE A 506 -22.71 -3.10 22.47
CA ILE A 506 -21.87 -4.15 21.95
C ILE A 506 -22.58 -4.89 20.82
N TYR A 507 -21.83 -5.17 19.74
CA TYR A 507 -22.34 -5.83 18.52
C TYR A 507 -21.37 -6.95 18.11
N THR A 508 -21.88 -8.18 18.03
CA THR A 508 -21.07 -9.27 17.59
C THR A 508 -21.93 -10.27 16.80
N PHE A 509 -21.26 -10.96 15.86
CA PHE A 509 -21.93 -11.77 14.85
C PHE A 509 -21.17 -13.06 14.62
N GLU A 510 -21.92 -14.13 14.38
CA GLU A 510 -21.40 -15.45 13.96
C GLU A 510 -22.39 -15.93 12.91
N PHE A 511 -22.03 -16.87 12.03
CA PHE A 511 -20.73 -17.56 11.91
C PHE A 511 -19.71 -16.59 11.32
N PRO A 512 -18.54 -16.38 11.97
CA PRO A 512 -17.63 -15.31 11.58
C PRO A 512 -17.16 -15.38 10.11
N GLU A 513 -16.94 -16.59 9.61
CA GLU A 513 -16.39 -16.72 8.26
C GLU A 513 -17.42 -16.30 7.18
N ILE A 514 -18.71 -16.32 7.55
CA ILE A 514 -19.79 -15.79 6.69
C ILE A 514 -20.02 -14.30 6.93
N VAL A 515 -20.14 -13.90 8.20
CA VAL A 515 -20.56 -12.52 8.52
C VAL A 515 -19.41 -11.50 8.43
N TYR A 516 -18.17 -11.92 8.71
CA TYR A 516 -16.96 -11.07 8.62
C TYR A 516 -16.14 -11.45 7.37
N GLY A 517 -15.86 -12.75 7.18
CA GLY A 517 -15.20 -13.22 5.98
C GLY A 517 -14.15 -14.27 6.15
N THR A 518 -13.63 -14.72 5.02
CA THR A 518 -12.60 -15.73 4.92
C THR A 518 -11.39 -15.16 4.20
N SER A 519 -10.26 -15.86 4.36
CA SER A 519 -9.03 -15.58 3.64
C SER A 519 -8.63 -14.11 3.79
N ASN A 520 -8.88 -13.57 4.99
CA ASN A 520 -8.60 -12.19 5.32
C ASN A 520 -9.21 -11.15 4.40
N THR A 521 -10.35 -11.50 3.80
CA THR A 521 -11.19 -10.57 3.02
C THR A 521 -12.45 -10.25 3.82
N ASN A 522 -13.18 -9.25 3.35
CA ASN A 522 -14.49 -8.92 3.93
C ASN A 522 -15.59 -9.55 3.09
N SER A 523 -16.51 -10.23 3.78
CA SER A 523 -17.67 -10.88 3.18
C SER A 523 -18.67 -9.85 2.64
N PRO A 524 -19.64 -10.28 1.80
CA PRO A 524 -20.77 -9.43 1.41
C PRO A 524 -21.56 -8.82 2.59
N ALA A 525 -21.91 -9.65 3.59
CA ALA A 525 -22.58 -9.16 4.79
C ALA A 525 -21.76 -8.04 5.44
N ASN A 526 -20.46 -8.28 5.59
CA ASN A 526 -19.57 -7.34 6.27
C ASN A 526 -19.48 -6.02 5.50
N THR A 527 -19.24 -6.13 4.20
CA THR A 527 -18.99 -4.99 3.35
C THR A 527 -20.24 -4.09 3.21
N HIS A 528 -21.39 -4.72 2.96
CA HIS A 528 -22.58 -4.00 2.50
C HIS A 528 -23.66 -3.77 3.56
N VAL A 529 -23.52 -4.42 4.72
CA VAL A 529 -24.44 -4.24 5.85
C VAL A 529 -23.75 -3.82 7.14
N LEU A 530 -22.89 -4.70 7.68
CA LEU A 530 -22.31 -4.48 9.02
C LEU A 530 -21.46 -3.22 9.13
N THR A 531 -20.51 -3.06 8.21
CA THR A 531 -19.64 -1.90 8.18
C THR A 531 -20.41 -0.61 7.88
N GLU A 532 -21.41 -0.67 6.99
CA GLU A 532 -22.23 0.51 6.68
C GLU A 532 -23.07 0.96 7.88
N LEU A 533 -23.82 0.04 8.47
CA LEU A 533 -24.69 0.43 9.57
C LEU A 533 -23.86 0.73 10.82
N PHE A 534 -22.75 0.00 11.04
CA PHE A 534 -21.94 0.24 12.23
C PHE A 534 -21.28 1.60 12.19
N ARG A 535 -20.90 2.05 10.99
CA ARG A 535 -20.36 3.43 10.80
C ARG A 535 -21.41 4.47 11.25
N TYR A 536 -22.69 4.26 10.94
CA TYR A 536 -23.79 5.15 11.39
C TYR A 536 -23.83 5.14 12.93
N ILE A 537 -23.69 3.96 13.53
CA ILE A 537 -23.76 3.80 14.99
C ILE A 537 -22.57 4.43 15.74
N VAL A 538 -21.39 4.35 15.13
CA VAL A 538 -20.19 5.01 15.62
C VAL A 538 -20.34 6.53 15.60
N ASN A 539 -20.98 7.07 14.56
CA ASN A 539 -21.05 8.53 14.37
C ASN A 539 -22.32 9.19 14.89
N HIS A 540 -23.34 8.38 15.22
CA HIS A 540 -24.62 8.86 15.77
C HIS A 540 -24.91 8.09 17.05
N PRO A 541 -24.38 8.53 18.21
CA PRO A 541 -24.47 7.74 19.45
C PRO A 541 -25.88 7.25 19.77
N ALA A 542 -26.01 5.98 20.15
CA ALA A 542 -27.25 5.39 20.65
C ALA A 542 -27.80 6.19 21.83
N PRO A 543 -29.06 5.98 22.23
CA PRO A 543 -29.57 6.58 23.46
C PRO A 543 -28.69 6.21 24.66
N SER A 544 -28.38 7.20 25.50
CA SER A 544 -27.66 6.98 26.75
C SER A 544 -28.61 6.29 27.75
N LYS A 545 -28.08 5.92 28.91
CA LYS A 545 -28.93 5.45 29.99
C LYS A 545 -29.96 6.50 30.36
N LYS A 546 -29.53 7.76 30.46
CA LYS A 546 -30.45 8.86 30.73
C LYS A 546 -31.64 8.89 29.76
N GLU A 547 -31.34 8.81 28.46
CA GLU A 547 -32.37 8.83 27.41
C GLU A 547 -33.31 7.63 27.46
N ILE A 548 -32.78 6.43 27.73
CA ILE A 548 -33.62 5.26 27.91
C ILE A 548 -34.53 5.47 29.13
N MET A 549 -33.94 5.87 30.25
CA MET A 549 -34.67 6.11 31.46
C MET A 549 -35.85 7.10 31.24
N GLU A 550 -35.56 8.23 30.58
CA GLU A 550 -36.57 9.28 30.30
C GLU A 550 -37.75 8.79 29.48
N GLU A 551 -37.50 7.89 28.52
CA GLU A 551 -38.53 7.33 27.64
C GLU A 551 -39.29 6.13 28.22
N THR A 552 -38.72 5.50 29.25
CA THR A 552 -39.29 4.33 29.91
C THR A 552 -40.30 4.74 31.00
N LYS A 553 -41.55 4.29 30.84
CA LYS A 553 -42.64 4.62 31.76
C LYS A 553 -42.97 3.45 32.67
N ALA A 554 -42.62 2.23 32.23
CA ALA A 554 -42.82 1.00 32.99
C ALA A 554 -41.58 0.15 32.92
N VAL A 555 -41.13 -0.35 34.08
CA VAL A 555 -40.10 -1.40 34.20
C VAL A 555 -40.75 -2.58 34.93
N LEU A 556 -40.57 -3.78 34.38
CA LEU A 556 -41.06 -5.01 34.99
C LEU A 556 -39.99 -5.64 35.89
N TYR A 557 -40.43 -6.48 36.82
CA TYR A 557 -39.58 -7.24 37.77
C TYR A 557 -39.98 -8.72 37.76
N GLY A 558 -39.03 -9.61 37.49
CA GLY A 558 -39.25 -11.04 37.58
C GLY A 558 -39.03 -11.75 36.27
N ASN A 559 -39.49 -13.00 36.20
CA ASN A 559 -39.28 -13.87 35.06
C ASN A 559 -40.41 -13.73 34.08
N VAL A 560 -40.35 -12.69 33.25
CA VAL A 560 -41.40 -12.39 32.28
C VAL A 560 -41.63 -13.59 31.35
N SER A 561 -42.90 -13.86 31.05
CA SER A 561 -43.30 -14.86 30.08
C SER A 561 -42.71 -14.57 28.69
N SER A 562 -42.26 -15.63 28.01
CA SER A 562 -41.78 -15.55 26.63
C SER A 562 -42.78 -14.82 25.71
N ASP A 563 -44.05 -15.20 25.84
CA ASP A 563 -45.14 -14.73 25.00
C ASP A 563 -45.74 -13.35 25.41
N PHE A 564 -45.25 -12.76 26.50
CA PHE A 564 -45.67 -11.42 26.93
C PHE A 564 -45.69 -10.37 25.80
N TYR A 565 -44.71 -10.47 24.88
CA TYR A 565 -44.44 -9.43 23.85
C TYR A 565 -45.47 -9.49 22.70
N SER A 566 -46.13 -10.65 22.50
CA SER A 566 -47.17 -10.84 21.48
C SER A 566 -48.35 -9.93 21.78
N GLY A 567 -48.77 -9.19 20.75
CA GLY A 567 -49.81 -8.19 20.86
C GLY A 567 -49.35 -6.87 21.49
N LEU A 568 -48.06 -6.77 21.83
CA LEU A 568 -47.42 -5.53 22.28
C LEU A 568 -46.35 -5.10 21.27
N SER A 569 -45.08 -5.43 21.55
CA SER A 569 -43.94 -4.99 20.71
C SER A 569 -43.69 -5.93 19.53
N GLY A 570 -44.12 -7.19 19.65
CA GLY A 570 -43.99 -8.18 18.60
C GLY A 570 -43.92 -9.62 19.10
N LYS A 571 -44.30 -10.54 18.22
CA LYS A 571 -44.16 -11.96 18.48
C LYS A 571 -42.67 -12.31 18.55
N PRO A 572 -42.20 -13.08 19.55
CA PRO A 572 -40.79 -13.46 19.62
C PRO A 572 -40.51 -14.45 18.50
N THR A 573 -39.59 -14.12 17.59
CA THR A 573 -39.29 -14.96 16.42
C THR A 573 -38.03 -15.77 16.60
N GLY A 574 -37.23 -15.43 17.61
CA GLY A 574 -35.90 -15.96 17.77
C GLY A 574 -34.81 -15.16 17.07
N PHE A 575 -35.22 -14.10 16.36
CA PHE A 575 -34.32 -13.26 15.56
C PHE A 575 -34.17 -11.81 16.06
N GLN A 576 -34.66 -11.55 17.29
CA GLN A 576 -34.34 -10.33 18.01
C GLN A 576 -34.80 -9.09 17.27
N ILE A 577 -36.01 -9.16 16.70
CA ILE A 577 -36.66 -8.03 16.05
C ILE A 577 -38.09 -7.87 16.55
N TYR A 578 -38.65 -6.69 16.27
CA TYR A 578 -39.94 -6.22 16.84
C TYR A 578 -40.90 -5.85 15.69
N GLU A 579 -42.19 -5.82 16.02
CA GLU A 579 -43.24 -5.42 15.09
C GLU A 579 -43.45 -3.92 15.13
N THR A 580 -43.16 -3.32 16.30
CA THR A 580 -43.24 -1.87 16.47
C THR A 580 -42.22 -1.42 17.52
N GLY A 581 -41.78 -0.16 17.42
CA GLY A 581 -40.87 0.46 18.38
C GLY A 581 -41.59 1.30 19.42
N ARG A 582 -42.92 1.19 19.45
CA ARG A 582 -43.82 2.09 20.23
C ARG A 582 -43.47 2.00 21.71
N TYR A 583 -43.15 0.80 22.20
CA TYR A 583 -42.97 0.49 23.64
C TYR A 583 -41.47 0.33 23.97
N GLY A 584 -40.59 0.43 22.97
CA GLY A 584 -39.18 0.13 23.16
C GLY A 584 -38.97 -1.36 23.45
N ILE A 585 -37.86 -1.67 24.15
CA ILE A 585 -37.48 -3.04 24.51
C ILE A 585 -38.35 -3.63 25.64
N ILE A 586 -38.83 -2.76 26.53
CA ILE A 586 -39.56 -3.07 27.77
C ILE A 586 -38.58 -3.71 28.76
N PRO A 587 -37.87 -2.90 29.55
CA PRO A 587 -36.88 -3.41 30.50
C PRO A 587 -37.55 -4.29 31.58
N VAL A 588 -36.99 -5.47 31.82
CA VAL A 588 -37.44 -6.37 32.87
C VAL A 588 -36.23 -6.65 33.75
N ILE A 589 -36.32 -6.29 35.03
CA ILE A 589 -35.23 -6.51 35.95
C ILE A 589 -35.36 -7.89 36.56
N PRO A 590 -34.38 -8.80 36.34
CA PRO A 590 -34.40 -10.12 36.97
C PRO A 590 -34.25 -10.00 38.48
N THR A 591 -34.47 -11.10 39.21
CA THR A 591 -34.38 -11.11 40.66
C THR A 591 -32.93 -11.03 41.18
N TRP A 592 -32.24 -9.93 40.85
CA TRP A 592 -30.98 -9.51 41.49
C TRP A 592 -31.14 -9.33 43.01
N GLY A 593 -32.35 -8.95 43.44
CA GLY A 593 -32.76 -8.89 44.83
C GLY A 593 -34.27 -8.90 44.89
N THR A 594 -34.83 -8.52 46.03
CA THR A 594 -36.26 -8.43 46.19
C THR A 594 -36.73 -7.28 45.32
N ARG A 595 -38.04 -7.21 45.11
CA ARG A 595 -38.68 -6.13 44.31
C ARG A 595 -38.34 -4.79 44.99
N ALA A 596 -38.43 -4.72 46.32
CA ALA A 596 -38.08 -3.51 47.04
C ALA A 596 -36.62 -3.10 46.82
N GLU A 597 -35.69 -4.06 46.87
CA GLU A 597 -34.27 -3.78 46.68
C GLU A 597 -33.97 -3.26 45.26
N VAL A 598 -34.57 -3.92 44.26
CA VAL A 598 -34.40 -3.54 42.85
C VAL A 598 -35.01 -2.14 42.60
N THR A 599 -36.12 -1.85 43.26
CA THR A 599 -36.80 -0.58 43.09
C THR A 599 -35.93 0.54 43.62
N LYS A 600 -35.37 0.37 44.82
CA LYS A 600 -34.49 1.35 45.42
C LYS A 600 -33.28 1.63 44.52
N LYS A 601 -32.69 0.56 43.97
CA LYS A 601 -31.54 0.65 43.09
C LYS A 601 -31.82 1.43 41.80
N LEU A 602 -32.98 1.13 41.18
CA LEU A 602 -33.42 1.83 39.97
C LEU A 602 -33.71 3.32 40.25
N ILE A 603 -34.35 3.59 41.39
CA ILE A 603 -34.65 4.95 41.79
C ILE A 603 -33.36 5.74 41.96
N GLN A 604 -32.35 5.13 42.61
CA GLN A 604 -31.03 5.74 42.82
C GLN A 604 -30.33 6.06 41.52
N GLU A 605 -30.45 5.15 40.56
CA GLU A 605 -29.84 5.33 39.25
C GLU A 605 -30.54 6.48 38.50
N ALA A 606 -31.87 6.49 38.55
CA ALA A 606 -32.65 7.57 37.94
C ALA A 606 -32.32 8.93 38.55
N ASP A 607 -32.26 8.98 39.89
CA ASP A 607 -31.95 10.21 40.64
C ASP A 607 -30.61 10.76 40.18
N LYS A 608 -29.62 9.86 40.05
CA LYS A 608 -28.27 10.23 39.67
C LYS A 608 -28.22 10.86 38.27
N LEU A 609 -29.08 10.38 37.37
CA LEU A 609 -29.18 10.91 36.00
C LEU A 609 -30.06 12.16 35.86
N GLY A 610 -30.79 12.50 36.94
CA GLY A 610 -31.68 13.63 36.96
C GLY A 610 -33.00 13.38 36.25
N VAL A 611 -33.51 12.16 36.36
CA VAL A 611 -34.67 11.69 35.61
C VAL A 611 -35.70 11.12 36.56
N THR A 612 -36.98 11.31 36.23
CA THR A 612 -38.10 10.67 36.92
C THR A 612 -37.93 9.16 36.87
N PRO A 613 -37.94 8.46 38.03
CA PRO A 613 -37.84 7.00 38.03
C PRO A 613 -39.05 6.38 37.34
N PRO A 614 -38.88 5.36 36.48
CA PRO A 614 -40.02 4.60 35.97
C PRO A 614 -40.75 3.88 37.10
N ASN A 615 -42.03 3.54 36.90
CA ASN A 615 -42.74 2.68 37.82
C ASN A 615 -42.34 1.24 37.61
N VAL A 616 -42.15 0.51 38.71
CA VAL A 616 -41.77 -0.89 38.69
C VAL A 616 -43.02 -1.72 38.98
N LEU A 617 -43.28 -2.71 38.12
CA LEU A 617 -44.38 -3.65 38.28
C LEU A 617 -43.86 -5.07 38.28
N ASP A 618 -44.38 -5.90 39.20
CA ASP A 618 -44.10 -7.32 39.18
C ASP A 618 -44.71 -7.87 37.90
N VAL A 619 -44.05 -8.86 37.28
CA VAL A 619 -44.53 -9.48 36.05
C VAL A 619 -45.94 -10.07 36.23
N LYS A 620 -46.27 -10.48 37.46
CA LYS A 620 -47.54 -11.09 37.77
C LYS A 620 -48.70 -10.10 38.01
N ASP A 621 -48.39 -8.79 38.01
CA ASP A 621 -49.37 -7.72 38.22
C ASP A 621 -50.59 -7.89 37.31
N LYS A 622 -51.78 -7.63 37.85
CA LYS A 622 -53.06 -7.75 37.12
C LYS A 622 -53.10 -6.96 35.82
N ASN A 623 -52.42 -5.80 35.81
CA ASN A 623 -52.32 -4.94 34.63
C ASN A 623 -51.56 -5.50 33.45
N LEU A 624 -50.79 -6.57 33.66
CA LEU A 624 -49.94 -7.15 32.62
C LEU A 624 -50.47 -8.48 32.08
N SER A 625 -51.73 -8.80 32.43
CA SER A 625 -52.36 -10.10 32.21
C SER A 625 -52.52 -10.52 30.78
N GLY A 626 -52.84 -9.57 29.89
CA GLY A 626 -53.02 -9.86 28.48
C GLY A 626 -54.28 -9.25 27.94
N GLN A 627 -55.36 -9.34 28.73
CA GLN A 627 -56.59 -8.56 28.51
C GLN A 627 -56.35 -7.04 28.76
N ALA A 628 -55.74 -6.76 29.91
CA ALA A 628 -55.47 -5.41 30.37
C ALA A 628 -54.06 -4.93 30.05
N LYS A 629 -53.21 -5.79 29.50
CA LYS A 629 -51.82 -5.39 29.24
C LYS A 629 -51.75 -4.40 28.08
N GLN A 630 -52.58 -4.61 27.06
CA GLN A 630 -52.62 -3.74 25.90
C GLN A 630 -53.15 -2.32 26.28
N LYS A 631 -54.23 -2.29 27.06
CA LYS A 631 -54.80 -1.02 27.57
C LYS A 631 -53.74 -0.22 28.38
N TYR A 632 -53.11 -0.89 29.35
CA TYR A 632 -52.07 -0.31 30.24
C TYR A 632 -50.91 0.26 29.41
N PHE A 633 -50.34 -0.54 28.49
CA PHE A 633 -49.25 -0.06 27.65
C PHE A 633 -49.65 1.01 26.62
N LYS A 634 -50.82 0.88 26.02
CA LYS A 634 -51.31 1.91 25.09
C LYS A 634 -51.56 3.28 25.76
N ASP A 635 -51.92 3.28 27.05
CA ASP A 635 -52.13 4.54 27.79
C ASP A 635 -50.81 5.22 28.18
N LEU A 636 -49.74 4.42 28.35
CA LEU A 636 -48.43 4.93 28.74
C LEU A 636 -47.64 5.45 27.55
N TYR A 637 -47.79 4.80 26.39
CA TYR A 637 -46.96 5.03 25.17
C TYR A 637 -47.86 5.40 24.00
N PRO A 638 -47.85 6.67 23.55
CA PRO A 638 -48.72 7.09 22.45
C PRO A 638 -48.28 6.47 21.12
N ILE A 639 -49.25 6.19 20.22
CA ILE A 639 -48.95 5.69 18.89
C ILE A 639 -48.15 6.78 18.13
N GLU A 640 -47.15 6.37 17.35
CA GLU A 640 -46.28 7.29 16.60
C GLU A 640 -46.52 7.24 15.08
N TYR A 641 -47.01 6.09 14.59
CA TYR A 641 -47.24 5.76 13.16
C TYR A 641 -48.30 4.68 13.04
N VAL A 642 -48.91 4.57 11.85
CA VAL A 642 -49.87 3.52 11.56
C VAL A 642 -49.24 2.56 10.58
N GLY A 643 -49.47 1.26 10.81
CA GLY A 643 -49.06 0.22 9.88
C GLY A 643 -48.44 -0.97 10.57
N ASN A 644 -48.06 -1.96 9.76
CA ASN A 644 -47.65 -3.27 10.23
C ASN A 644 -46.14 -3.51 10.14
N ALA A 645 -45.42 -2.60 9.47
CA ALA A 645 -43.96 -2.58 9.53
C ALA A 645 -43.52 -2.06 10.89
N PHE A 646 -42.22 -2.26 11.19
CA PHE A 646 -41.60 -1.69 12.37
C PHE A 646 -41.17 -0.27 12.06
N ALA A 647 -41.45 0.64 12.98
CA ALA A 647 -40.96 2.01 12.94
C ALA A 647 -40.79 2.52 14.35
N ASP A 648 -39.81 3.41 14.53
CA ASP A 648 -39.55 4.07 15.79
C ASP A 648 -39.01 5.44 15.43
N LYS A 649 -39.65 6.49 15.95
CA LYS A 649 -39.07 7.82 15.94
C LYS A 649 -38.34 8.01 17.26
N TRP A 650 -37.05 8.37 17.13
CA TRP A 650 -36.16 8.65 18.24
C TRP A 650 -35.25 9.86 17.88
N GLU A 651 -35.35 10.92 18.70
CA GLU A 651 -34.60 12.18 18.53
C GLU A 651 -34.53 12.65 17.07
N GLY A 652 -35.70 12.88 16.46
CA GLY A 652 -35.82 13.49 15.14
C GLY A 652 -35.69 12.55 13.94
N THR A 653 -35.34 11.29 14.21
CA THR A 653 -35.01 10.34 13.16
C THR A 653 -35.94 9.14 13.21
N TRP A 654 -36.46 8.76 12.04
CA TRP A 654 -37.25 7.56 11.92
C TRP A 654 -36.37 6.37 11.52
N TYR A 655 -36.56 5.26 12.23
CA TYR A 655 -35.91 3.96 12.00
C TYR A 655 -37.00 2.94 11.66
N LEU A 656 -36.90 2.28 10.51
CA LEU A 656 -37.92 1.36 10.04
C LEU A 656 -37.30 0.08 9.55
N TYR A 657 -38.09 -0.99 9.61
CA TYR A 657 -37.82 -2.22 8.82
C TYR A 657 -39.12 -3.01 8.61
N ASN A 658 -39.13 -3.83 7.57
CA ASN A 658 -40.07 -4.92 7.41
C ASN A 658 -39.65 -6.01 8.38
N ASN A 659 -40.59 -6.48 9.19
CA ASN A 659 -40.28 -7.36 10.31
C ASN A 659 -40.61 -8.84 10.10
N LYS A 660 -40.84 -9.23 8.83
CA LYS A 660 -41.01 -10.66 8.49
C LYS A 660 -39.63 -11.33 8.35
N VAL A 661 -39.41 -12.40 9.11
CA VAL A 661 -38.13 -13.10 9.08
C VAL A 661 -37.97 -13.92 7.80
N ASN A 662 -38.97 -14.74 7.48
CA ASN A 662 -38.92 -15.59 6.31
C ASN A 662 -40.30 -15.88 5.69
N THR A 663 -41.13 -14.83 5.61
CA THR A 663 -42.40 -14.85 4.89
C THR A 663 -42.39 -13.66 3.94
N ASN A 664 -42.80 -13.91 2.68
CA ASN A 664 -42.77 -12.87 1.65
C ASN A 664 -44.03 -12.01 1.65
N GLU A 665 -44.08 -11.03 2.57
CA GLU A 665 -45.20 -10.09 2.67
C GLU A 665 -44.69 -8.66 2.69
N LYS A 666 -45.39 -7.79 1.96
CA LYS A 666 -45.15 -6.36 2.02
C LYS A 666 -45.73 -5.80 3.32
N GLN A 667 -45.09 -4.76 3.83
CA GLN A 667 -45.56 -4.06 5.01
C GLN A 667 -45.39 -2.58 4.78
N HIS A 668 -46.14 -1.79 5.53
CA HIS A 668 -46.13 -0.33 5.40
C HIS A 668 -46.08 0.39 6.75
N ALA A 669 -45.60 1.63 6.71
CA ALA A 669 -45.62 2.56 7.84
C ALA A 669 -46.03 3.92 7.33
N ILE A 670 -47.03 4.52 7.99
CA ILE A 670 -47.54 5.83 7.63
C ILE A 670 -47.14 6.78 8.74
N LEU A 671 -46.27 7.74 8.40
CA LEU A 671 -45.62 8.65 9.34
C LEU A 671 -46.18 10.07 9.29
N PRO A 672 -46.48 10.70 10.46
CA PRO A 672 -46.79 12.12 10.50
C PRO A 672 -45.49 12.91 10.30
N LEU A 673 -45.48 13.88 9.38
CA LEU A 673 -44.28 14.64 9.05
C LEU A 673 -44.22 15.99 9.76
N GLU A 674 -42.99 16.47 9.98
CA GLU A 674 -42.71 17.75 10.65
C GLU A 674 -43.01 18.87 9.66
N GLY A 675 -43.15 20.09 10.17
CA GLY A 675 -43.38 21.29 9.37
C GLY A 675 -44.57 22.06 9.86
N GLU A 676 -44.93 23.13 9.14
CA GLU A 676 -46.12 23.94 9.44
C GLU A 676 -47.42 23.20 9.14
N GLU A 677 -47.36 22.28 8.18
CA GLU A 677 -48.52 21.51 7.76
C GLU A 677 -48.50 20.16 8.44
N GLU A 678 -49.46 19.97 9.34
CA GLU A 678 -49.52 18.80 10.22
C GLU A 678 -50.21 17.60 9.59
N SER A 679 -50.97 17.84 8.52
CA SER A 679 -51.64 16.80 7.73
C SER A 679 -50.70 16.10 6.73
N ALA A 680 -49.44 16.58 6.66
CA ALA A 680 -48.38 15.99 5.83
C ALA A 680 -48.03 14.56 6.28
N ARG A 681 -47.93 13.65 5.29
CA ARG A 681 -47.81 12.19 5.52
C ARG A 681 -46.79 11.57 4.56
N LEU A 682 -45.94 10.68 5.08
CA LEU A 682 -45.12 9.76 4.30
C LEU A 682 -45.54 8.34 4.58
N LYS A 683 -46.01 7.65 3.53
CA LYS A 683 -46.20 6.20 3.56
C LYS A 683 -45.01 5.51 2.87
N VAL A 684 -44.38 4.59 3.61
CA VAL A 684 -43.27 3.76 3.13
C VAL A 684 -43.82 2.35 3.00
N GLU A 685 -43.54 1.69 1.86
CA GLU A 685 -43.84 0.27 1.69
C GLU A 685 -42.60 -0.50 1.31
N MET A 686 -42.34 -1.60 2.04
CA MET A 686 -41.11 -2.39 1.92
C MET A 686 -41.44 -3.85 1.82
N GLU A 687 -40.68 -4.57 0.99
CA GLU A 687 -40.69 -6.01 1.02
C GLU A 687 -39.70 -6.45 2.10
N PRO A 688 -39.67 -7.73 2.51
CA PRO A 688 -38.80 -8.17 3.60
C PRO A 688 -37.30 -7.92 3.39
N HIS A 689 -36.57 -7.97 4.51
CA HIS A 689 -35.13 -7.90 4.56
C HIS A 689 -34.67 -6.54 4.05
N GLU A 690 -35.14 -5.49 4.74
CA GLU A 690 -34.87 -4.08 4.44
C GLU A 690 -35.01 -3.24 5.70
N PHE A 691 -34.04 -2.34 5.93
CA PHE A 691 -34.13 -1.35 6.99
C PHE A 691 -33.88 0.03 6.38
N MET A 692 -34.25 1.06 7.15
CA MET A 692 -34.31 2.41 6.65
C MET A 692 -34.10 3.40 7.78
N ILE A 693 -33.36 4.48 7.48
CA ILE A 693 -33.12 5.61 8.38
C ILE A 693 -33.53 6.90 7.66
N MET A 694 -34.45 7.66 8.28
CA MET A 694 -35.01 8.85 7.65
C MET A 694 -34.85 10.06 8.57
N ASN A 695 -34.37 11.16 7.99
CA ASN A 695 -34.22 12.44 8.67
C ASN A 695 -34.83 13.58 7.87
N GLU A 696 -35.83 14.24 8.47
CA GLU A 696 -36.45 15.41 7.86
C GLU A 696 -35.63 16.66 8.18
N SER A 697 -35.65 17.64 7.27
CA SER A 697 -35.03 18.95 7.47
C SER A 697 -35.70 19.72 8.62
N GLY A 698 -37.01 19.52 8.81
CA GLY A 698 -37.76 20.12 9.90
C GLY A 698 -38.70 21.24 9.47
N ASP A 699 -38.39 21.91 8.34
CA ASP A 699 -39.23 22.96 7.77
C ASP A 699 -40.25 22.45 6.74
N GLY A 700 -40.31 21.13 6.54
CA GLY A 700 -41.29 20.49 5.67
C GLY A 700 -40.96 20.52 4.18
N THR A 701 -39.73 20.97 3.86
CA THR A 701 -39.24 21.16 2.51
C THR A 701 -38.36 20.02 1.97
N ALA A 702 -37.76 19.24 2.89
CA ALA A 702 -36.80 18.21 2.51
C ALA A 702 -36.70 17.04 3.50
N MET A 703 -36.19 15.91 2.99
CA MET A 703 -35.82 14.76 3.81
C MET A 703 -34.75 13.91 3.14
N ASP A 704 -33.87 13.34 3.97
CA ASP A 704 -32.86 12.38 3.52
C ASP A 704 -33.25 10.98 4.00
N ILE A 705 -33.08 9.98 3.12
CA ILE A 705 -33.42 8.60 3.41
C ILE A 705 -32.26 7.71 3.02
N THR A 706 -31.85 6.83 3.94
CA THR A 706 -30.92 5.74 3.67
C THR A 706 -31.71 4.44 3.81
N LEU A 707 -31.67 3.60 2.77
CA LEU A 707 -32.28 2.30 2.86
C LEU A 707 -31.23 1.24 2.50
N ASN A 708 -31.41 0.04 3.06
CA ASN A 708 -30.51 -1.09 2.80
C ASN A 708 -31.32 -2.35 2.85
N ASN A 709 -31.39 -3.06 1.71
CA ASN A 709 -32.10 -4.34 1.69
C ASN A 709 -31.24 -5.46 1.13
N TYR A 710 -29.93 -5.38 1.39
CA TYR A 710 -28.93 -6.28 0.79
C TYR A 710 -29.26 -7.72 1.17
N ARG A 711 -29.38 -8.58 0.15
CA ARG A 711 -29.64 -10.03 0.35
C ARG A 711 -29.01 -10.81 -0.80
N VAL A 712 -28.15 -11.76 -0.44
CA VAL A 712 -27.56 -12.69 -1.39
C VAL A 712 -28.54 -13.86 -1.52
N ASN A 713 -28.80 -14.30 -2.76
CA ASN A 713 -29.55 -15.52 -3.01
C ASN A 713 -28.64 -16.75 -2.84
N LYS A 714 -29.01 -17.62 -1.90
CA LYS A 714 -28.31 -18.88 -1.65
C LYS A 714 -29.02 -20.10 -2.27
N ASP A 715 -30.20 -19.90 -2.84
CA ASP A 715 -31.07 -21.00 -3.26
C ASP A 715 -30.37 -22.02 -4.15
N GLU A 716 -29.63 -21.55 -5.16
CA GLU A 716 -28.97 -22.41 -6.14
C GLU A 716 -27.60 -22.90 -5.69
N ILE A 717 -26.78 -21.97 -5.21
CA ILE A 717 -25.41 -22.28 -4.85
C ILE A 717 -25.30 -23.13 -3.58
N ILE A 718 -26.08 -22.79 -2.55
CA ILE A 718 -26.05 -23.53 -1.29
C ILE A 718 -26.98 -24.74 -1.26
N PHE A 719 -28.26 -24.50 -1.48
CA PHE A 719 -29.29 -25.49 -1.21
C PHE A 719 -29.48 -26.49 -2.34
N ASP A 720 -29.59 -26.00 -3.58
CA ASP A 720 -29.53 -26.90 -4.74
C ASP A 720 -28.11 -27.44 -4.94
N ASN A 721 -27.12 -26.73 -4.38
CA ASN A 721 -25.72 -27.17 -4.35
C ASN A 721 -25.15 -27.38 -5.74
N LYS A 722 -25.32 -26.38 -6.61
CA LYS A 722 -25.01 -26.53 -8.04
C LYS A 722 -23.53 -26.82 -8.34
N PHE A 723 -22.63 -26.49 -7.41
CA PHE A 723 -21.19 -26.77 -7.56
C PHE A 723 -20.73 -28.07 -6.90
N GLY A 724 -21.68 -28.81 -6.31
CA GLY A 724 -21.44 -30.15 -5.80
C GLY A 724 -20.47 -30.19 -4.63
N LEU A 725 -20.62 -29.25 -3.69
CA LEU A 725 -19.85 -29.27 -2.44
C LEU A 725 -20.37 -30.40 -1.56
N THR A 726 -19.57 -30.76 -0.57
CA THR A 726 -19.85 -31.86 0.33
C THR A 726 -20.25 -31.24 1.66
N TRP A 727 -21.53 -31.37 1.98
CA TRP A 727 -22.11 -30.80 3.20
C TRP A 727 -22.43 -31.91 4.19
N THR A 728 -21.41 -32.36 4.91
CA THR A 728 -21.54 -33.43 5.90
C THR A 728 -20.68 -33.10 7.12
N GLY A 729 -20.85 -33.88 8.20
CA GLY A 729 -20.14 -33.74 9.45
C GLY A 729 -18.87 -34.57 9.56
N ASP A 730 -18.48 -35.22 8.47
CA ASP A 730 -17.36 -36.18 8.42
C ASP A 730 -16.07 -35.47 8.05
N PHE A 731 -14.94 -36.09 8.40
CA PHE A 731 -13.62 -35.66 7.94
C PHE A 731 -13.29 -36.43 6.66
N SER A 732 -12.57 -35.79 5.75
CA SER A 732 -12.09 -36.39 4.52
C SER A 732 -10.60 -36.69 4.69
N PRO A 733 -10.00 -37.55 3.83
CA PRO A 733 -8.60 -37.95 3.98
C PRO A 733 -7.61 -36.78 4.13
N GLY A 734 -6.83 -36.79 5.23
CA GLY A 734 -5.80 -35.80 5.47
C GLY A 734 -6.26 -34.43 6.00
N GLN A 735 -7.58 -34.27 6.21
CA GLN A 735 -8.20 -33.02 6.70
C GLN A 735 -8.40 -33.02 8.20
N THR A 736 -8.14 -31.87 8.83
CA THR A 736 -8.43 -31.68 10.25
C THR A 736 -9.68 -30.83 10.47
N THR A 737 -10.36 -30.48 9.37
CA THR A 737 -11.61 -29.74 9.38
C THR A 737 -12.67 -30.56 8.65
N ILE A 738 -13.87 -30.64 9.23
CA ILE A 738 -15.00 -31.34 8.64
C ILE A 738 -15.48 -30.69 7.33
N ASN A 739 -16.03 -31.54 6.46
CA ASN A 739 -16.44 -31.15 5.11
C ASN A 739 -17.41 -29.97 5.07
N GLY A 740 -18.43 -30.00 5.94
CA GLY A 740 -19.43 -28.94 6.03
C GLY A 740 -18.80 -27.57 6.17
N LYS A 741 -17.80 -27.47 7.06
CA LYS A 741 -17.05 -26.23 7.29
C LYS A 741 -16.22 -25.83 6.07
N LEU A 742 -15.47 -26.80 5.53
CA LEU A 742 -14.64 -26.54 4.36
C LEU A 742 -15.48 -25.99 3.22
N SER A 743 -16.72 -26.49 3.11
CA SER A 743 -17.66 -26.07 2.08
C SER A 743 -18.12 -24.61 2.26
N VAL A 744 -18.43 -24.23 3.51
CA VAL A 744 -18.72 -22.84 3.84
C VAL A 744 -17.56 -21.95 3.37
N TYR A 745 -16.34 -22.36 3.71
CA TYR A 745 -15.09 -21.62 3.38
C TYR A 745 -14.95 -21.53 1.86
N LYS A 746 -15.23 -22.61 1.14
CA LYS A 746 -15.12 -22.65 -0.32
C LYS A 746 -16.13 -21.70 -0.94
N TYR A 747 -17.35 -21.70 -0.41
CA TYR A 747 -18.44 -20.77 -0.80
C TYR A 747 -17.91 -19.34 -0.68
N MET A 748 -17.33 -18.99 0.47
CA MET A 748 -16.88 -17.63 0.73
C MET A 748 -15.64 -17.24 -0.06
N ASP A 749 -14.75 -18.21 -0.31
CA ASP A 749 -13.51 -18.00 -1.07
C ASP A 749 -13.69 -17.91 -2.59
N GLU A 750 -14.67 -18.64 -3.14
CA GLU A 750 -14.79 -18.83 -4.60
C GLU A 750 -16.10 -18.35 -5.23
N TYR A 751 -17.22 -18.48 -4.51
CA TYR A 751 -18.59 -18.41 -5.08
C TYR A 751 -19.39 -17.21 -4.55
N ASN A 752 -18.80 -16.38 -3.68
CA ASN A 752 -19.55 -15.30 -3.02
C ASN A 752 -18.56 -14.20 -2.58
N VAL A 753 -17.82 -13.66 -3.54
CA VAL A 753 -16.64 -12.84 -3.29
C VAL A 753 -16.87 -11.39 -3.71
N VAL A 754 -16.68 -10.46 -2.76
CA VAL A 754 -16.77 -9.03 -3.03
C VAL A 754 -15.63 -8.59 -3.96
N ASN A 755 -15.98 -7.86 -5.02
CA ASN A 755 -15.08 -7.50 -6.10
C ASN A 755 -14.31 -8.71 -6.59
N ALA A 756 -15.06 -9.74 -7.00
CA ALA A 756 -14.50 -11.02 -7.38
C ALA A 756 -13.46 -10.84 -8.47
N PRO A 757 -12.18 -11.26 -8.24
CA PRO A 757 -11.19 -11.32 -9.32
C PRO A 757 -11.53 -12.42 -10.33
N GLU A 758 -10.76 -12.52 -11.41
CA GLU A 758 -11.01 -13.52 -12.45
C GLU A 758 -10.95 -14.92 -11.86
N GLY A 759 -11.89 -15.78 -12.30
CA GLY A 759 -12.03 -17.14 -11.82
C GLY A 759 -12.81 -17.32 -10.52
N LYS A 760 -13.40 -16.22 -10.01
CA LYS A 760 -14.25 -16.26 -8.82
C LYS A 760 -15.54 -15.56 -9.17
N LEU A 761 -16.60 -15.85 -8.40
CA LEU A 761 -17.92 -15.31 -8.66
C LEU A 761 -18.26 -14.12 -7.74
N SER A 762 -18.80 -13.07 -8.35
CA SER A 762 -19.46 -11.99 -7.64
C SER A 762 -20.65 -12.59 -6.87
N PRO A 763 -21.08 -11.98 -5.75
CA PRO A 763 -22.23 -12.49 -5.00
C PRO A 763 -23.52 -12.46 -5.83
N GLU A 764 -24.38 -13.47 -5.67
CA GLU A 764 -25.70 -13.53 -6.29
C GLU A 764 -26.67 -12.56 -5.64
N ASP A 765 -26.51 -11.27 -5.98
CA ASP A 765 -27.19 -10.18 -5.31
C ASP A 765 -27.86 -9.18 -6.28
N ASN A 766 -28.07 -9.59 -7.53
CA ASN A 766 -28.46 -8.70 -8.61
C ASN A 766 -29.97 -8.62 -8.91
N GLU A 767 -30.76 -9.53 -8.32
CA GLU A 767 -32.22 -9.42 -8.31
C GLU A 767 -32.65 -8.30 -7.33
N LEU A 768 -33.30 -7.27 -7.89
CA LEU A 768 -33.72 -6.08 -7.14
C LEU A 768 -35.16 -6.22 -6.69
N ARG A 769 -35.48 -5.54 -5.58
CA ARG A 769 -36.85 -5.46 -5.03
C ARG A 769 -37.21 -3.98 -4.85
N THR A 770 -38.51 -3.69 -4.88
CA THR A 770 -39.06 -2.36 -4.94
C THR A 770 -39.37 -1.82 -3.55
N THR A 771 -39.00 -0.55 -3.31
CA THR A 771 -39.48 0.21 -2.17
C THR A 771 -40.25 1.40 -2.75
N THR A 772 -41.43 1.69 -2.17
CA THR A 772 -42.23 2.84 -2.59
C THR A 772 -42.50 3.83 -1.45
N PHE A 773 -42.51 5.12 -1.81
CA PHE A 773 -42.75 6.23 -0.91
C PHE A 773 -43.92 7.05 -1.47
N GLU A 774 -44.97 7.23 -0.66
CA GLU A 774 -46.11 8.09 -1.03
C GLU A 774 -46.14 9.29 -0.10
N LEU A 775 -46.06 10.48 -0.71
CA LEU A 775 -46.07 11.74 0.01
C LEU A 775 -47.34 12.54 -0.34
N THR A 776 -48.08 12.94 0.70
CA THR A 776 -49.36 13.67 0.56
C THR A 776 -49.47 14.72 1.68
N LYS A 777 -50.20 15.83 1.46
CA LYS A 777 -50.71 16.27 0.15
C LYS A 777 -49.80 17.41 -0.30
N LEU A 778 -49.28 17.31 -1.53
CA LEU A 778 -48.34 18.28 -2.10
C LEU A 778 -49.03 19.13 -3.18
N ALA A 779 -48.51 20.34 -3.38
CA ALA A 779 -48.99 21.27 -4.41
C ALA A 779 -48.28 21.05 -5.75
N LYS A 780 -47.03 20.58 -5.69
CA LYS A 780 -46.21 20.29 -6.88
C LYS A 780 -45.29 19.06 -6.70
N GLU A 781 -44.78 18.57 -7.84
CA GLU A 781 -43.90 17.41 -7.90
C GLU A 781 -42.62 17.67 -7.12
N PRO A 782 -42.22 16.77 -6.19
CA PRO A 782 -40.93 16.89 -5.51
C PRO A 782 -39.76 16.38 -6.35
N LYS A 783 -38.54 16.76 -5.96
CA LYS A 783 -37.31 16.35 -6.62
C LYS A 783 -36.61 15.28 -5.79
N VAL A 784 -36.11 14.24 -6.47
CA VAL A 784 -35.42 13.12 -5.84
C VAL A 784 -34.11 12.90 -6.56
N GLN A 785 -33.09 12.51 -5.80
CA GLN A 785 -31.81 12.10 -6.36
C GLN A 785 -31.06 11.17 -5.42
N VAL A 786 -30.24 10.30 -6.02
CA VAL A 786 -29.36 9.41 -5.30
C VAL A 786 -28.12 10.22 -5.02
N VAL A 787 -27.83 10.45 -3.73
CA VAL A 787 -26.60 11.12 -3.30
C VAL A 787 -25.42 10.18 -3.47
N LYS A 788 -25.56 8.96 -2.92
CA LYS A 788 -24.62 7.86 -3.08
C LYS A 788 -25.41 6.55 -3.07
N GLY A 789 -24.89 5.54 -3.79
CA GLY A 789 -25.49 4.23 -3.82
C GLY A 789 -24.45 3.13 -3.88
N GLN A 790 -24.85 1.93 -3.44
CA GLN A 790 -24.00 0.76 -3.54
C GLN A 790 -23.62 0.50 -5.00
N GLN A 791 -22.32 0.35 -5.26
CA GLN A 791 -21.76 0.24 -6.61
C GLN A 791 -21.75 -1.22 -7.08
N PRO A 792 -21.65 -1.48 -8.40
CA PRO A 792 -21.66 -2.86 -8.90
C PRO A 792 -20.49 -3.71 -8.38
N ASP A 793 -20.63 -5.04 -8.35
CA ASP A 793 -19.47 -5.92 -8.20
C ASP A 793 -18.79 -5.97 -9.58
N THR A 794 -17.76 -6.82 -9.72
CA THR A 794 -16.97 -6.91 -10.95
C THR A 794 -17.73 -7.45 -12.17
N ASP A 795 -18.94 -8.00 -11.95
CA ASP A 795 -19.80 -8.47 -13.04
C ASP A 795 -20.59 -7.33 -13.71
N GLY A 796 -20.45 -6.11 -13.20
CA GLY A 796 -21.03 -4.93 -13.81
C GLY A 796 -22.51 -4.67 -13.58
N GLN A 797 -23.19 -5.58 -12.86
CA GLN A 797 -24.65 -5.49 -12.66
C GLN A 797 -24.99 -4.47 -11.56
N PRO A 798 -26.01 -3.61 -11.79
CA PRO A 798 -26.37 -2.56 -10.84
C PRO A 798 -27.07 -3.07 -9.57
N GLN A 799 -26.87 -2.35 -8.44
CA GLN A 799 -27.48 -2.70 -7.18
C GLN A 799 -28.71 -1.83 -6.86
N TYR A 800 -28.93 -0.81 -7.69
CA TYR A 800 -30.15 0.06 -7.65
C TYR A 800 -30.45 0.57 -9.07
N THR A 801 -31.71 0.98 -9.29
CA THR A 801 -32.12 1.73 -10.48
C THR A 801 -32.43 3.15 -10.07
N GLU A 802 -32.47 4.06 -11.05
CA GLU A 802 -32.74 5.48 -10.80
C GLU A 802 -34.17 5.62 -10.28
N PRO A 803 -34.40 6.46 -9.25
CA PRO A 803 -35.75 6.64 -8.70
C PRO A 803 -36.69 7.28 -9.74
N LYS A 804 -37.96 6.85 -9.73
CA LYS A 804 -39.01 7.40 -10.59
C LYS A 804 -40.04 8.10 -9.73
N VAL A 805 -40.46 9.29 -10.20
CA VAL A 805 -41.45 10.11 -9.52
C VAL A 805 -42.68 10.27 -10.42
N GLU A 806 -43.83 9.76 -9.93
CA GLU A 806 -45.15 10.07 -10.48
C GLU A 806 -45.85 11.01 -9.51
N PHE A 807 -46.37 12.13 -10.05
CA PHE A 807 -47.16 13.10 -9.27
C PHE A 807 -48.50 13.32 -9.94
N ASN A 808 -49.57 13.18 -9.14
CA ASN A 808 -50.95 13.42 -9.57
C ASN A 808 -51.36 14.85 -9.20
N GLU A 809 -51.65 15.67 -10.22
CA GLU A 809 -52.05 17.07 -10.03
C GLU A 809 -53.29 17.26 -9.14
N GLU A 810 -54.34 16.49 -9.44
CA GLU A 810 -55.68 16.71 -8.87
C GLU A 810 -55.81 16.21 -7.44
N THR A 811 -55.03 15.19 -7.07
CA THR A 811 -54.83 14.81 -5.68
C THR A 811 -53.45 15.33 -5.28
N GLY A 812 -53.14 15.27 -3.99
CA GLY A 812 -51.84 15.67 -3.50
C GLY A 812 -50.68 14.71 -3.74
N LYS A 813 -50.97 13.50 -4.23
CA LYS A 813 -50.09 12.34 -4.10
C LYS A 813 -48.92 12.27 -5.08
N ALA A 814 -47.70 12.32 -4.50
CA ALA A 814 -46.45 11.99 -5.18
C ALA A 814 -46.03 10.59 -4.76
N VAL A 815 -45.70 9.75 -5.76
CA VAL A 815 -45.20 8.39 -5.53
C VAL A 815 -43.80 8.25 -6.10
N ILE A 816 -42.87 7.88 -5.22
CA ILE A 816 -41.48 7.65 -5.56
C ILE A 816 -41.19 6.15 -5.45
N THR A 817 -40.60 5.59 -6.52
CA THR A 817 -40.34 4.17 -6.68
C THR A 817 -38.87 3.95 -6.96
N ILE A 818 -38.30 2.93 -6.31
CA ILE A 818 -36.92 2.55 -6.52
C ILE A 818 -36.78 1.05 -6.37
N GLN A 819 -35.86 0.48 -7.14
CA GLN A 819 -35.51 -0.93 -7.04
C GLN A 819 -34.07 -1.03 -6.58
N THR A 820 -33.87 -1.82 -5.51
CA THR A 820 -32.56 -1.96 -4.88
C THR A 820 -32.32 -3.40 -4.43
N ASN A 821 -31.04 -3.75 -4.36
CA ASN A 821 -30.55 -4.83 -3.53
C ASN A 821 -29.22 -4.37 -2.96
N GLY A 822 -29.29 -3.76 -1.77
CA GLY A 822 -28.17 -3.08 -1.18
C GLY A 822 -28.65 -1.75 -0.63
N TRP A 823 -27.70 -0.82 -0.46
CA TRP A 823 -27.98 0.48 0.13
C TRP A 823 -28.00 1.63 -0.87
N VAL A 824 -28.89 2.59 -0.62
CA VAL A 824 -28.89 3.89 -1.30
C VAL A 824 -29.18 4.99 -0.28
N ASP A 825 -28.54 6.15 -0.50
CA ASP A 825 -28.86 7.40 0.17
C ASP A 825 -29.64 8.28 -0.81
N LEU A 826 -30.92 8.53 -0.49
CA LEU A 826 -31.79 9.39 -1.27
C LEU A 826 -31.94 10.74 -0.59
N SER A 827 -32.12 11.78 -1.42
CA SER A 827 -32.43 13.11 -0.93
C SER A 827 -33.64 13.62 -1.70
N ILE A 828 -34.71 13.93 -0.95
CA ILE A 828 -35.96 14.45 -1.50
C ILE A 828 -36.07 15.91 -1.11
N THR A 829 -36.28 16.77 -2.12
CA THR A 829 -36.33 18.23 -1.94
C THR A 829 -37.51 18.85 -2.73
N GLY A 830 -37.84 20.10 -2.39
CA GLY A 830 -38.93 20.84 -3.03
C GLY A 830 -40.31 20.37 -2.61
N LEU A 831 -40.43 19.95 -1.34
CA LEU A 831 -41.69 19.51 -0.77
C LEU A 831 -42.53 20.74 -0.36
N GLU A 832 -43.68 20.90 -1.02
CA GLU A 832 -44.63 21.94 -0.68
C GLU A 832 -45.93 21.29 -0.25
N PHE A 833 -46.05 21.01 1.05
CA PHE A 833 -47.26 20.43 1.65
C PHE A 833 -48.36 21.48 1.82
N VAL A 834 -49.60 21.10 1.50
CA VAL A 834 -50.80 21.90 1.77
C VAL A 834 -51.82 21.06 2.56
N TYR A 835 -52.85 21.73 3.12
CA TYR A 835 -53.84 21.09 4.03
C TYR A 835 -54.52 19.93 3.31
N ASP A 836 -54.56 18.75 3.95
CA ASP A 836 -55.19 17.54 3.46
C ASP A 836 -56.24 17.10 4.48
N GLU A 837 -57.51 17.33 4.17
CA GLU A 837 -58.61 16.95 5.05
C GLU A 837 -58.78 15.43 5.16
N ASN A 838 -58.24 14.68 4.19
CA ASN A 838 -58.33 13.21 4.17
C ASN A 838 -57.12 12.47 4.77
N ALA A 839 -56.17 13.20 5.34
CA ALA A 839 -54.90 12.65 5.82
C ALA A 839 -55.14 11.53 6.82
N GLN A 840 -54.44 10.42 6.62
CA GLN A 840 -54.49 9.27 7.51
C GLN A 840 -54.35 9.73 8.98
N LYS A 841 -55.32 9.30 9.82
CA LYS A 841 -55.28 9.56 11.25
C LYS A 841 -54.24 8.64 11.91
N ILE A 842 -53.31 9.24 12.67
CA ILE A 842 -52.29 8.51 13.43
C ILE A 842 -52.87 8.22 14.86
N GLU A 843 -53.59 7.09 14.98
CA GLU A 843 -54.28 6.70 16.20
C GLU A 843 -54.51 5.19 16.25
N ASP A 844 -54.93 4.71 17.43
CA ASP A 844 -55.27 3.29 17.66
C ASP A 844 -56.68 3.03 17.08
N GLU A 845 -57.03 1.74 16.97
CA GLU A 845 -58.34 1.25 16.54
C GLU A 845 -59.27 1.09 17.74
N PRO A 846 -60.60 1.26 17.57
CA PRO A 846 -61.51 1.50 18.70
C PRO A 846 -61.60 0.36 19.73
N LYS B 1 9.42 -1.02 -0.57
CA LYS B 1 10.03 -2.31 -0.99
C LYS B 1 11.41 -2.08 -1.60
N ALA B 2 12.39 -2.87 -1.16
CA ALA B 2 13.76 -2.79 -1.65
C ALA B 2 14.03 -3.74 -2.81
N PRO B 3 14.96 -3.40 -3.72
CA PRO B 3 15.37 -4.33 -4.78
C PRO B 3 16.15 -5.49 -4.19
N PRO B 4 16.33 -6.60 -4.93
CA PRO B 4 17.01 -7.79 -4.40
C PRO B 4 18.49 -7.62 -3.99
N LEU B 5 19.25 -6.77 -4.68
CA LEU B 5 20.65 -6.49 -4.30
C LEU B 5 20.71 -5.38 -3.25
N VAL B 6 21.31 -5.69 -2.10
CA VAL B 6 21.41 -4.73 -1.00
C VAL B 6 22.82 -4.67 -0.46
N ASN B 7 23.12 -3.56 0.22
CA ASN B 7 24.33 -3.46 1.02
C ASN B 7 24.14 -4.21 2.33
N LEU B 8 24.53 -5.50 2.33
CA LEU B 8 24.43 -6.37 3.52
C LEU B 8 25.19 -5.83 4.71
N ALA B 9 26.32 -5.17 4.47
CA ALA B 9 27.12 -4.59 5.56
C ALA B 9 26.29 -3.57 6.34
N GLU B 10 25.44 -2.84 5.61
CA GLU B 10 24.59 -1.81 6.18
C GLU B 10 23.28 -2.37 6.77
N GLU B 11 22.69 -3.37 6.12
CA GLU B 11 21.37 -3.90 6.52
C GLU B 11 21.42 -4.88 7.69
N LYS B 12 22.48 -5.67 7.78
CA LYS B 12 22.58 -6.71 8.80
C LYS B 12 23.20 -6.16 10.07
N ASP B 13 22.95 -6.87 11.17
CA ASP B 13 23.57 -6.56 12.46
C ASP B 13 24.95 -7.21 12.44
N VAL B 14 25.92 -6.47 11.88
CA VAL B 14 27.27 -6.99 11.66
C VAL B 14 28.13 -6.90 12.92
N LYS B 15 29.16 -7.75 12.97
CA LYS B 15 30.20 -7.70 14.01
C LYS B 15 31.53 -7.34 13.35
N VAL B 16 32.24 -6.37 13.92
CA VAL B 16 33.52 -5.91 13.38
C VAL B 16 34.64 -6.32 14.32
N THR B 17 35.69 -6.93 13.77
CA THR B 17 36.87 -7.35 14.55
C THR B 17 38.16 -6.94 13.86
N VAL B 18 39.23 -6.97 14.64
CA VAL B 18 40.59 -6.71 14.15
C VAL B 18 41.52 -7.79 14.71
N GLY B 19 42.72 -7.89 14.14
CA GLY B 19 43.67 -8.93 14.54
C GLY B 19 44.29 -8.65 15.88
N GLU B 20 45.08 -9.62 16.34
CA GLU B 20 45.94 -9.48 17.50
C GLU B 20 46.87 -8.28 17.34
N ASN B 21 47.12 -7.58 18.46
CA ASN B 21 47.96 -6.39 18.50
C ASN B 21 47.46 -5.28 17.56
N MET B 22 46.14 -5.06 17.60
CA MET B 22 45.49 -3.97 16.86
C MET B 22 44.40 -3.38 17.72
N ASP B 23 44.28 -2.05 17.68
CA ASP B 23 43.25 -1.29 18.41
C ASP B 23 42.18 -0.87 17.40
N LEU B 24 40.91 -1.00 17.80
CA LEU B 24 39.75 -0.68 16.97
C LEU B 24 39.00 0.49 17.60
N LYS B 25 38.73 1.51 16.79
CA LYS B 25 38.02 2.70 17.23
C LYS B 25 36.90 3.04 16.24
N ASN B 26 35.71 3.36 16.78
CA ASN B 26 34.54 3.80 16.00
C ASN B 26 34.16 2.81 14.90
N ALA B 27 33.99 1.54 15.27
CA ALA B 27 33.59 0.47 14.35
C ALA B 27 32.32 0.74 13.52
N ASP B 28 31.35 1.43 14.13
CA ASP B 28 30.06 1.76 13.49
C ASP B 28 30.19 2.58 12.19
N LEU B 29 31.27 3.35 12.07
CA LEU B 29 31.50 4.19 10.90
C LEU B 29 31.77 3.38 9.63
N LEU B 30 32.27 2.14 9.80
CA LEU B 30 32.61 1.27 8.67
C LEU B 30 31.41 0.93 7.76
N THR B 31 30.22 0.79 8.38
CA THR B 31 29.04 0.28 7.71
C THR B 31 27.81 1.19 7.90
N ASP B 32 28.06 2.50 7.97
CA ASP B 32 26.99 3.49 8.19
C ASP B 32 26.39 4.07 6.88
N GLY B 33 26.87 3.62 5.73
CA GLY B 33 26.40 4.08 4.44
C GLY B 33 26.88 5.45 4.06
N ASP B 34 27.78 6.03 4.87
CA ASP B 34 28.28 7.38 4.63
C ASP B 34 29.75 7.31 4.24
N LYS B 35 30.07 7.80 3.03
CA LYS B 35 31.44 7.91 2.53
C LYS B 35 32.06 9.30 2.55
N TYR B 36 31.28 10.32 2.92
CA TYR B 36 31.62 11.75 2.73
C TYR B 36 31.61 12.57 4.04
N TYR B 37 30.71 12.27 4.98
CA TYR B 37 30.64 12.90 6.33
C TYR B 37 30.44 14.41 6.14
N LEU B 38 29.51 14.76 5.25
CA LEU B 38 29.08 16.15 5.10
C LEU B 38 28.32 16.55 6.37
N GLN B 39 28.50 17.81 6.80
CA GLN B 39 27.93 18.29 8.04
C GLN B 39 26.91 19.44 7.89
N HIS B 40 26.83 20.04 6.70
CA HIS B 40 26.02 21.24 6.48
C HIS B 40 25.00 21.06 5.36
N ASP B 41 24.48 19.84 5.24
CA ASP B 41 23.44 19.48 4.27
C ASP B 41 22.21 20.41 4.37
N ALA B 42 21.86 20.80 5.61
CA ALA B 42 20.69 21.62 5.88
C ALA B 42 20.79 23.07 5.38
N THR B 43 22.03 23.54 5.15
CA THR B 43 22.29 24.88 4.61
C THR B 43 23.03 24.85 3.28
N GLY B 44 22.67 23.91 2.39
CA GLY B 44 23.23 23.81 1.05
C GLY B 44 24.71 23.46 1.00
N ASN B 45 25.20 22.80 2.07
CA ASN B 45 26.60 22.42 2.23
C ASN B 45 27.55 23.60 2.21
N LYS B 46 27.03 24.75 2.66
CA LYS B 46 27.80 25.97 2.90
C LYS B 46 27.66 26.41 4.36
N GLU B 47 28.75 26.99 4.88
CA GLU B 47 28.72 27.78 6.11
C GLU B 47 29.17 29.16 5.71
N GLY B 48 28.24 30.12 5.77
CA GLY B 48 28.44 31.44 5.21
C GLY B 48 28.36 31.32 3.70
N ASN B 49 29.30 31.96 3.01
CA ASN B 49 29.40 31.92 1.55
C ASN B 49 30.42 30.88 1.04
N ASN B 50 30.91 30.02 1.93
CA ASN B 50 31.93 29.03 1.61
C ASN B 50 31.40 27.59 1.66
N TRP B 51 31.76 26.80 0.64
CA TRP B 51 31.53 25.36 0.69
C TRP B 51 32.23 24.75 1.92
N GLU B 52 31.56 23.82 2.60
CA GLU B 52 32.16 23.15 3.75
C GLU B 52 33.38 22.32 3.32
N ASN B 53 34.36 22.23 4.22
CA ASN B 53 35.57 21.47 3.97
C ASN B 53 35.28 19.99 3.98
N TYR B 54 36.18 19.24 3.33
CA TYR B 54 36.18 17.75 3.32
C TYR B 54 36.96 17.26 4.56
N GLN B 55 36.22 16.71 5.55
CA GLN B 55 36.77 16.22 6.81
C GLN B 55 36.48 14.72 6.93
N GLU B 56 37.55 13.94 6.80
CA GLU B 56 37.46 12.48 6.68
C GLU B 56 37.35 11.81 8.04
N GLN B 57 36.23 11.11 8.27
CA GLN B 57 36.01 10.31 9.46
C GLN B 57 35.98 8.89 9.03
N GLY B 58 36.16 7.97 9.98
CA GLY B 58 36.06 6.56 9.70
C GLY B 58 36.56 5.70 10.82
N THR B 59 36.41 4.38 10.65
CA THR B 59 36.83 3.40 11.62
C THR B 59 38.35 3.33 11.58
N GLU B 60 39.00 3.57 12.72
CA GLU B 60 40.46 3.57 12.81
C GLU B 60 40.97 2.27 13.42
N VAL B 61 41.89 1.61 12.70
CA VAL B 61 42.55 0.41 13.19
C VAL B 61 44.02 0.74 13.21
N THR B 62 44.65 0.46 14.35
CA THR B 62 46.04 0.83 14.62
C THR B 62 46.84 -0.39 15.10
N SER B 63 47.94 -0.68 14.42
CA SER B 63 48.86 -1.72 14.83
C SER B 63 49.64 -1.27 16.07
N THR B 64 49.71 -2.15 17.08
CA THR B 64 50.54 -1.97 18.27
C THR B 64 51.73 -2.93 18.32
N ALA B 65 51.98 -3.65 17.22
CA ALA B 65 53.15 -4.53 17.10
C ALA B 65 54.30 -3.78 16.46
N GLU B 66 55.43 -3.69 17.16
CA GLU B 66 56.62 -2.98 16.73
C GLU B 66 57.12 -3.48 15.36
N GLY B 67 57.41 -2.54 14.46
CA GLY B 67 57.96 -2.84 13.15
C GLY B 67 57.01 -3.56 12.22
N LYS B 68 55.70 -3.47 12.51
CA LYS B 68 54.69 -4.12 11.71
C LYS B 68 53.46 -3.24 11.67
N ASN B 69 53.33 -2.44 10.61
CA ASN B 69 52.27 -1.43 10.47
C ASN B 69 50.97 -1.92 9.82
N GLY B 70 51.03 -3.07 9.13
CA GLY B 70 49.87 -3.69 8.48
C GLY B 70 48.76 -3.99 9.45
N VAL B 71 47.51 -3.65 9.07
CA VAL B 71 46.35 -3.96 9.89
C VAL B 71 45.34 -4.70 9.06
N TRP B 72 44.36 -5.29 9.75
CA TRP B 72 43.14 -5.74 9.10
C TRP B 72 41.91 -5.45 9.90
N VAL B 73 40.77 -5.40 9.20
CA VAL B 73 39.45 -5.24 9.79
C VAL B 73 38.56 -6.30 9.15
N GLN B 74 37.69 -6.92 9.96
CA GLN B 74 36.80 -7.99 9.48
C GLN B 74 35.35 -7.73 9.86
N VAL B 75 34.46 -8.04 8.92
CA VAL B 75 33.02 -7.90 9.09
C VAL B 75 32.43 -9.30 9.03
N ASP B 76 31.63 -9.64 10.06
CA ASP B 76 30.84 -10.86 10.12
C ASP B 76 29.39 -10.43 9.82
N LEU B 77 28.83 -10.92 8.71
CA LEU B 77 27.49 -10.57 8.27
C LEU B 77 26.41 -11.31 9.06
N GLY B 78 26.81 -12.35 9.81
CA GLY B 78 25.94 -13.12 10.68
C GLY B 78 25.39 -14.40 10.08
N ALA B 79 25.42 -14.50 8.75
CA ALA B 79 25.08 -15.69 8.00
C ALA B 79 25.86 -15.62 6.68
N SER B 80 25.83 -16.72 5.90
CA SER B 80 26.48 -16.79 4.59
C SER B 80 25.51 -16.32 3.49
N TYR B 81 25.92 -15.31 2.73
CA TYR B 81 25.09 -14.67 1.67
C TYR B 81 25.86 -14.63 0.35
N PRO B 82 25.16 -14.73 -0.81
CA PRO B 82 25.78 -14.50 -2.12
C PRO B 82 26.23 -13.04 -2.24
N LEU B 83 27.54 -12.81 -2.41
CA LEU B 83 28.12 -11.49 -2.54
C LEU B 83 28.46 -11.25 -3.99
N GLU B 84 28.27 -10.01 -4.47
CA GLU B 84 28.48 -9.63 -5.85
C GLU B 84 29.49 -8.48 -6.01
N VAL B 85 29.41 -7.46 -5.13
CA VAL B 85 30.28 -6.28 -5.21
C VAL B 85 30.80 -5.81 -3.87
N ILE B 86 32.04 -5.31 -3.82
CA ILE B 86 32.60 -4.70 -2.62
C ILE B 86 33.13 -3.32 -2.95
N ASN B 87 32.86 -2.36 -2.07
CA ASN B 87 33.30 -0.99 -2.19
C ASN B 87 34.06 -0.65 -0.92
N LEU B 88 35.36 -0.39 -1.07
CA LEU B 88 36.23 -0.01 0.03
C LEU B 88 36.69 1.40 -0.14
N LYS B 89 36.47 2.23 0.89
CA LYS B 89 37.04 3.56 0.91
C LYS B 89 37.78 3.81 2.19
N ARG B 90 39.03 4.24 2.07
CA ARG B 90 39.88 4.68 3.20
C ARG B 90 40.10 6.19 3.07
N GLN B 91 40.74 6.80 4.08
CA GLN B 91 41.13 8.18 4.05
C GLN B 91 41.90 8.45 2.75
N VAL B 92 41.47 9.47 2.02
CA VAL B 92 41.99 9.79 0.70
C VAL B 92 43.22 10.67 0.80
N TYR B 93 43.17 11.69 1.66
CA TYR B 93 44.18 12.78 1.70
C TYR B 93 45.11 12.62 2.90
N ASP B 94 46.40 12.82 2.66
CA ASP B 94 47.43 12.94 3.67
C ASP B 94 47.34 14.38 4.17
N GLY B 95 46.82 14.57 5.39
CA GLY B 95 46.45 15.87 5.91
C GLY B 95 45.02 16.21 5.51
N GLN B 96 44.70 17.50 5.43
CA GLN B 96 43.38 17.98 4.99
C GLN B 96 43.50 18.62 3.60
N ALA B 97 42.58 18.25 2.71
CA ALA B 97 42.49 18.84 1.38
C ALA B 97 41.94 20.26 1.49
N THR B 98 42.36 21.14 0.58
CA THR B 98 41.82 22.48 0.47
C THR B 98 40.91 22.57 -0.75
N ILE B 99 40.04 23.58 -0.74
CA ILE B 99 39.12 23.85 -1.84
C ILE B 99 39.77 24.91 -2.71
N GLY B 100 40.08 24.54 -3.95
CA GLY B 100 40.74 25.42 -4.90
C GLY B 100 39.98 25.54 -6.19
N ASN B 101 40.63 26.17 -7.16
CA ASN B 101 40.02 26.55 -8.43
C ASN B 101 39.86 25.33 -9.33
N GLY B 102 38.72 25.26 -10.03
CA GLY B 102 38.48 24.22 -11.00
C GLY B 102 38.36 24.79 -12.40
N ASN B 103 37.34 24.32 -13.12
CA ASN B 103 37.08 24.64 -14.51
C ASN B 103 35.57 24.75 -14.66
N PRO B 104 35.00 25.92 -15.05
CA PRO B 104 35.77 27.10 -15.43
C PRO B 104 36.38 27.86 -14.26
N SER B 105 37.52 28.51 -14.52
CA SER B 105 38.29 29.26 -13.55
C SER B 105 37.40 30.33 -12.90
N GLY B 106 37.37 30.32 -11.56
CA GLY B 106 36.61 31.30 -10.80
C GLY B 106 35.24 30.85 -10.34
N GLN B 107 34.70 29.77 -10.95
CA GLN B 107 33.41 29.22 -10.56
C GLN B 107 33.48 27.76 -10.10
N GLY B 108 34.06 26.89 -10.93
CA GLY B 108 34.31 25.51 -10.59
C GLY B 108 35.22 25.40 -9.37
N LYS B 109 34.91 24.46 -8.46
CA LYS B 109 35.75 24.16 -7.31
C LYS B 109 36.17 22.70 -7.36
N ARG B 110 37.45 22.47 -7.02
CA ARG B 110 38.08 21.12 -6.92
C ARG B 110 38.92 21.06 -5.65
N LEU B 111 38.87 19.90 -4.98
CA LEU B 111 39.75 19.59 -3.87
C LEU B 111 41.18 19.46 -4.37
N LYS B 112 42.12 20.00 -3.59
CA LYS B 112 43.54 19.92 -3.84
C LYS B 112 44.21 19.32 -2.61
N GLY B 113 45.27 18.54 -2.84
CA GLY B 113 46.14 18.02 -1.80
C GLY B 113 46.78 16.73 -2.23
N THR B 114 47.48 16.07 -1.30
CA THR B 114 48.25 14.89 -1.62
C THR B 114 47.42 13.67 -1.24
N LYS B 115 47.20 12.79 -2.22
CA LYS B 115 46.41 11.59 -2.05
C LYS B 115 47.29 10.41 -1.67
N ILE B 116 46.73 9.53 -0.82
CA ILE B 116 47.41 8.34 -0.36
C ILE B 116 47.19 7.17 -1.32
N SER B 117 48.28 6.48 -1.64
CA SER B 117 48.24 5.18 -2.30
C SER B 117 48.62 4.11 -1.28
N TYR B 118 47.62 3.38 -0.77
CA TYR B 118 47.80 2.34 0.27
C TYR B 118 48.55 1.15 -0.33
N LYS B 119 49.30 0.41 0.50
CA LYS B 119 49.96 -0.82 0.07
C LYS B 119 49.52 -2.03 0.89
N ASN B 120 49.94 -3.21 0.45
CA ASN B 120 49.63 -4.47 1.12
C ASN B 120 48.14 -4.59 1.43
N THR B 121 47.34 -4.28 0.42
CA THR B 121 45.90 -4.37 0.46
C THR B 121 45.48 -5.73 -0.07
N ALA B 122 44.59 -6.40 0.67
CA ALA B 122 43.96 -7.63 0.22
C ALA B 122 42.53 -7.71 0.77
N ILE B 123 41.65 -8.40 0.03
CA ILE B 123 40.31 -8.72 0.47
C ILE B 123 40.10 -10.23 0.37
N VAL B 124 39.75 -10.85 1.51
CA VAL B 124 39.51 -12.26 1.63
C VAL B 124 38.12 -12.45 2.22
N ILE B 125 37.35 -13.36 1.62
CA ILE B 125 36.01 -13.71 2.05
C ILE B 125 35.94 -15.22 2.28
N GLY B 126 34.99 -15.65 3.12
CA GLY B 126 34.83 -17.04 3.43
C GLY B 126 33.76 -17.32 4.44
N ASN B 127 33.68 -18.57 4.87
CA ASN B 127 32.63 -19.06 5.76
C ASN B 127 33.15 -19.66 7.07
N GLU B 128 34.47 -19.56 7.29
CA GLU B 128 35.09 -19.85 8.58
C GLU B 128 35.56 -18.51 9.16
N GLU B 129 35.33 -18.31 10.46
CA GLU B 129 35.63 -17.06 11.13
C GLU B 129 37.13 -16.68 11.05
N ASP B 130 38.01 -17.69 11.04
CA ASP B 130 39.46 -17.47 10.88
C ASP B 130 39.90 -17.44 9.41
N LEU B 131 38.92 -17.57 8.49
CA LEU B 131 39.16 -17.56 7.06
C LEU B 131 40.21 -18.57 6.55
N SER B 132 40.32 -19.71 7.25
CA SER B 132 41.11 -20.84 6.78
C SER B 132 40.56 -21.43 5.46
N ASP B 133 39.29 -21.13 5.14
CA ASP B 133 38.63 -21.48 3.86
C ASP B 133 38.55 -20.29 2.88
N GLY B 134 39.39 -19.27 3.11
CA GLY B 134 39.28 -17.99 2.46
C GLY B 134 39.46 -18.01 0.96
N GLN B 135 38.67 -17.17 0.27
CA GLN B 135 38.80 -16.97 -1.17
C GLN B 135 39.26 -15.55 -1.36
N ILE B 136 40.31 -15.37 -2.16
CA ILE B 136 40.86 -14.04 -2.45
C ILE B 136 40.03 -13.33 -3.48
N VAL B 137 39.52 -12.15 -3.11
CA VAL B 137 38.81 -11.23 -4.00
C VAL B 137 39.79 -10.25 -4.66
N TYR B 138 40.78 -9.77 -3.89
CA TYR B 138 41.82 -8.79 -4.29
C TYR B 138 43.09 -9.00 -3.45
N TYR B 139 44.25 -8.75 -4.04
CA TYR B 139 45.58 -8.97 -3.41
C TYR B 139 46.64 -8.10 -4.08
N GLU B 140 47.17 -7.15 -3.32
CA GLU B 140 48.25 -6.30 -3.76
C GLU B 140 49.34 -6.33 -2.68
N GLY B 141 50.61 -6.37 -3.11
CA GLY B 141 51.76 -6.34 -2.22
C GLY B 141 52.09 -7.71 -1.66
N ASN B 142 52.35 -7.79 -0.35
CA ASN B 142 52.60 -9.07 0.31
C ASN B 142 52.04 -9.21 1.73
N PRO B 143 50.76 -8.84 1.98
CA PRO B 143 50.18 -9.04 3.30
C PRO B 143 50.13 -10.54 3.59
N THR B 144 50.38 -10.93 4.84
CA THR B 144 50.29 -12.30 5.28
C THR B 144 48.84 -12.78 5.36
N LEU B 145 48.49 -13.70 4.48
CA LEU B 145 47.15 -14.24 4.38
C LEU B 145 46.85 -15.20 5.53
N PRO B 146 45.56 -15.51 5.77
CA PRO B 146 45.19 -16.51 6.78
C PRO B 146 45.81 -17.88 6.44
N ASP B 147 46.19 -18.65 7.47
CA ASP B 147 46.73 -19.99 7.28
C ASP B 147 45.79 -20.79 6.43
N GLY B 148 46.32 -21.43 5.38
CA GLY B 148 45.55 -22.24 4.45
C GLY B 148 44.93 -21.51 3.26
N VAL B 149 45.25 -20.22 3.07
CA VAL B 149 44.84 -19.47 1.89
C VAL B 149 46.08 -19.24 1.01
N LYS B 150 46.01 -19.71 -0.24
CA LYS B 150 47.15 -19.75 -1.13
C LYS B 150 47.37 -18.41 -1.81
N GLN B 151 48.65 -18.04 -1.97
CA GLN B 151 49.07 -16.85 -2.72
C GLN B 151 48.52 -16.93 -4.14
N PRO B 152 47.93 -15.86 -4.69
CA PRO B 152 47.47 -15.88 -6.08
C PRO B 152 48.61 -15.61 -7.07
N GLU B 153 48.52 -16.13 -8.29
CA GLU B 153 49.60 -16.03 -9.29
C GLU B 153 49.83 -14.58 -9.72
N ASN B 154 48.75 -13.87 -10.03
CA ASN B 154 48.78 -12.45 -10.39
C ASN B 154 48.41 -11.56 -9.20
N VAL B 155 49.30 -10.60 -8.95
CA VAL B 155 49.28 -9.72 -7.81
C VAL B 155 49.07 -8.33 -8.40
N SER B 156 48.23 -7.52 -7.76
CA SER B 156 47.97 -6.15 -8.20
C SER B 156 49.05 -5.23 -7.64
N LYS B 157 49.13 -4.04 -8.23
CA LYS B 157 50.00 -2.96 -7.79
C LYS B 157 49.13 -1.91 -7.10
N PRO B 158 49.70 -1.04 -6.24
CA PRO B 158 48.92 -0.01 -5.55
C PRO B 158 48.16 0.91 -6.52
N TYR B 159 47.04 1.45 -6.06
CA TYR B 159 46.25 2.48 -6.77
C TYR B 159 46.14 3.70 -5.85
N GLU B 160 45.82 4.86 -6.43
CA GLU B 160 45.58 6.07 -5.68
C GLU B 160 44.18 6.00 -5.09
N GLU B 161 44.03 6.25 -3.78
CA GLU B 161 42.69 6.27 -3.16
C GLU B 161 41.83 7.35 -3.80
N ALA B 162 40.52 7.07 -3.91
CA ALA B 162 39.59 7.96 -4.57
C ALA B 162 38.39 8.33 -3.70
N MET B 163 37.76 9.45 -4.06
CA MET B 163 36.57 9.98 -3.40
C MET B 163 35.46 8.94 -3.24
N GLY B 164 35.28 8.09 -4.23
CA GLY B 164 34.23 7.08 -4.23
C GLY B 164 34.68 5.69 -3.77
N GLY B 165 35.96 5.57 -3.37
CA GLY B 165 36.57 4.32 -3.00
C GLY B 165 36.90 3.47 -4.20
N GLN B 166 37.19 2.19 -3.96
CA GLN B 166 37.51 1.25 -5.01
C GLN B 166 36.40 0.20 -5.06
N TRP B 167 36.20 -0.39 -6.25
CA TRP B 167 35.18 -1.39 -6.49
C TRP B 167 35.80 -2.78 -6.87
N PHE B 168 35.34 -3.84 -6.20
CA PHE B 168 35.82 -5.17 -6.43
C PHE B 168 34.67 -6.10 -6.72
N TYR B 169 34.93 -7.12 -7.55
CA TYR B 169 33.92 -8.10 -8.03
C TYR B 169 34.48 -9.51 -7.83
N MET B 170 33.68 -10.52 -8.13
CA MET B 170 33.93 -11.87 -7.70
C MET B 170 34.71 -12.76 -8.68
N ASP B 171 35.28 -12.18 -9.75
CA ASP B 171 36.04 -12.91 -10.75
C ASP B 171 37.51 -12.48 -10.73
N TYR B 172 38.35 -13.27 -10.04
CA TYR B 172 39.78 -12.92 -9.86
C TYR B 172 40.48 -12.85 -11.22
N ALA B 173 40.02 -13.62 -12.21
CA ALA B 173 40.63 -13.60 -13.54
C ALA B 173 40.31 -12.34 -14.35
N ASN B 174 39.30 -11.58 -13.91
CA ASN B 174 38.89 -10.36 -14.57
C ASN B 174 39.58 -9.18 -13.89
N LYS B 175 40.78 -8.84 -14.38
CA LYS B 175 41.62 -7.75 -13.86
C LYS B 175 41.87 -7.86 -12.35
N ASN B 176 42.15 -9.09 -11.89
CA ASN B 176 42.60 -9.35 -10.51
C ASN B 176 41.59 -8.87 -9.49
N GLY B 177 40.31 -8.97 -9.85
CA GLY B 177 39.21 -8.59 -8.99
C GLY B 177 38.66 -7.19 -9.18
N LEU B 178 39.28 -6.38 -10.03
CA LEU B 178 38.83 -5.00 -10.27
C LEU B 178 37.86 -4.89 -11.46
N GLY B 179 37.74 -5.97 -12.22
CA GLY B 179 37.02 -5.99 -13.46
C GLY B 179 35.57 -6.36 -13.23
N ALA B 180 34.68 -5.50 -13.76
CA ALA B 180 33.27 -5.65 -13.54
C ALA B 180 32.78 -6.91 -14.22
N THR B 181 32.00 -7.70 -13.47
CA THR B 181 31.48 -8.98 -13.90
C THR B 181 30.06 -8.86 -14.48
N GLU B 182 29.62 -9.93 -15.14
CA GLU B 182 28.22 -10.11 -15.53
C GLU B 182 27.28 -10.05 -14.30
N LEU B 183 26.09 -9.47 -14.49
CA LEU B 183 25.08 -9.38 -13.44
C LEU B 183 24.90 -10.73 -12.78
N GLY B 184 24.92 -10.76 -11.45
CA GLY B 184 24.70 -11.99 -10.73
C GLY B 184 25.90 -12.93 -10.55
N THR B 185 27.11 -12.44 -10.84
CA THR B 185 28.34 -13.23 -10.59
C THR B 185 28.67 -13.09 -9.09
N THR B 186 28.41 -14.16 -8.33
CA THR B 186 28.51 -14.13 -6.88
C THR B 186 29.37 -15.22 -6.28
N LYS B 187 29.80 -14.96 -5.04
CA LYS B 187 30.39 -15.97 -4.16
C LYS B 187 29.77 -15.86 -2.78
N GLU B 188 29.49 -17.02 -2.18
CA GLU B 188 28.80 -17.11 -0.91
C GLU B 188 29.80 -16.96 0.24
N ALA B 189 29.55 -16.02 1.16
CA ALA B 189 30.44 -15.78 2.29
C ALA B 189 29.72 -15.12 3.46
N ARG B 190 30.23 -15.38 4.67
CA ARG B 190 29.74 -14.76 5.93
C ARG B 190 30.76 -13.73 6.45
N TYR B 191 32.05 -13.97 6.21
CA TYR B 191 33.17 -13.20 6.82
C TYR B 191 33.95 -12.52 5.69
N ILE B 192 34.21 -11.21 5.86
CA ILE B 192 34.92 -10.41 4.90
C ILE B 192 36.01 -9.65 5.64
N ARG B 193 37.26 -9.92 5.27
CA ARG B 193 38.48 -9.33 5.91
C ARG B 193 39.21 -8.45 4.90
N VAL B 194 39.54 -7.22 5.32
CA VAL B 194 40.31 -6.30 4.52
C VAL B 194 41.65 -6.01 5.22
N TYR B 195 42.75 -6.27 4.50
CA TYR B 195 44.14 -5.97 4.89
C TYR B 195 44.56 -4.62 4.28
N THR B 196 45.30 -3.81 5.04
CA THR B 196 45.86 -2.57 4.53
C THR B 196 47.04 -2.12 5.37
N GLU B 197 48.07 -1.61 4.68
CA GLU B 197 49.16 -0.88 5.33
C GLU B 197 49.21 0.57 4.80
N ASN B 198 49.12 1.53 5.73
CA ASN B 198 49.36 2.92 5.44
C ASN B 198 50.85 3.11 5.18
N PRO B 199 51.26 3.75 4.06
CA PRO B 199 52.67 4.08 3.81
C PRO B 199 53.32 4.89 4.94
N LYS B 200 52.55 5.71 5.66
CA LYS B 200 52.99 6.48 6.82
C LYS B 200 52.25 6.00 8.05
N GLY B 201 52.93 5.23 8.89
CA GLY B 201 52.42 4.91 10.20
C GLY B 201 51.57 3.68 10.31
N ALA B 202 51.08 3.45 11.54
CA ALA B 202 50.55 2.18 12.00
C ALA B 202 49.04 2.12 11.97
N ALA B 203 48.41 3.19 11.47
CA ALA B 203 46.98 3.42 11.56
C ALA B 203 46.40 3.60 10.17
N VAL B 204 45.23 2.99 9.95
CA VAL B 204 44.47 3.11 8.73
C VAL B 204 43.07 3.51 9.15
N LYS B 205 42.53 4.54 8.50
CA LYS B 205 41.15 4.98 8.66
C LYS B 205 40.29 4.41 7.49
N PHE B 206 39.36 3.53 7.84
CA PHE B 206 38.43 2.92 6.90
C PHE B 206 37.12 3.72 6.92
N MET B 207 36.85 4.49 5.87
CA MET B 207 35.66 5.35 5.81
C MET B 207 34.35 4.58 5.51
N GLU B 208 34.47 3.50 4.74
CA GLU B 208 33.32 2.64 4.43
C GLU B 208 33.77 1.31 3.83
N LEU B 209 33.06 0.24 4.19
CA LEU B 209 33.15 -1.04 3.53
C LEU B 209 31.71 -1.45 3.17
N GLY B 210 31.35 -1.24 1.91
CA GLY B 210 30.08 -1.66 1.33
C GLY B 210 30.23 -3.06 0.79
N ILE B 211 29.34 -3.96 1.22
CA ILE B 211 29.34 -5.35 0.82
C ILE B 211 27.94 -5.68 0.27
N TYR B 212 27.84 -5.72 -1.06
CA TYR B 212 26.55 -5.84 -1.79
C TYR B 212 26.31 -7.30 -2.18
N GLY B 213 25.14 -7.81 -1.80
CA GLY B 213 24.72 -9.14 -2.13
C GLY B 213 23.24 -9.31 -1.95
N TYR B 214 22.84 -10.58 -1.88
CA TYR B 214 21.42 -11.02 -1.85
C TYR B 214 21.14 -11.77 -0.55
N GLU B 215 19.86 -11.82 -0.18
CA GLU B 215 19.38 -12.57 0.96
C GLU B 215 19.64 -14.08 0.82
N ASN B 216 19.54 -14.59 -0.41
CA ASN B 216 19.67 -16.01 -0.71
C ASN B 216 19.93 -16.20 -2.20
N GLU B 217 20.21 -17.43 -2.62
CA GLU B 217 20.55 -17.72 -4.02
C GLU B 217 19.37 -17.50 -4.99
N GLN B 218 18.15 -17.70 -4.50
CA GLN B 218 16.92 -17.53 -5.27
C GLN B 218 16.78 -16.07 -5.77
N ASP B 219 17.22 -15.10 -4.97
CA ASP B 219 17.18 -13.68 -5.32
C ASP B 219 18.28 -13.21 -6.26
N VAL B 220 19.31 -14.03 -6.46
CA VAL B 220 20.44 -13.64 -7.32
C VAL B 220 19.91 -13.39 -8.76
N GLN B 221 20.28 -12.24 -9.33
CA GLN B 221 19.80 -11.81 -10.64
C GLN B 221 20.59 -12.42 -11.80
N SER B 222 20.07 -12.31 -13.03
CA SER B 222 20.85 -12.63 -14.21
C SER B 222 20.47 -11.80 -15.43
N GLN B 223 21.41 -11.77 -16.39
CA GLN B 223 21.36 -11.00 -17.60
C GLN B 223 20.81 -11.90 -18.70
N ASP B 224 19.50 -11.82 -18.94
CA ASP B 224 18.81 -12.77 -19.83
C ASP B 224 18.41 -12.16 -21.19
N GLY B 225 18.78 -10.91 -21.42
CA GLY B 225 18.47 -10.15 -22.63
C GLY B 225 18.53 -8.65 -22.34
N PRO B 226 18.18 -7.79 -23.32
CA PRO B 226 18.17 -6.34 -23.08
C PRO B 226 17.11 -5.94 -22.04
N ARG B 227 17.34 -4.82 -21.35
CA ARG B 227 16.37 -4.25 -20.38
C ARG B 227 15.17 -3.69 -21.15
N ARG B 228 15.37 -3.15 -22.36
CA ARG B 228 14.25 -2.75 -23.25
C ARG B 228 14.71 -2.81 -24.70
N VAL B 229 13.76 -2.96 -25.62
CA VAL B 229 14.00 -2.86 -27.03
C VAL B 229 13.55 -1.47 -27.42
N ILE B 230 14.38 -0.80 -28.22
CA ILE B 230 14.07 0.51 -28.81
C ILE B 230 14.18 0.35 -30.32
N ASP B 231 13.03 0.30 -30.99
CA ASP B 231 12.96 0.17 -32.43
C ASP B 231 11.56 0.57 -32.92
N ASN B 232 11.31 0.42 -34.22
CA ASN B 232 10.06 0.90 -34.81
C ASN B 232 8.82 0.27 -34.15
N GLU B 233 8.93 -0.99 -33.74
CA GLU B 233 7.86 -1.70 -33.05
C GLU B 233 7.79 -1.37 -31.54
N HIS B 234 8.84 -0.76 -31.00
CA HIS B 234 8.94 -0.38 -29.59
C HIS B 234 9.52 1.04 -29.47
N PRO B 235 8.79 2.08 -29.91
CA PRO B 235 9.27 3.45 -29.79
C PRO B 235 9.30 3.88 -28.32
N MET B 236 10.05 4.93 -28.02
CA MET B 236 10.27 5.36 -26.65
C MET B 236 10.13 6.86 -26.56
N MET B 237 9.28 7.32 -25.64
CA MET B 237 9.21 8.72 -25.24
C MET B 237 9.99 8.92 -23.95
N ILE B 238 10.87 9.93 -23.94
CA ILE B 238 11.65 10.34 -22.77
C ILE B 238 11.03 11.61 -22.22
N ALA B 239 10.79 11.64 -20.91
CA ALA B 239 10.41 12.88 -20.25
C ALA B 239 11.48 13.18 -19.22
N THR B 240 12.01 14.41 -19.29
CA THR B 240 13.05 14.87 -18.39
C THR B 240 12.48 15.37 -17.06
N ALA B 241 12.98 14.76 -15.98
CA ALA B 241 12.70 15.12 -14.60
C ALA B 241 13.86 15.93 -14.04
N TYR B 242 13.78 17.25 -14.15
CA TYR B 242 14.80 18.21 -13.66
C TYR B 242 14.66 18.40 -12.15
N SER B 243 15.75 18.22 -11.40
CA SER B 243 15.80 18.73 -10.03
C SER B 243 15.39 20.22 -10.05
N ASN B 244 14.65 20.65 -9.02
CA ASN B 244 14.43 22.07 -8.76
C ASN B 244 15.65 22.70 -8.04
N ASP B 245 16.74 21.94 -7.93
CA ASP B 245 18.01 22.39 -7.35
C ASP B 245 17.98 22.42 -5.83
N VAL B 246 16.92 21.88 -5.24
CA VAL B 246 16.79 21.75 -3.80
C VAL B 246 16.86 20.26 -3.44
N TYR B 247 17.80 19.90 -2.57
CA TYR B 247 17.93 18.54 -2.03
C TYR B 247 18.79 18.59 -0.76
N GLU B 248 18.50 17.68 0.17
CA GLU B 248 19.22 17.53 1.42
C GLU B 248 19.37 16.04 1.68
N ILE B 249 20.62 15.57 1.75
CA ILE B 249 20.89 14.14 2.00
C ILE B 249 20.16 13.75 3.28
N GLY B 250 19.43 12.64 3.21
CA GLY B 250 18.65 12.11 4.31
C GLY B 250 17.20 12.57 4.39
N GLN B 251 16.79 13.53 3.54
CA GLN B 251 15.41 14.02 3.51
C GLN B 251 14.44 12.84 3.28
N GLU B 252 13.26 12.92 3.92
CA GLU B 252 12.24 11.88 3.86
C GLU B 252 11.52 11.85 2.51
N GLU B 253 11.17 13.03 2.00
CA GLU B 253 10.40 13.16 0.76
C GLU B 253 11.31 12.94 -0.44
N GLY B 254 10.72 12.45 -1.55
CA GLY B 254 11.44 12.25 -2.79
C GLY B 254 11.97 13.59 -3.30
N PRO B 255 12.92 13.62 -4.25
CA PRO B 255 13.45 14.88 -4.76
C PRO B 255 12.37 15.69 -5.48
N GLU B 256 12.31 16.99 -5.19
CA GLU B 256 11.44 17.91 -5.87
C GLU B 256 11.98 18.15 -7.26
N LEU B 257 11.09 18.16 -8.24
CA LEU B 257 11.41 18.47 -9.61
C LEU B 257 10.87 19.86 -9.93
N GLN B 258 11.36 20.44 -11.03
CA GLN B 258 10.82 21.68 -11.56
C GLN B 258 9.28 21.60 -11.62
N GLY B 259 8.62 22.73 -11.34
CA GLY B 259 7.19 22.85 -11.53
C GLY B 259 6.34 22.04 -10.57
N SER B 260 6.83 21.86 -9.35
CA SER B 260 6.15 21.09 -8.31
C SER B 260 5.86 19.66 -8.77
N ASN B 261 6.73 19.09 -9.59
CA ASN B 261 6.54 17.73 -10.05
C ASN B 261 7.32 16.77 -9.15
N THR B 262 6.93 15.49 -9.18
CA THR B 262 7.67 14.43 -8.52
C THR B 262 7.88 13.27 -9.48
N VAL B 263 8.86 12.42 -9.16
CA VAL B 263 9.22 11.27 -10.01
C VAL B 263 8.01 10.35 -10.15
N ASP B 264 7.42 9.97 -9.00
CA ASP B 264 6.23 9.12 -8.96
C ASP B 264 5.00 9.80 -9.59
N GLY B 265 4.87 11.10 -9.37
CA GLY B 265 3.76 11.91 -9.91
C GLY B 265 3.79 11.98 -11.44
N ARG B 266 4.97 12.23 -12.03
CA ARG B 266 5.13 12.26 -13.51
C ARG B 266 4.80 10.87 -14.07
N TRP B 267 5.22 9.79 -13.39
CA TRP B 267 4.97 8.45 -13.90
C TRP B 267 3.48 8.14 -13.91
N ASN B 268 2.81 8.46 -12.81
CA ASN B 268 1.39 8.17 -12.68
C ASN B 268 0.48 9.07 -13.54
N ALA B 269 1.01 10.19 -14.04
CA ALA B 269 0.26 11.03 -14.97
C ALA B 269 0.19 10.43 -16.38
N ILE B 270 1.09 9.48 -16.70
CA ILE B 270 1.14 8.90 -18.05
C ILE B 270 -0.04 7.96 -18.23
N PRO B 271 -0.82 8.07 -19.34
CA PRO B 271 -1.90 7.11 -19.59
C PRO B 271 -1.38 5.67 -19.57
N ASP B 272 -2.13 4.79 -18.92
CA ASP B 272 -1.67 3.43 -18.65
C ASP B 272 -1.21 2.68 -19.89
N ASP B 273 -1.91 2.86 -21.02
CA ASP B 273 -1.59 2.15 -22.24
C ASP B 273 -0.26 2.61 -22.90
N LEU B 274 0.28 3.75 -22.46
CA LEU B 274 1.54 4.31 -22.97
C LEU B 274 2.75 4.13 -22.04
N LYS B 275 2.52 3.62 -20.82
CA LYS B 275 3.61 3.49 -19.82
C LYS B 275 4.76 2.63 -20.32
N GLU B 276 4.44 1.55 -21.04
CA GLU B 276 5.43 0.63 -21.60
C GLU B 276 6.36 1.25 -22.64
N ASN B 277 5.96 2.41 -23.19
CA ASN B 277 6.74 3.14 -24.18
C ASN B 277 7.31 4.46 -23.67
N ASN B 278 7.35 4.63 -22.34
CA ASN B 278 7.87 5.82 -21.68
C ASN B 278 9.04 5.51 -20.73
N VAL B 279 9.94 6.47 -20.58
CA VAL B 279 10.99 6.45 -19.58
C VAL B 279 11.15 7.83 -18.98
N LEU B 280 11.57 7.88 -17.71
CA LEU B 280 11.88 9.15 -17.06
C LEU B 280 13.41 9.34 -16.99
N LEU B 281 13.87 10.52 -17.41
CA LEU B 281 15.26 10.93 -17.36
C LEU B 281 15.50 11.81 -16.14
N LEU B 282 16.31 11.33 -15.19
CA LEU B 282 16.65 12.10 -14.00
C LEU B 282 17.78 13.02 -14.39
N HIS B 283 17.56 14.32 -14.25
CA HIS B 283 18.51 15.34 -14.61
C HIS B 283 18.83 16.20 -13.39
N THR B 284 20.12 16.31 -13.05
CA THR B 284 20.58 17.01 -11.85
C THR B 284 20.46 18.53 -11.97
N ASN B 285 20.28 19.03 -13.18
CA ASN B 285 20.02 20.43 -13.40
C ASN B 285 21.18 21.20 -12.77
N ASN B 286 20.91 22.21 -11.96
CA ASN B 286 21.94 23.01 -11.30
C ASN B 286 22.12 22.69 -9.80
N LEU B 287 21.73 21.47 -9.41
CA LEU B 287 21.89 20.98 -8.04
C LEU B 287 23.37 21.01 -7.66
N ARG B 288 23.68 21.72 -6.57
CA ARG B 288 25.06 21.91 -6.01
C ARG B 288 26.05 22.28 -7.11
N GLN B 289 25.65 23.13 -8.07
CA GLN B 289 26.50 23.47 -9.21
C GLN B 289 27.84 24.04 -8.75
N PHE B 290 28.93 23.57 -9.38
CA PHE B 290 30.31 24.00 -9.12
C PHE B 290 30.95 23.45 -7.83
N ALA B 291 30.20 22.63 -7.09
CA ALA B 291 30.66 22.13 -5.80
C ALA B 291 31.95 21.31 -5.89
N PRO B 292 32.80 21.35 -4.85
CA PRO B 292 33.99 20.50 -4.79
C PRO B 292 33.64 19.00 -4.69
N ASP B 293 34.66 18.16 -4.88
CA ASP B 293 34.50 16.73 -5.16
C ASP B 293 33.57 15.98 -4.18
N HIS B 294 33.75 16.25 -2.89
CA HIS B 294 33.02 15.52 -1.85
C HIS B 294 31.53 15.81 -1.86
N ILE B 295 31.19 17.09 -2.05
CA ILE B 295 29.78 17.54 -2.10
C ILE B 295 29.13 17.12 -3.43
N GLY B 296 29.83 17.32 -4.54
CA GLY B 296 29.36 16.93 -5.86
C GLY B 296 29.02 15.44 -5.96
N GLN B 297 29.95 14.58 -5.53
CA GLN B 297 29.74 13.15 -5.64
C GLN B 297 28.60 12.67 -4.73
N ALA B 298 28.56 13.17 -3.50
CA ALA B 298 27.53 12.81 -2.55
C ALA B 298 26.13 13.12 -3.08
N TYR B 299 25.98 14.29 -3.71
CA TYR B 299 24.68 14.80 -4.20
C TYR B 299 24.31 14.15 -5.56
N LEU B 300 25.28 13.94 -6.45
CA LEU B 300 25.02 13.18 -7.67
C LEU B 300 24.40 11.85 -7.30
N GLN B 301 25.06 11.12 -6.39
CA GLN B 301 24.65 9.79 -6.01
C GLN B 301 23.33 9.77 -5.25
N ALA B 302 23.15 10.67 -4.28
CA ALA B 302 21.95 10.66 -3.44
C ALA B 302 20.70 11.02 -4.29
N PHE B 303 20.82 12.05 -5.14
CA PHE B 303 19.70 12.44 -6.02
C PHE B 303 19.25 11.30 -6.94
N HIS B 304 20.20 10.70 -7.68
CA HIS B 304 19.89 9.59 -8.58
C HIS B 304 19.38 8.35 -7.88
N GLU B 305 20.00 7.97 -6.77
CA GLU B 305 19.54 6.82 -6.01
C GLU B 305 18.13 7.03 -5.53
N HIS B 306 17.84 8.23 -5.02
CA HIS B 306 16.52 8.50 -4.45
C HIS B 306 15.46 8.40 -5.56
N GLY B 307 15.72 9.00 -6.72
CA GLY B 307 14.84 8.93 -7.87
C GLY B 307 14.63 7.51 -8.37
N LEU B 308 15.73 6.74 -8.44
CA LEU B 308 15.70 5.34 -8.82
C LEU B 308 14.79 4.50 -7.90
N GLN B 309 14.89 4.75 -6.59
CA GLN B 309 14.13 4.00 -5.61
C GLN B 309 12.64 4.31 -5.77
N ILE B 310 12.30 5.60 -5.87
CA ILE B 310 10.91 5.99 -6.03
C ILE B 310 10.35 5.38 -7.30
N ALA B 311 11.15 5.44 -8.36
CA ALA B 311 10.76 4.90 -9.66
C ALA B 311 10.53 3.41 -9.54
N TYR B 312 11.48 2.73 -8.86
CA TYR B 312 11.43 1.25 -8.63
C TYR B 312 10.10 0.87 -7.99
N GLU B 313 9.67 1.59 -6.95
CA GLU B 313 8.43 1.29 -6.26
C GLU B 313 7.20 1.47 -7.18
N GLN B 314 7.28 2.40 -8.13
CA GLN B 314 6.19 2.66 -9.08
C GLN B 314 6.25 1.83 -10.37
N GLY B 315 7.37 1.13 -10.59
CA GLY B 315 7.58 0.34 -11.79
C GLY B 315 7.97 1.20 -12.98
N ALA B 316 8.59 2.35 -12.71
CA ALA B 316 9.01 3.30 -13.73
C ALA B 316 10.45 3.06 -14.18
N PRO B 317 10.70 2.81 -15.49
CA PRO B 317 12.06 2.72 -16.02
C PRO B 317 12.74 4.10 -16.07
N ILE B 318 14.06 4.10 -15.91
CA ILE B 318 14.82 5.32 -15.64
C ILE B 318 16.03 5.41 -16.52
N MET B 319 16.29 6.64 -16.99
CA MET B 319 17.60 7.05 -17.51
C MET B 319 18.21 8.02 -16.52
N LEU B 320 19.54 8.01 -16.41
CA LEU B 320 20.29 9.06 -15.70
C LEU B 320 21.05 9.95 -16.68
N LEU B 321 21.08 11.26 -16.39
CA LEU B 321 22.00 12.19 -17.02
C LEU B 321 23.41 11.83 -16.60
N GLY B 322 24.24 11.42 -17.57
CA GLY B 322 25.62 11.03 -17.32
C GLY B 322 26.61 12.13 -17.54
N LEU B 323 26.31 13.05 -18.46
CA LEU B 323 27.27 14.03 -18.90
C LEU B 323 26.58 15.15 -19.65
N THR B 324 26.75 16.38 -19.16
CA THR B 324 26.38 17.59 -19.87
C THR B 324 27.45 18.63 -19.59
N ALA B 325 27.57 19.59 -20.52
CA ALA B 325 28.46 20.75 -20.35
C ALA B 325 29.94 20.36 -20.09
N ALA B 326 30.33 19.19 -20.61
CA ALA B 326 31.67 18.61 -20.50
C ALA B 326 32.07 18.44 -19.04
N ALA B 327 31.05 18.30 -18.19
CA ALA B 327 31.24 18.12 -16.78
C ALA B 327 31.41 16.61 -16.54
N THR B 328 32.67 16.18 -16.46
CA THR B 328 33.04 14.78 -16.35
C THR B 328 34.28 14.67 -15.46
N PRO B 329 34.48 13.55 -14.73
CA PRO B 329 35.70 13.32 -13.95
C PRO B 329 36.95 13.10 -14.83
N GLU B 330 36.77 12.85 -16.13
CA GLU B 330 37.93 12.65 -17.02
C GLU B 330 38.76 13.91 -17.04
N ASN B 331 40.07 13.76 -17.31
CA ASN B 331 41.00 14.86 -17.34
C ASN B 331 40.49 15.94 -18.28
N GLY B 332 40.47 17.19 -17.80
CA GLY B 332 40.07 18.36 -18.58
C GLY B 332 38.58 18.66 -18.50
N GLY B 333 37.84 17.86 -17.73
CA GLY B 333 36.41 18.06 -17.53
C GLY B 333 36.11 19.37 -16.82
N THR B 334 34.88 19.85 -16.94
CA THR B 334 34.41 21.03 -16.22
C THR B 334 33.67 20.58 -14.98
N GLN B 335 33.28 21.54 -14.14
CA GLN B 335 32.33 21.33 -13.06
C GLN B 335 31.01 22.12 -13.25
N TYR B 336 30.56 22.28 -14.49
CA TYR B 336 29.26 22.95 -14.82
C TYR B 336 28.07 22.14 -14.27
N ASN B 337 28.30 20.86 -13.94
CA ASN B 337 27.26 19.99 -13.41
C ASN B 337 27.91 18.97 -12.50
N ILE B 338 27.17 18.46 -11.53
CA ILE B 338 27.71 17.48 -10.60
C ILE B 338 27.98 16.11 -11.24
N THR B 339 27.63 15.95 -12.53
CA THR B 339 28.16 14.85 -13.32
C THR B 339 29.70 14.82 -13.35
N ALA B 340 30.33 15.96 -13.06
CA ALA B 340 31.77 16.05 -12.92
C ALA B 340 32.32 15.02 -11.92
N ASP B 341 31.47 14.55 -11.00
CA ASP B 341 31.92 13.74 -9.88
C ASP B 341 31.47 12.28 -9.98
N MET B 342 31.06 11.86 -11.19
CA MET B 342 30.64 10.50 -11.49
C MET B 342 31.75 9.50 -11.11
N ASP B 343 31.35 8.43 -10.44
CA ASP B 343 32.16 7.26 -10.14
C ASP B 343 31.57 6.12 -10.97
N TYR B 344 32.38 5.55 -11.87
CA TYR B 344 31.93 4.51 -12.84
C TYR B 344 31.55 3.22 -12.10
N GLY B 345 32.16 2.98 -10.93
CA GLY B 345 31.78 1.87 -10.06
C GLY B 345 30.40 2.02 -9.46
N TRP B 346 30.03 3.26 -9.13
CA TRP B 346 28.69 3.58 -8.64
C TRP B 346 27.68 3.39 -9.78
N LEU B 347 28.05 3.79 -11.00
CA LEU B 347 27.11 3.69 -12.14
C LEU B 347 26.81 2.23 -12.40
N ASP B 348 27.85 1.39 -12.37
CA ASP B 348 27.68 -0.06 -12.47
C ASP B 348 26.75 -0.60 -11.39
N LEU B 349 26.99 -0.19 -10.13
CA LEU B 349 26.19 -0.60 -9.00
C LEU B 349 24.68 -0.26 -9.20
N MET B 350 24.40 0.92 -9.77
CA MET B 350 23.02 1.32 -10.04
C MET B 350 22.29 0.36 -10.97
N TYR B 351 22.97 -0.08 -12.02
CA TYR B 351 22.41 -1.12 -12.94
C TYR B 351 22.17 -2.43 -12.18
N ARG B 352 23.12 -2.85 -11.30
CA ARG B 352 22.96 -4.12 -10.54
C ARG B 352 21.82 -3.98 -9.52
N MET B 353 21.70 -2.82 -8.87
CA MET B 353 20.79 -2.67 -7.75
C MET B 353 19.35 -2.43 -8.22
N TYR B 354 19.18 -1.66 -9.30
CA TYR B 354 17.86 -1.18 -9.76
C TYR B 354 17.54 -1.82 -11.09
N PRO B 355 16.66 -2.84 -11.14
CA PRO B 355 16.28 -3.48 -12.39
C PRO B 355 15.62 -2.51 -13.39
N ASN B 356 15.04 -1.42 -12.86
CA ASN B 356 14.44 -0.36 -13.67
C ASN B 356 15.42 0.67 -14.22
N MET B 357 16.69 0.61 -13.81
CA MET B 357 17.73 1.45 -14.38
C MET B 357 18.01 0.93 -15.78
N GLN B 358 17.87 1.80 -16.79
CA GLN B 358 17.99 1.38 -18.21
C GLN B 358 19.04 2.13 -18.99
N GLY B 359 19.03 3.47 -18.89
CA GLY B 359 19.83 4.27 -19.78
C GLY B 359 20.64 5.39 -19.18
N VAL B 360 21.59 5.87 -20.00
CA VAL B 360 22.41 7.04 -19.75
C VAL B 360 22.20 8.06 -20.86
N PHE B 361 22.08 9.34 -20.48
CA PHE B 361 21.79 10.43 -21.38
C PHE B 361 22.97 11.42 -21.34
N ASN B 362 23.34 11.92 -22.53
CA ASN B 362 24.37 12.93 -22.72
C ASN B 362 23.86 14.02 -23.66
N THR B 363 24.14 15.28 -23.34
CA THR B 363 23.78 16.39 -24.23
C THR B 363 24.57 17.65 -23.94
N GLU B 364 24.74 18.49 -24.98
CA GLU B 364 25.26 19.84 -24.88
C GLU B 364 26.62 19.87 -24.17
N ASN B 365 27.59 19.14 -24.73
CA ASN B 365 28.96 19.09 -24.18
C ASN B 365 29.99 19.92 -24.92
N PHE B 366 29.89 19.93 -26.25
CA PHE B 366 30.97 20.38 -27.12
C PHE B 366 31.25 21.88 -27.11
N TRP B 367 30.28 22.69 -26.68
CA TRP B 367 30.57 24.11 -26.44
C TRP B 367 31.63 24.29 -25.34
N ALA B 368 31.77 23.30 -24.45
CA ALA B 368 32.64 23.40 -23.26
C ALA B 368 33.90 22.53 -23.26
N GLY B 369 33.91 21.50 -24.09
CA GLY B 369 35.07 20.63 -24.26
C GLY B 369 34.73 19.50 -25.22
N ILE B 370 35.75 18.93 -25.86
CA ILE B 370 35.58 17.87 -26.84
C ILE B 370 35.95 16.48 -26.32
N HIS B 371 37.23 16.28 -25.98
CA HIS B 371 37.72 14.92 -25.66
C HIS B 371 37.31 14.39 -24.30
N PRO B 372 37.31 15.20 -23.21
CA PRO B 372 36.83 14.72 -21.93
C PRO B 372 35.42 14.11 -22.00
N PRO B 373 34.39 14.76 -22.59
CA PRO B 373 33.08 14.13 -22.69
C PRO B 373 33.08 12.89 -23.59
N CYS B 374 33.94 12.82 -24.61
CA CYS B 374 34.05 11.58 -25.40
C CYS B 374 34.62 10.41 -24.57
N GLU B 375 35.68 10.68 -23.81
CA GLU B 375 36.30 9.68 -22.93
C GLU B 375 35.29 9.12 -21.93
N GLY B 376 34.52 10.02 -21.31
CA GLY B 376 33.53 9.65 -20.31
C GLY B 376 32.38 8.86 -20.90
N SER B 377 31.90 9.31 -22.06
CA SER B 377 30.80 8.63 -22.77
C SER B 377 31.21 7.23 -23.21
N ALA B 378 32.48 7.08 -23.60
CA ALA B 378 33.03 5.77 -24.01
C ALA B 378 32.86 4.75 -22.88
N LYS B 379 33.25 5.14 -21.67
CA LYS B 379 33.15 4.27 -20.51
C LYS B 379 31.70 3.99 -20.13
N MET B 380 30.84 5.02 -20.18
CA MET B 380 29.42 4.83 -19.80
C MET B 380 28.62 4.02 -20.82
N LEU B 381 28.96 4.14 -22.12
CA LEU B 381 28.37 3.30 -23.13
C LEU B 381 28.66 1.81 -22.86
N GLU B 382 29.93 1.51 -22.56
CA GLU B 382 30.37 0.14 -22.21
C GLU B 382 29.58 -0.41 -21.01
N ILE B 383 29.42 0.42 -19.97
CA ILE B 383 28.64 0.02 -18.79
C ILE B 383 27.17 -0.25 -19.15
N ALA B 384 26.53 0.70 -19.83
CA ALA B 384 25.14 0.54 -20.24
C ALA B 384 24.93 -0.76 -21.02
N ASP B 385 25.81 -1.01 -22.01
CA ASP B 385 25.63 -2.14 -22.92
C ASP B 385 25.90 -3.47 -22.22
N ARG B 386 26.82 -3.48 -21.25
CA ARG B 386 27.10 -4.67 -20.39
C ARG B 386 25.81 -5.14 -19.69
N PHE B 387 24.93 -4.20 -19.32
CA PHE B 387 23.75 -4.54 -18.58
C PHE B 387 22.48 -4.61 -19.44
N GLY B 388 22.66 -4.62 -20.78
CA GLY B 388 21.56 -4.62 -21.74
C GLY B 388 20.79 -3.31 -21.76
N GLY B 389 21.46 -2.22 -21.38
CA GLY B 389 20.89 -0.89 -21.35
C GLY B 389 21.20 -0.13 -22.62
N PHE B 390 21.04 1.19 -22.56
CA PHE B 390 21.24 2.02 -23.71
C PHE B 390 21.76 3.41 -23.35
N PHE B 391 22.22 4.11 -24.37
CA PHE B 391 22.87 5.38 -24.26
C PHE B 391 22.26 6.27 -25.34
N VAL B 392 21.77 7.44 -24.93
CA VAL B 392 21.26 8.45 -25.84
C VAL B 392 22.11 9.70 -25.81
N TRP B 393 22.53 10.15 -26.99
CA TRP B 393 23.29 11.37 -27.18
C TRP B 393 22.41 12.35 -27.97
N SER B 394 22.06 13.47 -27.34
CA SER B 394 21.22 14.51 -27.94
C SER B 394 22.07 15.73 -28.25
N ASP B 395 22.04 16.17 -29.51
CA ASP B 395 22.72 17.40 -29.95
C ASP B 395 22.26 17.78 -31.35
N GLN B 396 22.43 19.06 -31.68
CA GLN B 396 22.32 19.54 -33.06
C GLN B 396 23.74 19.44 -33.65
N ASP B 397 23.82 19.13 -34.94
CA ASP B 397 25.09 19.00 -35.64
C ASP B 397 25.26 20.12 -36.66
N HIS B 398 26.11 21.10 -36.31
CA HIS B 398 26.53 22.18 -37.19
C HIS B 398 27.45 21.68 -38.29
N GLY B 399 27.95 20.46 -38.11
CA GLY B 399 28.88 19.86 -39.06
C GLY B 399 30.03 19.07 -38.44
N SER B 400 30.30 19.29 -37.16
CA SER B 400 31.43 18.66 -36.50
C SER B 400 31.09 17.83 -35.26
N THR B 401 29.80 17.62 -34.98
CA THR B 401 29.36 16.93 -33.78
C THR B 401 29.70 15.45 -33.88
N VAL B 402 29.20 14.80 -34.94
CA VAL B 402 29.54 13.39 -35.14
C VAL B 402 31.04 13.18 -35.41
N THR B 403 31.66 14.05 -36.21
CA THR B 403 33.10 13.95 -36.52
C THR B 403 33.97 14.13 -35.26
N ASN B 404 33.53 14.97 -34.32
CA ASN B 404 34.22 15.11 -33.05
C ASN B 404 34.17 13.79 -32.25
N ILE B 405 32.99 13.16 -32.21
CA ILE B 405 32.79 11.89 -31.54
C ILE B 405 33.72 10.82 -32.07
N VAL B 406 33.82 10.70 -33.40
CA VAL B 406 34.67 9.67 -34.01
C VAL B 406 36.17 10.01 -33.95
N SER B 407 36.50 11.29 -33.76
CA SER B 407 37.88 11.76 -33.65
C SER B 407 38.55 11.29 -32.33
N ASN B 408 37.74 10.83 -31.38
CA ASN B 408 38.20 10.28 -30.13
C ASN B 408 38.32 8.77 -30.28
N ALA B 409 39.55 8.27 -30.23
CA ALA B 409 39.87 6.85 -30.42
C ALA B 409 39.03 5.94 -29.52
N ASN B 410 38.94 6.28 -28.22
CA ASN B 410 38.23 5.44 -27.27
C ASN B 410 36.71 5.40 -27.56
N MET B 411 36.13 6.57 -27.89
CA MET B 411 34.70 6.60 -28.21
C MET B 411 34.41 5.89 -29.53
N LYS B 412 35.27 6.09 -30.53
CA LYS B 412 35.13 5.42 -31.83
C LYS B 412 35.12 3.90 -31.64
N LYS B 413 36.08 3.40 -30.86
CA LYS B 413 36.22 1.99 -30.52
C LYS B 413 35.02 1.49 -29.73
N ALA B 414 34.59 2.26 -28.73
CA ALA B 414 33.40 1.86 -27.97
C ALA B 414 32.14 1.74 -28.86
N LEU B 415 32.00 2.65 -29.85
CA LEU B 415 30.88 2.58 -30.78
C LEU B 415 30.92 1.34 -31.70
N GLU B 416 32.12 0.94 -32.13
CA GLU B 416 32.31 -0.28 -32.89
C GLU B 416 31.81 -1.51 -32.12
N LYS B 417 32.09 -1.57 -30.82
CA LYS B 417 31.70 -2.72 -29.99
C LYS B 417 30.27 -2.66 -29.46
N HIS B 418 29.77 -1.46 -29.14
CA HIS B 418 28.54 -1.25 -28.39
C HIS B 418 27.51 -0.35 -29.11
N GLY B 419 27.76 -0.06 -30.40
CA GLY B 419 26.97 0.87 -31.20
C GLY B 419 25.48 0.59 -31.27
N ASP B 420 25.10 -0.68 -31.22
CA ASP B 420 23.68 -1.02 -31.23
C ASP B 420 22.89 -0.51 -30.02
N ALA B 421 23.57 -0.17 -28.93
CA ALA B 421 22.92 0.41 -27.76
C ALA B 421 23.05 1.95 -27.69
N PHE B 422 23.51 2.57 -28.78
CA PHE B 422 23.77 4.00 -28.84
C PHE B 422 22.79 4.65 -29.83
N TYR B 423 22.14 5.73 -29.39
CA TYR B 423 21.08 6.44 -30.16
C TYR B 423 21.46 7.93 -30.24
N LEU B 424 21.32 8.52 -31.42
CA LEU B 424 21.56 9.94 -31.64
C LEU B 424 20.20 10.61 -31.88
N ILE B 425 19.89 11.64 -31.09
CA ILE B 425 18.66 12.42 -31.31
C ILE B 425 18.99 13.88 -31.44
N TYR B 426 18.26 14.57 -32.31
CA TYR B 426 18.48 16.00 -32.63
C TYR B 426 18.11 16.86 -31.41
N LYS B 427 18.43 18.14 -31.48
CA LYS B 427 18.13 19.08 -30.42
C LYS B 427 18.09 20.47 -31.04
N ASN B 428 16.87 21.00 -31.26
CA ASN B 428 16.72 22.22 -32.05
C ASN B 428 16.66 23.50 -31.25
N THR B 429 17.19 23.46 -30.01
CA THR B 429 17.36 24.62 -29.16
C THR B 429 17.86 25.85 -29.91
N SER B 430 18.99 25.71 -30.62
CA SER B 430 19.56 26.84 -31.38
C SER B 430 18.93 26.88 -32.77
N SER B 431 17.64 27.23 -32.79
CA SER B 431 16.79 27.16 -33.99
C SER B 431 17.16 28.18 -35.03
N ASN B 432 17.88 29.22 -34.60
CA ASN B 432 18.37 30.30 -35.45
C ASN B 432 19.53 29.88 -36.38
N GLN B 433 20.21 28.76 -36.07
CA GLN B 433 21.17 28.14 -36.98
C GLN B 433 20.44 27.06 -37.78
N PRO B 434 20.47 27.11 -39.12
CA PRO B 434 19.64 26.22 -39.95
C PRO B 434 20.26 24.82 -40.14
N ASP B 435 20.53 24.15 -39.03
CA ASP B 435 21.17 22.84 -39.02
C ASP B 435 20.22 21.71 -38.64
N ASP B 436 18.92 22.03 -38.53
CA ASP B 436 17.92 21.03 -38.17
C ASP B 436 17.88 19.85 -39.16
N LEU B 437 17.75 20.15 -40.45
CA LEU B 437 17.57 19.12 -41.45
C LEU B 437 18.84 18.30 -41.69
N LYS B 438 20.00 18.97 -41.72
CA LYS B 438 21.25 18.24 -41.81
C LYS B 438 21.48 17.34 -40.61
N THR B 439 21.08 17.78 -39.42
CA THR B 439 21.22 16.95 -38.24
C THR B 439 20.45 15.65 -38.40
N SER B 440 19.16 15.74 -38.75
CA SER B 440 18.35 14.55 -38.97
C SER B 440 18.97 13.60 -39.99
N SER B 441 19.50 14.13 -41.10
CA SER B 441 20.13 13.35 -42.15
C SER B 441 21.35 12.60 -41.61
N PHE B 442 22.17 13.28 -40.83
CA PHE B 442 23.35 12.68 -40.21
C PHE B 442 22.93 11.54 -39.31
N PHE B 443 21.91 11.78 -38.50
CA PHE B 443 21.52 10.80 -37.47
C PHE B 443 20.80 9.62 -38.08
N GLN B 444 19.93 9.88 -39.07
CA GLN B 444 19.29 8.80 -39.80
C GLN B 444 20.34 8.00 -40.57
N GLY B 445 21.30 8.69 -41.18
CA GLY B 445 22.31 8.06 -42.01
C GLY B 445 23.25 7.18 -41.20
N SER B 446 23.63 7.68 -40.02
CA SER B 446 24.44 6.92 -39.08
C SER B 446 23.80 5.58 -38.72
N TRP B 447 22.49 5.60 -38.46
CA TRP B 447 21.69 4.42 -38.15
C TRP B 447 21.56 3.47 -39.34
N LEU B 448 21.26 4.05 -40.50
CA LEU B 448 21.03 3.26 -41.69
C LEU B 448 22.26 2.42 -42.07
N ALA B 449 23.44 3.01 -41.96
CA ALA B 449 24.71 2.32 -42.23
C ALA B 449 25.17 1.35 -41.11
N GLY B 450 24.51 1.43 -39.96
CA GLY B 450 24.72 0.49 -38.86
C GLY B 450 25.78 0.88 -37.85
N TYR B 451 26.15 2.16 -37.80
CA TYR B 451 27.11 2.70 -36.81
C TYR B 451 26.43 2.92 -35.44
N THR B 452 25.09 3.01 -35.43
CA THR B 452 24.31 3.29 -34.24
C THR B 452 23.05 2.45 -34.30
N GLY B 453 22.35 2.40 -33.17
CA GLY B 453 21.17 1.58 -33.00
C GLY B 453 19.87 2.21 -33.44
N GLY B 454 19.88 3.53 -33.62
CA GLY B 454 18.68 4.26 -34.00
C GLY B 454 18.86 5.78 -33.94
N TRP B 455 17.81 6.50 -34.33
CA TRP B 455 17.77 7.93 -34.19
C TRP B 455 16.40 8.42 -33.73
N GLY B 456 16.35 9.71 -33.39
CA GLY B 456 15.14 10.31 -32.89
C GLY B 456 15.23 11.79 -32.67
N MET B 457 14.29 12.30 -31.86
CA MET B 457 14.13 13.75 -31.70
C MET B 457 14.10 14.23 -30.26
N LEU B 458 14.72 15.40 -30.05
CA LEU B 458 14.41 16.30 -28.94
C LEU B 458 13.98 17.65 -29.54
N SER B 459 12.67 17.92 -29.50
CA SER B 459 12.09 19.23 -29.87
C SER B 459 12.02 20.07 -28.62
N ASP B 460 12.55 21.29 -28.72
CA ASP B 460 12.74 22.18 -27.60
C ASP B 460 11.97 23.45 -27.89
N THR B 461 11.06 23.87 -27.00
CA THR B 461 10.39 25.16 -27.14
C THR B 461 11.33 26.35 -26.97
N TRP B 462 12.57 26.11 -26.51
CA TRP B 462 13.61 27.14 -26.62
C TRP B 462 13.81 27.58 -28.09
N ALA B 463 13.48 26.70 -29.04
CA ALA B 463 13.55 27.05 -30.47
C ALA B 463 12.73 28.30 -30.76
N TRP B 464 11.57 28.40 -30.11
CA TRP B 464 10.67 29.52 -30.35
C TRP B 464 11.30 30.83 -29.89
N ASP B 465 12.00 30.77 -28.75
CA ASP B 465 12.68 31.93 -28.14
C ASP B 465 13.66 32.62 -29.08
N LYS B 466 14.32 31.85 -29.93
CA LYS B 466 15.35 32.37 -30.82
C LYS B 466 14.82 33.13 -32.02
N GLN B 467 13.51 33.02 -32.29
CA GLN B 467 12.92 33.58 -33.52
C GLN B 467 11.60 34.32 -33.41
N PHE B 468 10.72 33.88 -32.50
CA PHE B 468 9.29 34.27 -32.51
C PHE B 468 8.77 34.60 -31.09
N SER B 469 7.60 35.23 -31.03
CA SER B 469 6.93 35.53 -29.76
C SER B 469 5.43 35.27 -29.89
N LYS B 470 4.64 36.34 -29.97
CA LYS B 470 3.22 36.25 -30.26
C LYS B 470 3.03 35.54 -31.59
N LEU B 471 1.84 34.98 -31.81
CA LEU B 471 1.53 34.29 -33.06
C LEU B 471 1.79 35.23 -34.25
N TRP B 472 2.50 34.73 -35.26
CA TRP B 472 2.89 35.45 -36.48
C TRP B 472 3.95 36.57 -36.34
N GLN B 473 4.54 36.72 -35.15
CA GLN B 473 5.43 37.81 -34.86
C GLN B 473 6.83 37.29 -34.59
N GLY B 474 7.82 38.16 -34.83
CA GLY B 474 9.21 37.90 -34.50
C GLY B 474 9.47 38.03 -33.02
N ALA B 475 10.73 37.81 -32.63
CA ALA B 475 11.12 37.69 -31.23
C ALA B 475 10.78 38.94 -30.42
N GLY B 476 10.92 40.12 -31.04
CA GLY B 476 10.74 41.39 -30.39
C GLY B 476 11.65 41.56 -29.19
N SER B 477 11.17 42.29 -28.16
CA SER B 477 11.95 42.63 -26.96
C SER B 477 11.46 41.96 -25.66
N TYR B 478 10.62 40.93 -25.79
CA TYR B 478 10.05 40.15 -24.66
C TYR B 478 11.18 39.44 -23.92
N ASN B 479 10.92 38.99 -22.69
CA ASN B 479 11.85 38.17 -21.94
C ASN B 479 11.88 36.76 -22.56
N ASN B 480 13.02 36.08 -22.42
CA ASN B 480 13.15 34.74 -22.98
C ASN B 480 12.18 33.70 -22.37
N TRP B 481 11.87 33.84 -21.07
CA TRP B 481 10.89 32.96 -20.42
C TRP B 481 9.45 33.09 -20.97
N GLN B 482 9.11 34.27 -21.51
CA GLN B 482 7.84 34.47 -22.20
C GLN B 482 7.84 33.72 -23.50
N ARG B 483 8.90 33.88 -24.30
CA ARG B 483 8.99 33.32 -25.67
C ARG B 483 9.01 31.78 -25.59
N LEU B 484 9.59 31.24 -24.51
CA LEU B 484 9.56 29.82 -24.24
C LEU B 484 8.16 29.20 -24.26
N CYS B 485 7.15 30.00 -23.89
CA CYS B 485 5.77 29.54 -23.77
C CYS B 485 4.96 29.63 -25.06
N GLY B 486 5.56 30.14 -26.14
CA GLY B 486 4.85 30.62 -27.31
C GLY B 486 4.60 29.63 -28.45
N GLU B 487 5.22 28.45 -28.37
CA GLU B 487 5.23 27.50 -29.48
C GLU B 487 3.87 26.83 -29.65
N PRO B 488 3.35 26.75 -30.90
CA PRO B 488 2.09 26.06 -31.16
C PRO B 488 2.18 24.57 -30.83
N GLU B 489 1.16 24.05 -30.15
CA GLU B 489 1.15 22.69 -29.66
C GLU B 489 1.15 21.69 -30.84
N ALA B 490 0.35 21.98 -31.88
CA ALA B 490 0.29 21.14 -33.06
C ALA B 490 1.63 21.00 -33.78
N LEU B 491 2.47 22.03 -33.68
CA LEU B 491 3.77 22.00 -34.29
C LEU B 491 4.64 20.84 -33.72
N LEU B 492 4.51 20.59 -32.42
CA LEU B 492 5.17 19.47 -31.77
C LEU B 492 4.78 18.14 -32.43
N GLY B 493 3.49 18.02 -32.80
CA GLY B 493 3.01 16.86 -33.51
C GLY B 493 3.53 16.73 -34.93
N MET B 494 3.61 17.86 -35.64
CA MET B 494 4.19 17.89 -36.96
C MET B 494 5.63 17.36 -36.94
N GLN B 495 6.40 17.77 -35.91
CA GLN B 495 7.80 17.33 -35.75
C GLN B 495 7.85 15.85 -35.47
N MET B 496 6.96 15.38 -34.58
CA MET B 496 6.84 13.95 -34.27
C MET B 496 6.52 13.13 -35.55
N MET B 497 5.61 13.66 -36.36
CA MET B 497 5.19 12.99 -37.58
C MET B 497 6.39 12.84 -38.56
N SER B 498 7.17 13.90 -38.71
CA SER B 498 8.31 13.82 -39.60
C SER B 498 9.46 12.89 -39.13
N THR B 499 9.66 12.79 -37.82
CA THR B 499 10.62 11.87 -37.23
C THR B 499 10.18 10.42 -37.48
N TYR B 500 8.90 10.15 -37.19
CA TYR B 500 8.21 8.86 -37.44
C TYR B 500 8.41 8.42 -38.89
N LEU B 501 8.17 9.31 -39.87
CA LEU B 501 8.24 8.93 -41.27
C LEU B 501 9.66 8.58 -41.73
N GLY B 502 10.66 9.11 -41.03
CA GLY B 502 12.04 8.74 -41.26
C GLY B 502 12.55 7.56 -40.44
N GLY B 503 11.64 6.84 -39.77
CA GLY B 503 12.04 5.66 -39.00
C GLY B 503 12.73 6.00 -37.67
N GLY B 504 12.50 7.21 -37.18
CA GLY B 504 12.87 7.61 -35.84
C GLY B 504 12.10 6.83 -34.80
N VAL B 505 12.74 6.60 -33.64
CA VAL B 505 12.16 5.73 -32.60
C VAL B 505 12.25 6.29 -31.19
N ILE B 506 12.85 7.47 -31.03
CA ILE B 506 12.90 8.15 -29.76
C ILE B 506 12.25 9.54 -29.93
N TYR B 507 11.42 9.91 -28.96
CA TYR B 507 10.67 11.20 -28.93
C TYR B 507 10.83 11.87 -27.57
N THR B 508 11.38 13.09 -27.55
CA THR B 508 11.51 13.80 -26.32
C THR B 508 11.29 15.30 -26.57
N PHE B 509 10.77 15.96 -25.53
CA PHE B 509 10.28 17.34 -25.62
C PHE B 509 10.71 18.13 -24.40
N GLU B 510 11.04 19.41 -24.62
CA GLU B 510 11.29 20.39 -23.58
C GLU B 510 10.63 21.67 -24.09
N PHE B 511 10.34 22.66 -23.23
CA PHE B 511 10.52 22.70 -21.79
C PHE B 511 9.51 21.76 -21.12
N PRO B 512 9.94 20.81 -20.25
CA PRO B 512 9.07 19.74 -19.77
C PRO B 512 7.82 20.25 -19.04
N GLU B 513 7.94 21.34 -18.28
CA GLU B 513 6.82 21.82 -17.49
C GLU B 513 5.69 22.38 -18.39
N ILE B 514 6.03 22.74 -19.62
CA ILE B 514 5.05 23.19 -20.62
C ILE B 514 4.56 22.00 -21.45
N VAL B 515 5.49 21.19 -21.96
CA VAL B 515 5.12 20.14 -22.91
C VAL B 515 4.51 18.89 -22.26
N TYR B 516 4.95 18.58 -21.02
CA TYR B 516 4.42 17.44 -20.23
C TYR B 516 3.48 17.95 -19.11
N GLY B 517 3.93 18.93 -18.32
CA GLY B 517 3.09 19.57 -17.32
C GLY B 517 3.77 19.86 -15.99
N THR B 518 2.98 20.49 -15.11
CA THR B 518 3.37 20.90 -13.78
C THR B 518 2.44 20.26 -12.77
N SER B 519 2.89 20.26 -11.51
CA SER B 519 2.10 19.82 -10.37
C SER B 519 1.51 18.43 -10.61
N ASN B 520 2.30 17.58 -11.27
CA ASN B 520 1.91 16.22 -11.61
C ASN B 520 0.61 16.10 -12.40
N THR B 521 0.29 17.13 -13.18
CA THR B 521 -0.82 17.11 -14.14
C THR B 521 -0.25 17.03 -15.55
N ASN B 522 -1.13 16.75 -16.52
CA ASN B 522 -0.76 16.77 -17.92
C ASN B 522 -1.17 18.11 -18.53
N SER B 523 -0.23 18.71 -19.28
CA SER B 523 -0.43 19.97 -19.94
C SER B 523 -1.39 19.84 -21.12
N PRO B 524 -1.90 20.97 -21.68
CA PRO B 524 -2.64 20.96 -22.95
C PRO B 524 -1.90 20.29 -24.13
N ALA B 525 -0.63 20.64 -24.34
CA ALA B 525 0.20 19.98 -25.35
C ALA B 525 0.22 18.47 -25.15
N ASN B 526 0.47 18.05 -23.91
CA ASN B 526 0.60 16.63 -23.58
C ASN B 526 -0.72 15.90 -23.85
N THR B 527 -1.81 16.47 -23.34
CA THR B 527 -3.11 15.83 -23.38
C THR B 527 -3.65 15.72 -24.81
N HIS B 528 -3.56 16.81 -25.58
CA HIS B 528 -4.29 16.94 -26.84
C HIS B 528 -3.44 16.75 -28.11
N VAL B 529 -2.11 16.68 -27.97
CA VAL B 529 -1.21 16.44 -29.10
C VAL B 529 -0.27 15.26 -28.90
N LEU B 530 0.64 15.37 -27.91
CA LEU B 530 1.67 14.35 -27.70
C LEU B 530 1.15 12.95 -27.44
N THR B 531 0.28 12.83 -26.44
CA THR B 531 -0.34 11.57 -26.06
C THR B 531 -1.18 10.97 -27.21
N GLU B 532 -1.91 11.82 -27.95
CA GLU B 532 -2.73 11.38 -29.08
C GLU B 532 -1.88 10.84 -30.23
N LEU B 533 -0.91 11.64 -30.69
CA LEU B 533 -0.08 11.21 -31.81
C LEU B 533 0.83 10.05 -31.41
N PHE B 534 1.32 10.06 -30.17
CA PHE B 534 2.25 9.02 -29.74
C PHE B 534 1.55 7.68 -29.65
N ARG B 535 0.28 7.69 -29.25
CA ARG B 535 -0.55 6.46 -29.24
C ARG B 535 -0.65 5.88 -30.66
N TYR B 536 -0.82 6.72 -31.70
CA TYR B 536 -0.82 6.26 -33.12
C TYR B 536 0.54 5.61 -33.43
N ILE B 537 1.64 6.23 -32.99
CA ILE B 537 3.00 5.74 -33.27
C ILE B 537 3.32 4.41 -32.55
N VAL B 538 2.81 4.25 -31.33
CA VAL B 538 2.92 3.01 -30.58
C VAL B 538 2.17 1.87 -31.27
N ASN B 539 1.00 2.17 -31.86
CA ASN B 539 0.16 1.13 -32.45
C ASN B 539 0.33 0.91 -33.94
N HIS B 540 1.02 1.83 -34.63
CA HIS B 540 1.29 1.74 -36.08
C HIS B 540 2.80 1.90 -36.28
N PRO B 541 3.58 0.82 -36.19
CA PRO B 541 5.04 0.92 -36.23
C PRO B 541 5.58 1.76 -37.39
N ALA B 542 6.52 2.66 -37.11
CA ALA B 542 7.28 3.41 -38.09
C ALA B 542 7.95 2.48 -39.10
N PRO B 543 8.42 2.99 -40.25
CA PRO B 543 9.22 2.16 -41.16
C PRO B 543 10.43 1.57 -40.44
N SER B 544 10.69 0.29 -40.68
CA SER B 544 11.88 -0.40 -40.15
C SER B 544 13.10 0.10 -40.90
N LYS B 545 14.29 -0.34 -40.47
CA LYS B 545 15.49 -0.07 -41.27
C LYS B 545 15.36 -0.62 -42.65
N LYS B 546 14.84 -1.84 -42.77
CA LYS B 546 14.60 -2.46 -44.06
C LYS B 546 13.77 -1.56 -44.98
N GLU B 547 12.65 -1.04 -44.45
CA GLU B 547 11.74 -0.19 -45.23
C GLU B 547 12.37 1.14 -45.64
N ILE B 548 13.15 1.75 -44.74
CA ILE B 548 13.90 2.97 -45.09
C ILE B 548 14.90 2.66 -46.19
N MET B 549 15.67 1.58 -46.00
CA MET B 549 16.67 1.16 -46.95
C MET B 549 16.05 0.95 -48.34
N GLU B 550 14.93 0.21 -48.42
CA GLU B 550 14.23 -0.09 -49.69
C GLU B 550 13.79 1.16 -50.45
N GLU B 551 13.37 2.19 -49.72
CA GLU B 551 12.89 3.46 -50.31
C GLU B 551 14.02 4.45 -50.65
N THR B 552 15.19 4.27 -50.04
CA THR B 552 16.36 5.11 -50.24
C THR B 552 17.16 4.66 -51.47
N LYS B 553 17.28 5.57 -52.45
CA LYS B 553 17.98 5.30 -53.70
C LYS B 553 19.38 5.88 -53.70
N ALA B 554 19.56 6.97 -52.94
CA ALA B 554 20.83 7.66 -52.81
C ALA B 554 21.11 7.96 -51.35
N VAL B 555 22.35 7.69 -50.92
CA VAL B 555 22.87 8.10 -49.62
C VAL B 555 24.08 9.01 -49.86
N LEU B 556 24.12 10.13 -49.14
CA LEU B 556 25.21 11.09 -49.24
C LEU B 556 26.25 10.81 -48.18
N TYR B 557 27.47 11.29 -48.43
CA TYR B 557 28.64 11.19 -47.52
C TYR B 557 29.29 12.56 -47.34
N GLY B 558 29.45 13.01 -46.09
CA GLY B 558 30.25 14.17 -45.78
C GLY B 558 29.39 15.22 -45.12
N ASN B 559 29.95 16.43 -45.00
CA ASN B 559 29.33 17.52 -44.27
C ASN B 559 28.44 18.32 -45.24
N VAL B 560 27.21 17.83 -45.42
CA VAL B 560 26.26 18.42 -46.32
C VAL B 560 26.00 19.88 -45.92
N SER B 561 25.88 20.75 -46.92
CA SER B 561 25.48 22.14 -46.71
C SER B 561 24.10 22.22 -46.02
N SER B 562 23.98 23.16 -45.07
CA SER B 562 22.73 23.46 -44.38
C SER B 562 21.58 23.68 -45.38
N ASP B 563 21.88 24.45 -46.43
CA ASP B 563 20.92 24.91 -47.42
C ASP B 563 20.67 23.91 -48.57
N PHE B 564 21.32 22.74 -48.55
CA PHE B 564 21.13 21.71 -49.58
C PHE B 564 19.63 21.35 -49.80
N TYR B 565 18.86 21.40 -48.72
CA TYR B 565 17.45 20.93 -48.67
C TYR B 565 16.51 21.94 -49.38
N SER B 566 16.90 23.22 -49.49
CA SER B 566 16.13 24.25 -50.21
C SER B 566 16.00 23.90 -51.67
N GLY B 567 14.75 23.93 -52.15
CA GLY B 567 14.40 23.50 -53.50
C GLY B 567 14.33 22.00 -53.68
N LEU B 568 14.52 21.23 -52.59
CA LEU B 568 14.32 19.78 -52.55
C LEU B 568 13.22 19.44 -51.56
N SER B 569 13.58 19.08 -50.32
CA SER B 569 12.62 18.64 -49.31
C SER B 569 12.02 19.81 -48.52
N GLY B 570 12.73 20.95 -48.49
CA GLY B 570 12.29 22.11 -47.73
C GLY B 570 13.41 23.02 -47.24
N LYS B 571 13.09 24.30 -47.10
CA LYS B 571 13.97 25.25 -46.45
C LYS B 571 14.15 24.87 -44.99
N PRO B 572 15.39 24.84 -44.47
CA PRO B 572 15.60 24.52 -43.06
C PRO B 572 15.09 25.69 -42.21
N THR B 573 14.13 25.46 -41.33
CA THR B 573 13.50 26.50 -40.53
C THR B 573 14.04 26.54 -39.10
N GLY B 574 14.75 25.49 -38.71
CA GLY B 574 15.12 25.28 -37.32
C GLY B 574 14.10 24.49 -36.50
N PHE B 575 12.98 24.12 -37.13
CA PHE B 575 11.86 23.43 -36.47
C PHE B 575 11.60 22.00 -36.95
N GLN B 576 12.54 21.45 -37.73
CA GLN B 576 12.61 20.01 -38.02
C GLN B 576 11.37 19.54 -38.77
N ILE B 577 10.91 20.35 -39.72
CA ILE B 577 9.83 20.03 -40.61
C ILE B 577 10.21 20.32 -42.07
N TYR B 578 9.45 19.76 -42.99
CA TYR B 578 9.74 19.69 -44.44
C TYR B 578 8.59 20.28 -45.25
N GLU B 579 8.88 20.62 -46.50
CA GLU B 579 7.89 21.15 -47.43
C GLU B 579 7.23 20.04 -48.19
N THR B 580 7.97 18.93 -48.38
CA THR B 580 7.44 17.74 -49.04
C THR B 580 8.12 16.49 -48.46
N GLY B 581 7.43 15.36 -48.51
CA GLY B 581 7.96 14.07 -48.07
C GLY B 581 8.48 13.22 -49.23
N ARG B 582 8.59 13.82 -50.41
CA ARG B 582 8.89 13.13 -51.68
C ARG B 582 10.24 12.39 -51.58
N TYR B 583 11.21 13.02 -50.92
CA TYR B 583 12.62 12.53 -50.87
C TYR B 583 12.91 11.90 -49.50
N GLY B 584 11.95 11.92 -48.57
CA GLY B 584 12.19 11.53 -47.19
C GLY B 584 13.16 12.49 -46.51
N ILE B 585 13.91 11.95 -45.54
CA ILE B 585 14.90 12.72 -44.77
C ILE B 585 16.19 13.04 -45.58
N ILE B 586 16.55 12.14 -46.52
CA ILE B 586 17.81 12.16 -47.27
C ILE B 586 18.98 11.82 -46.34
N PRO B 587 19.29 10.53 -46.18
CA PRO B 587 20.36 10.11 -45.27
C PRO B 587 21.74 10.62 -45.76
N VAL B 588 22.47 11.23 -44.83
CA VAL B 588 23.85 11.69 -45.08
C VAL B 588 24.72 11.04 -44.02
N ILE B 589 25.70 10.25 -44.46
CA ILE B 589 26.58 9.57 -43.53
C ILE B 589 27.76 10.48 -43.23
N PRO B 590 27.96 10.90 -41.96
CA PRO B 590 29.15 11.66 -41.59
C PRO B 590 30.41 10.79 -41.72
N THR B 591 31.59 11.41 -41.53
CA THR B 591 32.84 10.76 -41.74
C THR B 591 33.22 9.82 -40.59
N TRP B 592 32.38 8.79 -40.36
CA TRP B 592 32.70 7.63 -39.52
C TRP B 592 33.96 6.88 -39.98
N GLY B 593 34.22 6.93 -41.29
CA GLY B 593 35.45 6.46 -41.91
C GLY B 593 35.55 7.13 -43.27
N THR B 594 36.40 6.61 -44.15
CA THR B 594 36.49 7.10 -45.51
C THR B 594 35.18 6.79 -46.22
N ARG B 595 34.97 7.43 -47.37
CA ARG B 595 33.79 7.18 -48.22
C ARG B 595 33.72 5.70 -48.58
N ALA B 596 34.86 5.11 -48.95
CA ALA B 596 34.91 3.68 -49.24
C ALA B 596 34.50 2.80 -48.05
N GLU B 597 34.96 3.15 -46.85
CA GLU B 597 34.65 2.38 -45.64
C GLU B 597 33.17 2.44 -45.30
N VAL B 598 32.61 3.65 -45.40
CA VAL B 598 31.19 3.87 -45.16
C VAL B 598 30.33 3.11 -46.18
N THR B 599 30.80 3.07 -47.42
CA THR B 599 30.11 2.37 -48.49
C THR B 599 30.02 0.87 -48.18
N LYS B 600 31.16 0.27 -47.81
CA LYS B 600 31.22 -1.15 -47.50
C LYS B 600 30.24 -1.47 -46.36
N LYS B 601 30.24 -0.63 -45.33
CA LYS B 601 29.40 -0.81 -44.16
C LYS B 601 27.91 -0.76 -44.49
N LEU B 602 27.52 0.23 -45.30
CA LEU B 602 26.14 0.37 -45.75
C LEU B 602 25.68 -0.80 -46.62
N ILE B 603 26.57 -1.24 -47.52
CA ILE B 603 26.27 -2.38 -48.37
C ILE B 603 26.01 -3.62 -47.52
N GLN B 604 26.85 -3.85 -46.50
CA GLN B 604 26.72 -4.99 -45.59
C GLN B 604 25.41 -4.96 -44.82
N GLU B 605 25.01 -3.76 -44.39
CA GLU B 605 23.76 -3.58 -43.69
C GLU B 605 22.56 -3.87 -44.61
N ALA B 606 22.63 -3.36 -45.84
CA ALA B 606 21.61 -3.64 -46.84
C ALA B 606 21.49 -5.13 -47.13
N ASP B 607 22.64 -5.80 -47.35
CA ASP B 607 22.68 -7.25 -47.65
C ASP B 607 22.00 -8.02 -46.54
N LYS B 608 22.29 -7.65 -45.29
CA LYS B 608 21.76 -8.33 -44.12
C LYS B 608 20.22 -8.24 -44.05
N LEU B 609 19.67 -7.10 -44.49
CA LEU B 609 18.21 -6.88 -44.54
C LEU B 609 17.53 -7.44 -45.78
N GLY B 610 18.34 -7.90 -46.75
CA GLY B 610 17.85 -8.47 -48.00
C GLY B 610 17.40 -7.42 -49.00
N VAL B 611 18.08 -6.27 -49.02
CA VAL B 611 17.69 -5.11 -49.79
C VAL B 611 18.82 -4.66 -50.71
N THR B 612 18.45 -4.14 -51.89
CA THR B 612 19.39 -3.51 -52.81
C THR B 612 20.10 -2.35 -52.11
N PRO B 613 21.45 -2.33 -52.08
CA PRO B 613 22.19 -1.23 -51.47
C PRO B 613 21.93 0.08 -52.22
N PRO B 614 21.75 1.22 -51.52
CA PRO B 614 21.75 2.52 -52.18
C PRO B 614 23.11 2.84 -52.82
N ASN B 615 23.11 3.75 -53.81
CA ASN B 615 24.31 4.37 -54.32
C ASN B 615 24.76 5.45 -53.31
N VAL B 616 26.06 5.48 -53.03
CA VAL B 616 26.67 6.44 -52.14
C VAL B 616 27.38 7.52 -52.97
N LEU B 617 27.06 8.78 -52.67
CA LEU B 617 27.64 9.94 -53.33
C LEU B 617 28.25 10.89 -52.30
N ASP B 618 29.45 11.40 -52.60
CA ASP B 618 30.03 12.47 -51.83
C ASP B 618 29.12 13.70 -52.00
N VAL B 619 28.99 14.50 -50.93
CA VAL B 619 28.21 15.74 -50.97
C VAL B 619 28.66 16.70 -52.07
N LYS B 620 29.96 16.63 -52.42
CA LYS B 620 30.56 17.49 -53.44
C LYS B 620 30.38 16.98 -54.88
N ASP B 621 29.74 15.81 -55.06
CA ASP B 621 29.44 15.26 -56.39
C ASP B 621 28.75 16.30 -57.28
N LYS B 622 29.11 16.33 -58.56
CA LYS B 622 28.57 17.28 -59.54
C LYS B 622 27.04 17.22 -59.64
N ASN B 623 26.47 16.02 -59.46
CA ASN B 623 25.03 15.81 -59.50
C ASN B 623 24.23 16.45 -58.39
N LEU B 624 24.91 16.90 -57.32
CA LEU B 624 24.25 17.44 -56.13
C LEU B 624 24.43 18.97 -56.02
N SER B 625 24.91 19.59 -57.09
CA SER B 625 25.09 21.04 -57.16
C SER B 625 23.73 21.68 -57.38
N GLY B 626 23.58 22.93 -56.95
CA GLY B 626 22.38 23.70 -57.19
C GLY B 626 21.65 23.34 -58.47
N GLN B 627 22.39 23.26 -59.57
CA GLN B 627 21.83 23.20 -60.91
C GLN B 627 21.24 21.81 -61.23
N ALA B 628 22.03 20.76 -61.00
CA ALA B 628 21.66 19.40 -61.40
C ALA B 628 21.07 18.56 -60.27
N LYS B 629 20.96 19.13 -59.06
CA LYS B 629 20.51 18.35 -57.90
C LYS B 629 19.03 18.02 -58.03
N GLN B 630 18.25 18.99 -58.53
CA GLN B 630 16.81 18.81 -58.70
C GLN B 630 16.50 17.72 -59.74
N LYS B 631 17.19 17.77 -60.88
CA LYS B 631 17.04 16.75 -61.93
C LYS B 631 17.34 15.34 -61.40
N TYR B 632 18.50 15.18 -60.75
CA TYR B 632 18.98 13.90 -60.18
C TYR B 632 17.96 13.35 -59.18
N PHE B 633 17.53 14.18 -58.20
CA PHE B 633 16.57 13.73 -57.20
C PHE B 633 15.15 13.48 -57.75
N LYS B 634 14.69 14.34 -58.68
CA LYS B 634 13.39 14.13 -59.29
C LYS B 634 13.32 12.84 -60.14
N ASP B 635 14.44 12.40 -60.72
CA ASP B 635 14.47 11.17 -61.52
C ASP B 635 14.47 9.91 -60.64
N LEU B 636 15.00 10.03 -59.42
CA LEU B 636 15.10 8.90 -58.49
C LEU B 636 13.83 8.68 -57.70
N TYR B 637 13.12 9.78 -57.37
CA TYR B 637 11.94 9.79 -56.48
C TYR B 637 10.75 10.40 -57.22
N PRO B 638 9.76 9.59 -57.67
CA PRO B 638 8.61 10.12 -58.40
C PRO B 638 7.71 11.00 -57.52
N ILE B 639 7.08 12.01 -58.15
CA ILE B 639 6.14 12.89 -57.46
C ILE B 639 4.95 12.04 -56.98
N GLU B 640 4.45 12.32 -55.77
CA GLU B 640 3.29 11.63 -55.20
C GLU B 640 2.01 12.49 -55.15
N TYR B 641 2.16 13.82 -55.07
CA TYR B 641 1.07 14.82 -54.93
C TYR B 641 1.51 16.18 -55.47
N VAL B 642 0.55 17.07 -55.75
CA VAL B 642 0.82 18.43 -56.18
C VAL B 642 0.40 19.37 -55.06
N GLY B 643 1.21 20.40 -54.81
CA GLY B 643 0.85 21.44 -53.86
C GLY B 643 1.99 21.88 -52.99
N ASN B 644 1.72 22.88 -52.13
CA ASN B 644 2.76 23.53 -51.31
C ASN B 644 2.77 23.10 -49.84
N ALA B 645 1.74 22.38 -49.41
CA ALA B 645 1.72 21.73 -48.12
C ALA B 645 2.65 20.52 -48.16
N PHE B 646 2.97 20.00 -46.97
CA PHE B 646 3.72 18.76 -46.83
C PHE B 646 2.73 17.60 -46.93
N ALA B 647 3.09 16.59 -47.72
CA ALA B 647 2.38 15.31 -47.78
C ALA B 647 3.39 14.22 -48.08
N ASP B 648 3.11 13.01 -47.56
CA ASP B 648 3.88 11.82 -47.83
C ASP B 648 2.90 10.66 -47.77
N LYS B 649 2.84 9.87 -48.84
CA LYS B 649 2.17 8.59 -48.80
C LYS B 649 3.20 7.50 -48.44
N TRP B 650 2.90 6.78 -47.37
CA TRP B 650 3.74 5.68 -46.86
C TRP B 650 2.87 4.49 -46.44
N GLU B 651 3.09 3.34 -47.09
CA GLU B 651 2.34 2.10 -46.85
C GLU B 651 0.82 2.32 -46.68
N GLY B 652 0.21 2.90 -47.72
CA GLY B 652 -1.22 3.05 -47.83
C GLY B 652 -1.83 4.27 -47.13
N THR B 653 -1.00 5.03 -46.40
CA THR B 653 -1.50 6.11 -45.55
C THR B 653 -0.89 7.44 -45.96
N TRP B 654 -1.72 8.48 -46.08
CA TRP B 654 -1.24 9.83 -46.32
C TRP B 654 -1.05 10.58 -45.00
N TYR B 655 0.11 11.23 -44.88
CA TYR B 655 0.53 12.08 -43.74
C TYR B 655 0.75 13.50 -44.29
N LEU B 656 0.06 14.49 -43.72
CA LEU B 656 0.13 15.85 -44.22
C LEU B 656 0.28 16.83 -43.10
N TYR B 657 0.88 17.97 -43.40
CA TYR B 657 0.77 19.18 -42.55
C TYR B 657 0.99 20.44 -43.38
N ASN B 658 0.47 21.55 -42.88
CA ASN B 658 0.88 22.87 -43.29
C ASN B 658 2.22 23.14 -42.66
N ASN B 659 3.19 23.53 -43.49
CA ASN B 659 4.59 23.62 -43.07
C ASN B 659 5.11 25.03 -42.75
N LYS B 660 4.19 26.00 -42.58
CA LYS B 660 4.55 27.34 -42.14
C LYS B 660 4.75 27.38 -40.62
N VAL B 661 5.92 27.83 -40.17
CA VAL B 661 6.23 27.84 -38.75
C VAL B 661 5.50 28.95 -38.03
N ASN B 662 5.58 30.18 -38.58
CA ASN B 662 4.97 31.35 -37.97
C ASN B 662 4.58 32.42 -38.98
N THR B 663 4.03 31.97 -40.12
CA THR B 663 3.44 32.83 -41.14
C THR B 663 2.03 32.29 -41.41
N ASN B 664 1.06 33.20 -41.47
CA ASN B 664 -0.35 32.82 -41.62
C ASN B 664 -0.74 32.68 -43.09
N GLU B 665 -0.41 31.54 -43.68
CA GLU B 665 -0.75 31.23 -45.08
C GLU B 665 -1.44 29.87 -45.16
N LYS B 666 -2.46 29.79 -46.01
CA LYS B 666 -3.07 28.53 -46.37
C LYS B 666 -2.14 27.76 -47.31
N GLN B 667 -2.18 26.43 -47.22
CA GLN B 667 -1.47 25.56 -48.13
C GLN B 667 -2.39 24.44 -48.50
N HIS B 668 -2.10 23.80 -49.64
CA HIS B 668 -2.92 22.70 -50.14
C HIS B 668 -2.06 21.53 -50.63
N ALA B 669 -2.68 20.34 -50.67
CA ALA B 669 -2.14 19.15 -51.28
C ALA B 669 -3.23 18.50 -52.12
N ILE B 670 -2.91 18.15 -53.36
CA ILE B 670 -3.83 17.45 -54.26
C ILE B 670 -3.31 16.04 -54.44
N LEU B 671 -4.11 15.07 -53.95
CA LEU B 671 -3.75 13.68 -53.87
C LEU B 671 -4.45 12.80 -54.90
N PRO B 672 -3.72 11.92 -55.62
CA PRO B 672 -4.35 10.91 -56.46
C PRO B 672 -4.93 9.82 -55.54
N LEU B 673 -6.20 9.44 -55.74
CA LEU B 673 -6.87 8.48 -54.87
C LEU B 673 -6.90 7.07 -55.44
N GLU B 674 -6.96 6.09 -54.53
CA GLU B 674 -7.01 4.67 -54.87
C GLU B 674 -8.40 4.35 -55.40
N GLY B 675 -8.52 3.21 -56.10
CA GLY B 675 -9.78 2.73 -56.66
C GLY B 675 -9.65 2.49 -58.15
N GLU B 676 -10.75 2.04 -58.77
CA GLU B 676 -10.77 1.73 -60.20
C GLU B 676 -10.75 2.99 -61.07
N GLU B 677 -11.22 4.11 -60.50
CA GLU B 677 -11.18 5.39 -61.18
C GLU B 677 -9.95 6.16 -60.73
N GLU B 678 -9.01 6.33 -61.66
CA GLU B 678 -7.69 6.86 -61.41
C GLU B 678 -7.64 8.38 -61.49
N SER B 679 -8.69 8.99 -62.08
CA SER B 679 -8.85 10.45 -62.16
C SER B 679 -9.41 11.05 -60.86
N ALA B 680 -9.75 10.18 -59.89
CA ALA B 680 -10.22 10.57 -58.56
C ALA B 680 -9.17 11.36 -57.78
N ARG B 681 -9.60 12.47 -57.16
CA ARG B 681 -8.70 13.49 -56.53
C ARG B 681 -9.28 13.97 -55.20
N LEU B 682 -8.43 14.10 -54.17
CA LEU B 682 -8.71 14.84 -52.95
C LEU B 682 -7.77 16.02 -52.85
N LYS B 683 -8.34 17.23 -52.80
CA LYS B 683 -7.62 18.44 -52.42
C LYS B 683 -7.92 18.79 -50.96
N VAL B 684 -6.85 18.89 -50.16
CA VAL B 684 -6.91 19.29 -48.76
C VAL B 684 -6.32 20.68 -48.68
N GLU B 685 -7.00 21.59 -47.97
CA GLU B 685 -6.47 22.92 -47.67
C GLU B 685 -6.48 23.18 -46.17
N MET B 686 -5.34 23.62 -45.64
CA MET B 686 -5.12 23.76 -44.20
C MET B 686 -4.49 25.09 -43.90
N GLU B 687 -4.90 25.70 -42.79
CA GLU B 687 -4.18 26.83 -42.22
C GLU B 687 -3.04 26.26 -41.36
N PRO B 688 -2.06 27.10 -40.92
CA PRO B 688 -0.93 26.59 -40.16
C PRO B 688 -1.27 25.84 -38.85
N HIS B 689 -0.29 25.09 -38.39
CA HIS B 689 -0.30 24.40 -37.12
C HIS B 689 -1.40 23.35 -37.12
N GLU B 690 -1.28 22.42 -38.09
CA GLU B 690 -2.23 21.33 -38.33
C GLU B 690 -1.53 20.17 -39.02
N PHE B 691 -1.76 18.96 -38.51
CA PHE B 691 -1.31 17.73 -39.17
C PHE B 691 -2.51 16.80 -39.34
N MET B 692 -2.35 15.82 -40.24
CA MET B 692 -3.45 15.01 -40.70
C MET B 692 -2.97 13.63 -41.13
N ILE B 693 -3.76 12.61 -40.81
CA ILE B 693 -3.49 11.21 -41.18
C ILE B 693 -4.73 10.66 -41.91
N MET B 694 -4.53 10.18 -43.14
CA MET B 694 -5.64 9.75 -43.99
C MET B 694 -5.41 8.32 -44.49
N ASN B 695 -6.44 7.49 -44.35
CA ASN B 695 -6.47 6.12 -44.84
C ASN B 695 -7.72 5.85 -45.69
N GLU B 696 -7.49 5.51 -46.96
CA GLU B 696 -8.53 5.09 -47.86
C GLU B 696 -8.87 3.60 -47.63
N SER B 697 -10.15 3.24 -47.84
CA SER B 697 -10.63 1.87 -47.79
C SER B 697 -9.97 1.00 -48.88
N GLY B 698 -9.65 1.61 -50.02
CA GLY B 698 -8.96 0.94 -51.12
C GLY B 698 -9.83 0.70 -52.34
N ASP B 699 -11.15 0.55 -52.12
CA ASP B 699 -12.12 0.34 -53.20
C ASP B 699 -12.75 1.62 -53.78
N GLY B 700 -12.29 2.78 -53.31
CA GLY B 700 -12.70 4.07 -53.84
C GLY B 700 -14.00 4.62 -53.26
N THR B 701 -14.53 3.91 -52.25
CA THR B 701 -15.84 4.18 -51.64
C THR B 701 -15.78 4.95 -50.32
N ALA B 702 -14.62 4.90 -49.63
CA ALA B 702 -14.51 5.48 -48.29
C ALA B 702 -13.10 5.90 -47.93
N MET B 703 -13.02 6.84 -46.98
CA MET B 703 -11.77 7.21 -46.33
C MET B 703 -11.99 7.71 -44.90
N ASP B 704 -11.00 7.43 -44.04
CA ASP B 704 -10.95 7.94 -42.68
C ASP B 704 -9.88 9.00 -42.58
N ILE B 705 -10.16 10.09 -41.87
CA ILE B 705 -9.23 11.19 -41.68
C ILE B 705 -9.18 11.54 -40.21
N THR B 706 -7.96 11.68 -39.67
CA THR B 706 -7.72 12.26 -38.35
C THR B 706 -6.96 13.56 -38.60
N LEU B 707 -7.47 14.67 -38.07
CA LEU B 707 -6.74 15.92 -38.12
C LEU B 707 -6.58 16.47 -36.70
N ASN B 708 -5.49 17.23 -36.50
CA ASN B 708 -5.21 17.87 -35.22
C ASN B 708 -4.56 19.18 -35.49
N ASN B 709 -5.21 20.28 -35.07
CA ASN B 709 -4.61 21.59 -35.22
C ASN B 709 -4.57 22.36 -33.90
N TYR B 710 -4.40 21.63 -32.81
CA TYR B 710 -4.51 22.19 -31.43
C TYR B 710 -3.49 23.29 -31.24
N ARG B 711 -3.95 24.47 -30.84
CA ARG B 711 -3.08 25.64 -30.55
C ARG B 711 -3.71 26.50 -29.47
N VAL B 712 -2.98 26.73 -28.38
CA VAL B 712 -3.37 27.63 -27.32
C VAL B 712 -2.89 29.04 -27.73
N ASN B 713 -3.76 30.04 -27.53
CA ASN B 713 -3.37 31.44 -27.72
C ASN B 713 -2.65 31.96 -26.49
N LYS B 714 -1.40 32.39 -26.66
CA LYS B 714 -0.59 32.97 -25.58
C LYS B 714 -0.51 34.51 -25.64
N ASP B 715 -1.11 35.12 -26.69
CA ASP B 715 -0.90 36.54 -27.00
C ASP B 715 -1.17 37.45 -25.79
N GLU B 716 -2.30 37.21 -25.11
CA GLU B 716 -2.77 38.03 -24.00
C GLU B 716 -2.16 37.65 -22.65
N ILE B 717 -2.19 36.34 -22.34
CA ILE B 717 -1.76 35.87 -21.04
C ILE B 717 -0.25 35.92 -20.86
N ILE B 718 0.51 35.53 -21.89
CA ILE B 718 1.97 35.52 -21.82
C ILE B 718 2.58 36.86 -22.22
N PHE B 719 2.30 37.31 -23.44
CA PHE B 719 3.04 38.41 -24.05
C PHE B 719 2.52 39.79 -23.64
N ASP B 720 1.21 39.99 -23.69
CA ASP B 720 0.59 41.20 -23.08
C ASP B 720 0.66 41.12 -21.56
N ASN B 721 0.82 39.90 -21.03
CA ASN B 721 1.05 39.65 -19.61
C ASN B 721 -0.08 40.18 -18.73
N LYS B 722 -1.32 39.81 -19.08
CA LYS B 722 -2.50 40.43 -18.47
C LYS B 722 -2.63 40.14 -16.96
N PHE B 723 -1.98 39.08 -16.46
CA PHE B 723 -1.99 38.77 -15.02
C PHE B 723 -0.80 39.33 -14.25
N GLY B 724 0.07 40.06 -14.95
CA GLY B 724 1.14 40.83 -14.33
C GLY B 724 2.19 39.94 -13.67
N LEU B 725 2.56 38.85 -14.33
CA LEU B 725 3.66 38.00 -13.85
C LEU B 725 4.98 38.70 -14.07
N THR B 726 6.00 38.23 -13.36
CA THR B 726 7.35 38.76 -13.42
C THR B 726 8.17 37.82 -14.26
N TRP B 727 8.52 38.30 -15.46
CA TRP B 727 9.31 37.57 -16.42
C TRP B 727 10.70 38.20 -16.48
N THR B 728 11.57 37.77 -15.57
CA THR B 728 12.96 38.20 -15.53
C THR B 728 13.83 37.00 -15.15
N GLY B 729 15.14 37.18 -15.29
CA GLY B 729 16.13 36.13 -15.04
C GLY B 729 16.70 36.11 -13.63
N ASP B 730 16.18 36.99 -12.76
CA ASP B 730 16.71 37.19 -11.42
C ASP B 730 15.95 36.35 -10.40
N PHE B 731 16.55 36.19 -9.23
CA PHE B 731 15.90 35.57 -8.08
C PHE B 731 15.28 36.71 -7.26
N SER B 732 14.17 36.41 -6.59
CA SER B 732 13.57 37.32 -5.60
C SER B 732 13.98 36.82 -4.22
N PRO B 733 14.00 37.70 -3.18
CA PRO B 733 14.39 37.29 -1.83
C PRO B 733 13.68 36.04 -1.30
N GLY B 734 14.45 35.05 -0.86
CA GLY B 734 13.89 33.83 -0.29
C GLY B 734 13.51 32.74 -1.29
N GLN B 735 13.69 33.00 -2.59
CA GLN B 735 13.44 32.04 -3.68
C GLN B 735 14.71 31.32 -4.14
N THR B 736 14.60 30.04 -4.47
CA THR B 736 15.69 29.29 -5.06
C THR B 736 15.46 29.04 -6.55
N THR B 737 14.36 29.59 -7.09
CA THR B 737 14.01 29.52 -8.51
C THR B 737 13.83 30.92 -9.04
N ILE B 738 14.39 31.18 -10.23
CA ILE B 738 14.26 32.49 -10.88
C ILE B 738 12.81 32.78 -11.31
N ASN B 739 12.48 34.08 -11.34
CA ASN B 739 11.13 34.56 -11.54
C ASN B 739 10.50 34.08 -12.85
N GLY B 740 11.26 34.14 -13.94
CA GLY B 740 10.82 33.69 -15.25
C GLY B 740 10.28 32.28 -15.22
N LYS B 741 10.99 31.38 -14.52
CA LYS B 741 10.56 29.99 -14.35
C LYS B 741 9.31 29.87 -13.49
N LEU B 742 9.30 30.56 -12.34
CA LEU B 742 8.15 30.57 -11.44
C LEU B 742 6.89 30.99 -12.20
N SER B 743 7.06 31.95 -13.13
CA SER B 743 5.97 32.48 -13.94
C SER B 743 5.43 31.45 -14.94
N VAL B 744 6.33 30.70 -15.59
CA VAL B 744 5.95 29.59 -16.45
C VAL B 744 5.09 28.62 -15.62
N TYR B 745 5.57 28.26 -14.43
CA TYR B 745 4.91 27.30 -13.52
C TYR B 745 3.51 27.85 -13.15
N LYS B 746 3.43 29.15 -12.84
CA LYS B 746 2.17 29.78 -12.46
C LYS B 746 1.17 29.72 -13.61
N TYR B 747 1.65 30.00 -14.82
CA TYR B 747 0.87 29.90 -16.09
C TYR B 747 0.29 28.49 -16.18
N MET B 748 1.13 27.46 -16.00
CA MET B 748 0.71 26.07 -16.18
C MET B 748 -0.20 25.59 -15.05
N ASP B 749 0.02 26.09 -13.83
CA ASP B 749 -0.76 25.73 -12.66
C ASP B 749 -2.14 26.40 -12.56
N GLU B 750 -2.27 27.63 -13.06
CA GLU B 750 -3.45 28.47 -12.81
C GLU B 750 -4.19 28.93 -14.06
N TYR B 751 -3.47 29.19 -15.15
CA TYR B 751 -3.97 29.99 -16.31
C TYR B 751 -4.06 29.16 -17.61
N ASN B 752 -3.73 27.86 -17.55
CA ASN B 752 -3.65 27.03 -18.74
C ASN B 752 -3.85 25.56 -18.36
N VAL B 753 -4.99 25.26 -17.75
CA VAL B 753 -5.20 24.00 -17.04
C VAL B 753 -6.25 23.13 -17.74
N VAL B 754 -5.86 21.90 -18.10
CA VAL B 754 -6.79 20.95 -18.71
C VAL B 754 -7.84 20.52 -17.67
N ASN B 755 -9.11 20.57 -18.08
CA ASN B 755 -10.24 20.36 -17.19
C ASN B 755 -10.12 21.21 -15.94
N ALA B 756 -9.98 22.52 -16.15
CA ALA B 756 -9.71 23.45 -15.08
C ALA B 756 -10.77 23.35 -14.00
N PRO B 757 -10.39 23.05 -12.73
CA PRO B 757 -11.34 23.14 -11.62
C PRO B 757 -11.70 24.62 -11.33
N GLU B 758 -12.61 24.83 -10.37
CA GLU B 758 -12.99 26.18 -9.99
C GLU B 758 -11.77 26.96 -9.51
N GLY B 759 -11.70 28.24 -9.91
CA GLY B 759 -10.59 29.12 -9.60
C GLY B 759 -9.37 29.02 -10.51
N LYS B 760 -9.46 28.17 -11.55
CA LYS B 760 -8.39 28.04 -12.55
C LYS B 760 -9.01 28.25 -13.92
N LEU B 761 -8.18 28.61 -14.90
CA LEU B 761 -8.62 28.88 -16.26
C LEU B 761 -8.42 27.69 -17.20
N SER B 762 -9.46 27.37 -17.98
CA SER B 762 -9.33 26.47 -19.13
C SER B 762 -8.34 27.07 -20.11
N PRO B 763 -7.63 26.26 -20.94
CA PRO B 763 -6.72 26.80 -21.95
C PRO B 763 -7.44 27.70 -22.98
N GLU B 764 -6.78 28.77 -23.39
CA GLU B 764 -7.27 29.68 -24.41
C GLU B 764 -7.17 29.05 -25.80
N ASP B 765 -8.10 28.15 -26.10
CA ASP B 765 -8.02 27.27 -27.26
C ASP B 765 -9.32 27.20 -28.08
N ASN B 766 -10.21 28.17 -27.87
CA ASN B 766 -11.58 28.12 -28.38
C ASN B 766 -11.85 28.79 -29.73
N GLU B 767 -10.88 29.59 -30.22
CA GLU B 767 -10.90 30.10 -31.60
C GLU B 767 -10.55 28.97 -32.58
N LEU B 768 -11.50 28.66 -33.45
CA LEU B 768 -11.40 27.58 -34.42
C LEU B 768 -10.89 28.10 -35.76
N ARG B 769 -10.25 27.21 -36.52
CA ARG B 769 -9.78 27.48 -37.91
C ARG B 769 -10.36 26.40 -38.83
N THR B 770 -10.50 26.76 -40.10
CA THR B 770 -11.17 25.97 -41.11
C THR B 770 -10.19 25.04 -41.85
N THR B 771 -10.62 23.79 -42.06
CA THR B 771 -9.97 22.88 -42.99
C THR B 771 -11.01 22.54 -44.05
N THR B 772 -10.60 22.54 -45.33
CA THR B 772 -11.49 22.16 -46.43
C THR B 772 -10.97 20.98 -47.23
N PHE B 773 -11.90 20.13 -47.68
CA PHE B 773 -11.64 18.96 -48.50
C PHE B 773 -12.48 19.08 -49.78
N GLU B 774 -11.83 19.03 -50.95
CA GLU B 774 -12.52 18.98 -52.25
C GLU B 774 -12.29 17.62 -52.90
N LEU B 775 -13.39 16.90 -53.16
CA LEU B 775 -13.36 15.59 -53.79
C LEU B 775 -14.01 15.67 -55.18
N THR B 776 -13.27 15.19 -56.20
CA THR B 776 -13.70 15.19 -57.61
C THR B 776 -13.22 13.91 -58.30
N LYS B 777 -13.93 13.43 -59.33
CA LYS B 777 -15.25 13.88 -59.74
C LYS B 777 -16.24 12.82 -59.27
N LEU B 778 -17.28 13.25 -58.55
CA LEU B 778 -18.28 12.34 -57.97
C LEU B 778 -19.60 12.40 -58.72
N ALA B 779 -20.37 11.32 -58.66
CA ALA B 779 -21.70 11.24 -59.26
C ALA B 779 -22.79 11.71 -58.29
N LYS B 780 -22.54 11.52 -56.99
CA LYS B 780 -23.47 11.95 -55.93
C LYS B 780 -22.74 12.45 -54.66
N GLU B 781 -23.52 13.14 -53.82
CA GLU B 781 -23.06 13.72 -52.57
C GLU B 781 -22.55 12.62 -51.64
N PRO B 782 -21.32 12.73 -51.09
CA PRO B 782 -20.82 11.77 -50.10
C PRO B 782 -21.35 12.08 -48.69
N LYS B 783 -21.23 11.10 -47.79
CA LYS B 783 -21.62 11.24 -46.39
C LYS B 783 -20.37 11.44 -45.52
N VAL B 784 -20.47 12.37 -44.58
CA VAL B 784 -19.40 12.70 -43.64
C VAL B 784 -19.97 12.69 -42.24
N GLN B 785 -19.15 12.23 -41.28
CA GLN B 785 -19.48 12.29 -39.88
C GLN B 785 -18.23 12.26 -38.99
N VAL B 786 -18.35 12.86 -37.82
CA VAL B 786 -17.34 12.84 -36.80
C VAL B 786 -17.55 11.54 -36.03
N VAL B 787 -16.56 10.64 -36.09
CA VAL B 787 -16.60 9.39 -35.32
C VAL B 787 -16.32 9.72 -33.85
N LYS B 788 -15.22 10.44 -33.60
CA LYS B 788 -14.88 11.01 -32.29
C LYS B 788 -14.17 12.36 -32.49
N GLY B 789 -14.33 13.25 -31.51
CA GLY B 789 -13.69 14.53 -31.52
C GLY B 789 -13.26 14.97 -30.15
N GLN B 790 -12.28 15.89 -30.11
CA GLN B 790 -11.82 16.49 -28.87
C GLN B 790 -12.99 17.19 -28.18
N GLN B 791 -13.18 16.88 -26.89
CA GLN B 791 -14.30 17.35 -26.09
C GLN B 791 -14.00 18.70 -25.46
N PRO B 792 -15.02 19.47 -25.01
CA PRO B 792 -14.78 20.77 -24.38
C PRO B 792 -13.96 20.67 -23.09
N ASP B 793 -13.29 21.75 -22.70
CA ASP B 793 -12.77 21.89 -21.34
C ASP B 793 -13.97 22.25 -20.43
N THR B 794 -13.70 22.59 -19.17
CA THR B 794 -14.73 22.87 -18.18
C THR B 794 -15.52 24.18 -18.44
N ASP B 795 -15.04 25.00 -19.38
CA ASP B 795 -15.75 26.22 -19.79
C ASP B 795 -16.86 25.96 -20.81
N GLY B 796 -17.01 24.70 -21.23
CA GLY B 796 -18.10 24.30 -22.10
C GLY B 796 -17.98 24.63 -23.58
N GLN B 797 -16.89 25.31 -23.99
CA GLN B 797 -16.72 25.75 -25.38
C GLN B 797 -16.25 24.61 -26.29
N PRO B 798 -16.86 24.45 -27.49
CA PRO B 798 -16.54 23.34 -28.39
C PRO B 798 -15.17 23.48 -29.09
N GLN B 799 -14.54 22.33 -29.39
CA GLN B 799 -13.23 22.31 -30.05
C GLN B 799 -13.34 22.02 -31.55
N TYR B 800 -14.56 21.65 -31.99
CA TYR B 800 -14.92 21.49 -33.41
C TYR B 800 -16.40 21.85 -33.62
N THR B 801 -16.77 22.16 -34.87
CA THR B 801 -18.15 22.27 -35.33
C THR B 801 -18.45 21.09 -36.26
N GLU B 802 -19.74 20.84 -36.50
CA GLU B 802 -20.18 19.74 -37.36
C GLU B 802 -19.72 20.00 -38.80
N PRO B 803 -19.20 18.97 -39.51
CA PRO B 803 -18.78 19.15 -40.89
C PRO B 803 -19.97 19.49 -41.81
N LYS B 804 -19.75 20.37 -42.79
CA LYS B 804 -20.76 20.72 -43.79
C LYS B 804 -20.31 20.24 -45.17
N VAL B 805 -21.26 19.68 -45.92
CA VAL B 805 -21.04 19.16 -47.26
C VAL B 805 -21.88 19.95 -48.27
N GLU B 806 -21.19 20.59 -49.23
CA GLU B 806 -21.78 21.18 -50.42
C GLU B 806 -21.40 20.29 -51.60
N PHE B 807 -22.38 19.89 -52.41
CA PHE B 807 -22.15 19.10 -53.62
C PHE B 807 -22.79 19.79 -54.84
N ASN B 808 -21.98 19.97 -55.88
CA ASN B 808 -22.41 20.54 -57.15
C ASN B 808 -22.72 19.43 -58.14
N GLU B 809 -23.98 19.33 -58.55
CA GLU B 809 -24.44 18.29 -59.47
C GLU B 809 -23.75 18.32 -60.85
N GLU B 810 -23.62 19.53 -61.42
CA GLU B 810 -23.18 19.70 -62.81
C GLU B 810 -21.67 19.51 -62.99
N THR B 811 -20.90 19.81 -61.94
CA THR B 811 -19.44 19.62 -61.98
C THR B 811 -18.91 18.38 -61.26
N GLY B 812 -19.69 17.82 -60.34
CA GLY B 812 -19.29 16.66 -59.57
C GLY B 812 -18.25 16.90 -58.45
N LYS B 813 -18.05 18.18 -58.10
CA LYS B 813 -17.24 18.57 -56.94
C LYS B 813 -18.05 18.59 -55.65
N ALA B 814 -17.61 17.77 -54.68
CA ALA B 814 -18.04 17.81 -53.28
C ALA B 814 -17.02 18.58 -52.45
N VAL B 815 -17.51 19.54 -51.64
CA VAL B 815 -16.67 20.34 -50.75
C VAL B 815 -17.13 20.11 -49.32
N ILE B 816 -16.19 19.65 -48.47
CA ILE B 816 -16.41 19.39 -47.05
C ILE B 816 -15.61 20.41 -46.25
N THR B 817 -16.31 21.09 -45.33
CA THR B 817 -15.75 22.18 -44.51
C THR B 817 -15.94 21.85 -43.04
N ILE B 818 -14.90 22.11 -42.23
CA ILE B 818 -14.96 21.91 -40.79
C ILE B 818 -14.12 22.98 -40.11
N GLN B 819 -14.55 23.36 -38.91
CA GLN B 819 -13.80 24.27 -38.06
C GLN B 819 -13.37 23.50 -36.81
N THR B 820 -12.07 23.57 -36.49
CA THR B 820 -11.49 22.86 -35.36
C THR B 820 -10.41 23.68 -34.70
N ASN B 821 -10.19 23.41 -33.41
CA ASN B 821 -8.96 23.69 -32.69
C ASN B 821 -8.71 22.51 -31.77
N GLY B 822 -7.95 21.53 -32.26
CA GLY B 822 -7.83 20.23 -31.61
C GLY B 822 -7.96 19.13 -32.66
N TRP B 823 -8.30 17.93 -32.18
CA TRP B 823 -8.37 16.75 -33.04
C TRP B 823 -9.81 16.30 -33.32
N VAL B 824 -10.01 15.81 -34.54
CA VAL B 824 -11.25 15.12 -34.92
C VAL B 824 -10.89 13.93 -35.81
N ASP B 825 -11.66 12.84 -35.65
CA ASP B 825 -11.62 11.67 -36.49
C ASP B 825 -12.88 11.71 -37.38
N LEU B 826 -12.68 11.89 -38.68
CA LEU B 826 -13.76 11.97 -39.67
C LEU B 826 -13.82 10.67 -40.44
N SER B 827 -15.03 10.29 -40.87
CA SER B 827 -15.23 9.18 -41.78
C SER B 827 -16.10 9.65 -42.93
N ILE B 828 -15.57 9.51 -44.15
CA ILE B 828 -16.26 9.87 -45.37
C ILE B 828 -16.63 8.59 -46.10
N THR B 829 -17.91 8.44 -46.43
CA THR B 829 -18.44 7.25 -47.10
C THR B 829 -19.37 7.62 -48.27
N GLY B 830 -19.63 6.63 -49.13
CA GLY B 830 -20.52 6.80 -50.29
C GLY B 830 -19.87 7.57 -51.41
N LEU B 831 -18.55 7.40 -51.57
CA LEU B 831 -17.80 8.00 -52.66
C LEU B 831 -17.99 7.19 -53.95
N GLU B 832 -18.61 7.82 -54.95
CA GLU B 832 -18.84 7.23 -56.25
C GLU B 832 -18.12 8.08 -57.28
N PHE B 833 -16.85 7.76 -57.53
CA PHE B 833 -16.02 8.47 -58.49
C PHE B 833 -16.34 8.04 -59.92
N VAL B 834 -16.40 9.02 -60.83
CA VAL B 834 -16.53 8.78 -62.27
C VAL B 834 -15.41 9.51 -63.00
N TYR B 835 -15.23 9.18 -64.29
CA TYR B 835 -14.12 9.68 -65.13
C TYR B 835 -14.16 11.22 -65.15
N ASP B 836 -13.01 11.85 -64.88
CA ASP B 836 -12.83 13.28 -64.88
C ASP B 836 -11.71 13.62 -65.84
N GLU B 837 -12.06 14.13 -67.02
CA GLU B 837 -11.10 14.49 -68.05
C GLU B 837 -10.23 15.70 -67.64
N ASN B 838 -10.72 16.51 -66.69
CA ASN B 838 -10.01 17.70 -66.19
C ASN B 838 -9.18 17.51 -64.93
N ALA B 839 -9.07 16.27 -64.45
CA ALA B 839 -8.41 15.95 -63.18
C ALA B 839 -6.99 16.49 -63.16
N GLN B 840 -6.62 17.15 -62.06
CA GLN B 840 -5.27 17.66 -61.85
C GLN B 840 -4.23 16.57 -62.16
N LYS B 841 -3.26 16.89 -63.03
CA LYS B 841 -2.17 15.98 -63.32
C LYS B 841 -1.16 16.00 -62.17
N ILE B 842 -0.82 14.80 -61.68
CA ILE B 842 0.15 14.61 -60.62
C ILE B 842 1.52 14.41 -61.30
N GLU B 843 2.18 15.53 -61.61
CA GLU B 843 3.45 15.54 -62.33
C GLU B 843 4.28 16.80 -62.02
N ASP B 844 5.57 16.77 -62.43
CA ASP B 844 6.49 17.92 -62.32
C ASP B 844 6.18 18.87 -63.50
N GLU B 845 6.83 20.04 -63.57
CA GLU B 845 6.84 20.83 -64.81
C GLU B 845 7.71 20.08 -65.84
#